data_8S5M
#
_entry.id   8S5M
#
_cell.length_a   1.00
_cell.length_b   1.00
_cell.length_c   1.00
_cell.angle_alpha   90.00
_cell.angle_beta   90.00
_cell.angle_gamma   90.00
#
_symmetry.space_group_name_H-M   'P 1'
#
loop_
_entity.id
_entity.type
_entity.pdbx_description
1 polymer 'Cystathionine beta-synthase'
2 non-polymer S-ADENOSYLMETHIONINE
#
_entity_poly.entity_id   1
_entity_poly.type   'polypeptide(L)'
_entity_poly.pdbx_seq_one_letter_code
;MPSETPQAEVGPTGCPHRSGPHSAKGSLEKGSPEDKEAKEPLWIRPDAPSRCTWQLGRPASESPHHHTAPAKSPKILPDI
LKKIGDTPMVRINKIGKKFGLKCELLAKCEFFNAGGSVKDRISLRMIEDAERDGTLKPGDTIIEPTSGNTGIGLALAAAV
RGYRCIIVMPEKMSSEKVDVLRALGAEIVRTPTNARFDSPESHVGVAWRLKNEIPNSHILDQYRNASNPLAHYDTTADEI
LQQCDGKLDMLVASVGTGGTITGIARKLKEKCPGCRIIGVDPEGSILAEPEELNQTEQTTYEVEGIGYDFIPTVLDRTVV
DKWFKSNDEEAFTFARMLIAQEGLLCGGSAGSTVAVAVKAAQELQEGQRCVVILPDSVRNYMTKFLSDRWMLQKGFLKEE
DLTEKKPWWWHLRVQELGLSAPLTVLPTITCGHTIEILREKGFDQAPVVDEAGVILGMVTLGNMLSSLLAGKVQPSDQVG
KVIYKQFKQIRLTDTLGRLSHILEMDHFALVVHEQIQYHSTGKSSQRQMVFGVVTAIDLLNFVAAQERDQKAAHHHHHH
;
_entity_poly.pdbx_strand_id   A,B,C,D,E,F,G,H,I,J
#
# COMPACT_ATOMS: atom_id res chain seq x y z
N TRP A 408 -1.45 5.26 -25.37
CA TRP A 408 -1.45 4.01 -26.14
C TRP A 408 -1.89 2.85 -25.26
N TRP A 409 -1.51 2.90 -23.98
CA TRP A 409 -1.67 1.75 -23.11
C TRP A 409 -3.12 1.31 -23.00
N TRP A 410 -4.06 2.25 -23.12
CA TRP A 410 -5.48 1.95 -23.04
C TRP A 410 -5.89 0.93 -24.09
N HIS A 411 -5.03 0.72 -25.08
CA HIS A 411 -5.23 -0.38 -26.03
C HIS A 411 -5.15 -1.73 -25.34
N LEU A 412 -4.37 -1.82 -24.27
CA LEU A 412 -4.07 -3.10 -23.66
C LEU A 412 -5.33 -3.68 -23.00
N ARG A 413 -5.20 -4.91 -22.51
CA ARG A 413 -6.33 -5.69 -22.01
C ARG A 413 -6.07 -6.14 -20.59
N VAL A 414 -7.14 -6.48 -19.87
CA VAL A 414 -7.04 -6.73 -18.44
C VAL A 414 -6.10 -7.89 -18.13
N GLN A 415 -6.23 -9.00 -18.88
CA GLN A 415 -5.50 -10.22 -18.54
C GLN A 415 -3.99 -10.03 -18.56
N GLU A 416 -3.50 -9.09 -19.37
CA GLU A 416 -2.07 -8.87 -19.47
C GLU A 416 -1.47 -8.31 -18.19
N LEU A 417 -2.30 -7.82 -17.27
CA LEU A 417 -1.84 -6.97 -16.18
C LEU A 417 -1.24 -7.75 -15.01
N GLY A 418 -1.05 -9.06 -15.12
CA GLY A 418 -0.35 -9.79 -14.07
C GLY A 418 -1.01 -9.74 -12.71
N LEU A 419 -2.29 -10.09 -12.64
CA LEU A 419 -3.05 -10.03 -11.38
C LEU A 419 -2.62 -11.18 -10.48
N SER A 420 -1.43 -11.04 -9.91
CA SER A 420 -0.99 -12.03 -8.94
C SER A 420 -1.70 -11.79 -7.63
N ALA A 421 -3.02 -11.90 -7.63
CA ALA A 421 -3.77 -11.52 -6.44
C ALA A 421 -4.71 -12.64 -6.00
N PRO A 422 -4.18 -13.76 -5.54
CA PRO A 422 -5.06 -14.83 -5.04
C PRO A 422 -5.63 -14.54 -3.66
N LEU A 423 -5.13 -13.52 -2.98
CA LEU A 423 -5.54 -13.27 -1.60
C LEU A 423 -6.97 -12.78 -1.54
N THR A 424 -7.74 -13.34 -0.60
CA THR A 424 -9.09 -12.89 -0.31
C THR A 424 -9.41 -13.27 1.13
N VAL A 425 -10.55 -12.80 1.60
CA VAL A 425 -10.94 -13.01 2.98
C VAL A 425 -12.33 -13.59 3.06
N LEU A 426 -12.60 -14.28 4.16
CA LEU A 426 -13.95 -14.61 4.58
C LEU A 426 -14.58 -13.42 5.29
N PRO A 427 -15.91 -13.33 5.33
CA PRO A 427 -16.55 -12.25 6.10
C PRO A 427 -16.27 -12.32 7.59
N THR A 428 -15.84 -13.47 8.10
CA THR A 428 -15.62 -13.65 9.52
C THR A 428 -14.23 -13.23 9.98
N ILE A 429 -13.37 -12.79 9.06
CA ILE A 429 -12.01 -12.43 9.46
C ILE A 429 -12.07 -11.18 10.33
N THR A 430 -11.25 -11.18 11.38
CA THR A 430 -11.20 -10.05 12.30
C THR A 430 -10.70 -8.81 11.58
N CYS A 431 -11.36 -7.68 11.82
CA CYS A 431 -10.99 -6.44 11.15
C CYS A 431 -9.54 -6.07 11.40
N GLY A 432 -9.11 -6.12 12.67
CA GLY A 432 -7.75 -5.76 12.99
C GLY A 432 -6.72 -6.63 12.31
N HIS A 433 -7.02 -7.91 12.13
CA HIS A 433 -6.08 -8.80 11.46
C HIS A 433 -5.87 -8.40 10.01
N THR A 434 -6.96 -8.18 9.27
CA THR A 434 -6.86 -7.72 7.89
C THR A 434 -6.00 -6.46 7.82
N ILE A 435 -6.15 -5.58 8.81
CA ILE A 435 -5.36 -4.36 8.85
C ILE A 435 -3.88 -4.68 8.78
N GLU A 436 -3.45 -5.69 9.54
CA GLU A 436 -2.05 -6.09 9.50
C GLU A 436 -1.70 -6.69 8.15
N ILE A 437 -2.52 -7.62 7.66
CA ILE A 437 -2.14 -8.38 6.48
C ILE A 437 -1.90 -7.44 5.30
N LEU A 438 -2.81 -6.50 5.09
CA LEU A 438 -2.64 -5.56 3.99
C LEU A 438 -1.38 -4.73 4.17
N ARG A 439 -1.10 -4.29 5.40
CA ARG A 439 0.03 -3.39 5.61
C ARG A 439 1.36 -4.12 5.46
N GLU A 440 1.48 -5.31 6.06
CA GLU A 440 2.70 -6.08 5.89
C GLU A 440 2.89 -6.43 4.42
N LYS A 441 1.80 -6.77 3.74
CA LYS A 441 1.85 -6.93 2.31
C LYS A 441 1.94 -5.60 1.58
N GLY A 442 1.64 -4.50 2.26
CA GLY A 442 1.61 -3.21 1.61
C GLY A 442 0.29 -3.01 0.89
N PHE A 443 -0.58 -4.00 0.97
CA PHE A 443 -1.88 -3.91 0.31
C PHE A 443 -2.81 -2.93 1.02
N ASP A 444 -3.93 -2.67 0.35
CA ASP A 444 -4.93 -1.70 0.77
C ASP A 444 -6.36 -2.24 0.73
N GLN A 445 -6.67 -3.21 -0.12
CA GLN A 445 -8.05 -3.67 -0.24
C GLN A 445 -8.05 -5.15 -0.56
N ALA A 446 -8.99 -5.88 0.05
CA ALA A 446 -9.02 -7.33 -0.05
C ALA A 446 -10.43 -7.83 -0.39
N PRO A 447 -10.54 -8.80 -1.28
CA PRO A 447 -11.86 -9.33 -1.63
C PRO A 447 -12.41 -10.21 -0.53
N VAL A 448 -13.73 -10.12 -0.36
CA VAL A 448 -14.46 -10.92 0.62
C VAL A 448 -15.34 -11.89 -0.14
N VAL A 449 -15.08 -13.18 0.05
CA VAL A 449 -15.85 -14.25 -0.58
C VAL A 449 -16.16 -15.30 0.48
N ASP A 450 -17.00 -16.26 0.09
CA ASP A 450 -17.28 -17.38 0.99
C ASP A 450 -16.17 -18.41 0.86
N GLU A 451 -16.30 -19.51 1.63
CA GLU A 451 -15.34 -20.59 1.51
C GLU A 451 -15.41 -21.24 0.14
N ALA A 452 -16.56 -21.16 -0.52
CA ALA A 452 -16.67 -21.57 -1.91
C ALA A 452 -16.03 -20.58 -2.87
N GLY A 453 -15.62 -19.41 -2.38
CA GLY A 453 -15.01 -18.40 -3.21
C GLY A 453 -15.96 -17.47 -3.92
N VAL A 454 -17.26 -17.60 -3.67
CA VAL A 454 -18.25 -16.79 -4.39
C VAL A 454 -18.10 -15.34 -3.99
N ILE A 455 -18.00 -14.46 -5.01
CA ILE A 455 -17.82 -13.03 -4.79
C ILE A 455 -18.99 -12.47 -3.99
N LEU A 456 -18.69 -11.88 -2.85
CA LEU A 456 -19.74 -11.30 -2.01
C LEU A 456 -19.38 -9.95 -1.41
N GLY A 457 -18.22 -9.39 -1.68
CA GLY A 457 -17.94 -8.06 -1.17
C GLY A 457 -16.47 -7.70 -1.23
N MET A 458 -16.12 -6.66 -0.46
CA MET A 458 -14.83 -6.00 -0.53
C MET A 458 -14.49 -5.49 0.86
N VAL A 459 -13.21 -5.18 1.07
CA VAL A 459 -12.78 -4.44 2.24
C VAL A 459 -11.66 -3.49 1.85
N THR A 460 -11.78 -2.25 2.29
CA THR A 460 -10.81 -1.21 1.98
C THR A 460 -10.60 -0.35 3.21
N LEU A 461 -9.43 0.31 3.28
CA LEU A 461 -9.15 1.18 4.42
C LEU A 461 -10.13 2.35 4.46
N GLY A 462 -10.50 2.89 3.31
CA GLY A 462 -11.33 4.09 3.30
C GLY A 462 -12.63 3.89 4.04
N ASN A 463 -13.33 2.78 3.77
CA ASN A 463 -14.50 2.45 4.56
C ASN A 463 -14.11 1.86 5.91
N MET A 464 -12.95 1.19 5.97
CA MET A 464 -12.52 0.57 7.22
C MET A 464 -12.25 1.62 8.28
N LEU A 465 -11.45 2.62 7.95
CA LEU A 465 -11.21 3.72 8.86
C LEU A 465 -12.51 4.46 9.15
N SER A 466 -13.31 4.70 8.12
CA SER A 466 -14.57 5.41 8.31
C SER A 466 -15.50 4.62 9.22
N SER A 467 -15.55 3.30 9.07
CA SER A 467 -16.42 2.49 9.90
C SER A 467 -15.99 2.50 11.36
N LEU A 468 -14.69 2.26 11.62
CA LEU A 468 -14.22 2.24 12.99
C LEU A 468 -14.38 3.61 13.64
N LEU A 469 -14.05 4.68 12.92
CA LEU A 469 -14.22 6.02 13.45
C LEU A 469 -15.70 6.41 13.55
N ALA A 470 -16.58 5.74 12.80
CA ALA A 470 -18.01 5.94 13.00
C ALA A 470 -18.50 5.35 14.32
N GLY A 471 -17.67 4.54 14.98
CA GLY A 471 -18.05 3.95 16.25
C GLY A 471 -18.90 2.70 16.15
N LYS A 472 -19.21 2.24 14.94
CA LYS A 472 -20.04 1.06 14.78
C LYS A 472 -19.35 -0.22 15.24
N VAL A 473 -18.05 -0.35 14.99
CA VAL A 473 -17.35 -1.60 15.23
C VAL A 473 -16.01 -1.30 15.91
N GLN A 474 -15.39 -2.35 16.41
CA GLN A 474 -14.02 -2.29 16.90
C GLN A 474 -13.08 -2.87 15.85
N PRO A 475 -11.77 -2.64 15.98
CA PRO A 475 -10.82 -3.38 15.14
C PRO A 475 -10.90 -4.88 15.37
N SER A 476 -11.34 -5.30 16.56
CA SER A 476 -11.53 -6.72 16.82
C SER A 476 -12.77 -7.28 16.11
N ASP A 477 -13.59 -6.43 15.52
CA ASP A 477 -14.80 -6.90 14.87
C ASP A 477 -14.47 -7.67 13.59
N GLN A 478 -15.49 -8.33 13.04
CA GLN A 478 -15.34 -9.07 11.80
C GLN A 478 -15.69 -8.17 10.62
N VAL A 479 -15.01 -8.41 9.48
CA VAL A 479 -15.21 -7.55 8.33
C VAL A 479 -16.55 -7.82 7.65
N GLY A 480 -17.27 -8.87 8.03
CA GLY A 480 -18.56 -9.13 7.44
C GLY A 480 -19.55 -8.01 7.70
N LYS A 481 -19.37 -7.28 8.79
CA LYS A 481 -20.26 -6.19 9.16
C LYS A 481 -19.82 -4.83 8.60
N VAL A 482 -18.62 -4.74 8.03
CA VAL A 482 -18.12 -3.50 7.47
C VAL A 482 -17.71 -3.73 6.03
N ILE A 483 -18.38 -4.68 5.38
CA ILE A 483 -17.95 -5.15 4.06
C ILE A 483 -18.19 -4.07 3.03
N TYR A 484 -17.14 -3.71 2.29
CA TYR A 484 -17.28 -2.88 1.12
C TYR A 484 -17.93 -3.69 0.00
N LYS A 485 -18.87 -3.06 -0.71
CA LYS A 485 -19.57 -3.81 -1.76
C LYS A 485 -19.79 -3.03 -3.05
N GLN A 486 -19.54 -1.72 -3.08
CA GLN A 486 -19.89 -0.88 -4.22
C GLN A 486 -18.79 -0.81 -5.27
N PHE A 487 -17.98 -1.86 -5.38
CA PHE A 487 -16.87 -1.87 -6.33
C PHE A 487 -17.38 -1.74 -7.76
N LYS A 488 -16.64 -0.99 -8.57
CA LYS A 488 -16.93 -0.87 -9.99
C LYS A 488 -16.31 -2.04 -10.74
N GLN A 489 -16.75 -3.24 -10.40
CA GLN A 489 -16.11 -4.45 -10.89
C GLN A 489 -16.18 -4.53 -12.42
N ILE A 490 -15.08 -5.00 -13.02
CA ILE A 490 -14.93 -5.07 -14.47
C ILE A 490 -14.64 -6.52 -14.85
N ARG A 491 -14.64 -6.80 -16.14
CA ARG A 491 -14.35 -8.12 -16.66
C ARG A 491 -12.95 -8.18 -17.26
N LEU A 492 -12.33 -9.36 -17.15
CA LEU A 492 -10.97 -9.55 -17.66
C LEU A 492 -10.89 -9.34 -19.15
N THR A 493 -11.95 -9.68 -19.89
CA THR A 493 -11.89 -9.59 -21.34
C THR A 493 -11.75 -8.17 -21.83
N ASP A 494 -11.93 -7.19 -20.95
CA ASP A 494 -12.02 -5.79 -21.35
C ASP A 494 -10.63 -5.19 -21.52
N THR A 495 -10.63 -3.92 -21.93
CA THR A 495 -9.39 -3.23 -22.26
C THR A 495 -8.94 -2.34 -21.11
N LEU A 496 -7.74 -1.78 -21.25
CA LEU A 496 -7.21 -0.86 -20.26
C LEU A 496 -7.97 0.45 -20.23
N GLY A 497 -8.50 0.90 -21.36
CA GLY A 497 -9.24 2.15 -21.37
C GLY A 497 -10.39 2.15 -20.38
N ARG A 498 -11.13 1.05 -20.33
CA ARG A 498 -12.18 0.91 -19.33
C ARG A 498 -11.59 0.86 -17.93
N LEU A 499 -10.50 0.11 -17.78
CA LEU A 499 -9.79 0.09 -16.50
C LEU A 499 -9.33 1.48 -16.11
N SER A 500 -8.62 2.14 -17.02
CA SER A 500 -8.19 3.51 -16.76
C SER A 500 -9.37 4.41 -16.47
N HIS A 501 -10.50 4.17 -17.14
CA HIS A 501 -11.72 4.89 -16.83
C HIS A 501 -12.16 4.62 -15.40
N ILE A 502 -12.45 3.36 -15.09
CA ILE A 502 -13.06 3.04 -13.81
C ILE A 502 -12.13 3.29 -12.64
N LEU A 503 -10.84 3.01 -12.79
CA LEU A 503 -9.93 3.06 -11.66
C LEU A 503 -9.61 4.48 -11.22
N GLU A 504 -10.32 5.49 -11.72
CA GLU A 504 -10.06 6.85 -11.30
C GLU A 504 -10.92 7.25 -10.11
N MET A 505 -12.23 7.00 -10.20
CA MET A 505 -13.13 7.39 -9.11
C MET A 505 -12.81 6.64 -7.83
N ASP A 506 -12.27 5.42 -7.93
CA ASP A 506 -11.71 4.76 -6.77
C ASP A 506 -10.52 3.94 -7.22
N HIS A 507 -9.66 3.59 -6.26
CA HIS A 507 -8.33 3.10 -6.56
C HIS A 507 -8.33 1.66 -7.07
N PHE A 508 -9.46 0.96 -7.06
CA PHE A 508 -9.48 -0.47 -7.30
C PHE A 508 -10.80 -0.88 -7.91
N ALA A 509 -10.79 -2.07 -8.54
CA ALA A 509 -12.00 -2.69 -9.06
C ALA A 509 -11.76 -4.17 -9.23
N LEU A 510 -12.78 -4.98 -8.95
CA LEU A 510 -12.64 -6.42 -9.06
C LEU A 510 -12.71 -6.85 -10.51
N VAL A 511 -11.92 -7.87 -10.86
CA VAL A 511 -12.04 -8.57 -12.12
C VAL A 511 -12.65 -9.93 -11.86
N VAL A 512 -13.73 -10.25 -12.55
CA VAL A 512 -14.46 -11.47 -12.32
C VAL A 512 -14.04 -12.52 -13.33
N HIS A 513 -14.15 -13.78 -12.92
CA HIS A 513 -14.01 -14.92 -13.80
C HIS A 513 -15.26 -15.78 -13.61
N GLU A 514 -15.87 -16.15 -14.71
CA GLU A 514 -17.16 -16.81 -14.67
C GLU A 514 -16.98 -18.32 -14.81
N GLN A 515 -17.81 -19.05 -14.07
CA GLN A 515 -17.70 -20.51 -13.99
C GLN A 515 -19.11 -21.10 -14.11
N ILE A 516 -19.31 -21.94 -15.12
CA ILE A 516 -20.62 -22.50 -15.42
C ILE A 516 -20.61 -23.98 -15.04
N GLN A 517 -21.40 -24.34 -14.03
CA GLN A 517 -21.52 -25.72 -13.59
C GLN A 517 -22.84 -26.29 -14.07
N TYR A 518 -22.89 -27.60 -14.24
CA TYR A 518 -24.10 -28.30 -14.68
C TYR A 518 -24.50 -29.33 -13.64
N HIS A 519 -25.79 -29.35 -13.32
CA HIS A 519 -26.31 -30.17 -12.23
C HIS A 519 -26.33 -31.64 -12.64
N SER A 520 -26.91 -32.46 -11.75
CA SER A 520 -27.07 -33.88 -12.06
C SER A 520 -27.95 -34.07 -13.29
N THR A 521 -29.03 -33.30 -13.38
CA THR A 521 -29.96 -33.37 -14.50
C THR A 521 -29.51 -32.54 -15.69
N GLY A 522 -28.23 -32.16 -15.75
CA GLY A 522 -27.76 -31.36 -16.86
C GLY A 522 -28.17 -29.91 -16.82
N LYS A 523 -28.76 -29.45 -15.73
CA LYS A 523 -29.15 -28.05 -15.62
C LYS A 523 -27.92 -27.19 -15.39
N SER A 524 -27.75 -26.16 -16.22
CA SER A 524 -26.60 -25.29 -16.10
C SER A 524 -26.73 -24.39 -14.87
N SER A 525 -25.59 -23.91 -14.40
CA SER A 525 -25.53 -22.96 -13.31
C SER A 525 -24.31 -22.08 -13.52
N GLN A 526 -24.31 -20.93 -12.87
CA GLN A 526 -23.22 -19.97 -13.02
C GLN A 526 -22.57 -19.67 -11.68
N ARG A 527 -21.24 -19.66 -11.67
CA ARG A 527 -20.45 -19.23 -10.53
C ARG A 527 -19.48 -18.17 -10.99
N GLN A 528 -19.33 -17.11 -10.20
CA GLN A 528 -18.38 -16.05 -10.49
C GLN A 528 -17.18 -16.14 -9.56
N MET A 529 -15.99 -16.00 -10.13
CA MET A 529 -14.77 -16.20 -9.38
C MET A 529 -13.95 -14.91 -9.45
N VAL A 530 -13.03 -14.77 -8.49
CA VAL A 530 -12.16 -13.60 -8.47
C VAL A 530 -10.92 -13.89 -9.30
N PHE A 531 -10.66 -13.04 -10.28
CA PHE A 531 -9.41 -13.14 -11.03
C PHE A 531 -8.29 -12.36 -10.36
N GLY A 532 -8.63 -11.37 -9.55
CA GLY A 532 -7.62 -10.60 -8.85
C GLY A 532 -8.24 -9.34 -8.28
N VAL A 533 -7.38 -8.51 -7.68
CA VAL A 533 -7.78 -7.21 -7.16
C VAL A 533 -6.73 -6.22 -7.63
N VAL A 534 -7.09 -5.39 -8.61
CA VAL A 534 -6.12 -4.60 -9.34
C VAL A 534 -6.22 -3.15 -8.94
N THR A 535 -5.09 -2.47 -9.00
CA THR A 535 -5.01 -1.01 -8.88
C THR A 535 -4.08 -0.49 -9.96
N ALA A 536 -4.07 0.84 -10.12
CA ALA A 536 -3.28 1.45 -11.16
C ALA A 536 -1.79 1.15 -11.00
N ILE A 537 -1.36 0.78 -9.80
CA ILE A 537 0.02 0.37 -9.62
C ILE A 537 0.34 -0.81 -10.53
N ASP A 538 -0.54 -1.80 -10.55
CA ASP A 538 -0.41 -2.87 -11.52
C ASP A 538 -0.37 -2.31 -12.93
N LEU A 539 -1.25 -1.34 -13.21
CA LEU A 539 -1.23 -0.67 -14.51
C LEU A 539 0.10 0.01 -14.73
N LEU A 540 0.53 0.83 -13.76
CA LEU A 540 1.78 1.55 -13.88
C LEU A 540 2.96 0.60 -13.93
N ASN A 541 2.94 -0.44 -13.11
CA ASN A 541 4.02 -1.42 -13.14
C ASN A 541 4.10 -2.11 -14.49
N PHE A 542 2.96 -2.52 -15.03
CA PHE A 542 2.96 -3.24 -16.29
C PHE A 542 3.30 -2.32 -17.45
N VAL A 543 2.74 -1.10 -17.46
CA VAL A 543 2.99 -0.19 -18.57
C VAL A 543 4.44 0.26 -18.57
N ALA A 544 5.12 0.18 -17.42
CA ALA A 544 6.49 0.64 -17.35
C ALA A 544 7.47 -0.32 -18.03
N ALA A 545 7.06 -1.57 -18.27
CA ALA A 545 7.97 -2.60 -18.77
C ALA A 545 7.54 -3.12 -20.13
N GLN A 546 6.30 -3.55 -20.29
CA GLN A 546 5.88 -4.30 -21.47
C GLN A 546 5.90 -3.47 -22.75
N GLU A 547 6.03 -2.15 -22.65
CA GLU A 547 6.06 -1.30 -23.85
C GLU A 547 7.21 -1.67 -24.78
N ARG A 548 8.14 -2.52 -24.33
CA ARG A 548 9.23 -2.97 -25.19
C ARG A 548 8.76 -3.97 -26.24
N ASP A 549 7.60 -4.60 -26.03
CA ASP A 549 7.17 -5.71 -26.88
C ASP A 549 5.95 -5.38 -27.72
N GLN A 550 4.85 -4.98 -27.06
CA GLN A 550 3.57 -4.83 -27.76
C GLN A 550 3.02 -3.43 -27.59
N LYS A 551 3.85 -2.41 -27.78
CA LYS A 551 3.37 -1.04 -27.78
C LYS A 551 2.68 -0.72 -29.10
N TRP B 408 -12.21 5.28 22.59
CA TRP B 408 -11.18 5.64 23.55
C TRP B 408 -9.94 6.16 22.84
N TRP B 409 -9.73 5.68 21.62
CA TRP B 409 -8.47 5.91 20.93
C TRP B 409 -8.23 7.39 20.65
N TRP B 410 -9.28 8.17 20.41
CA TRP B 410 -9.09 9.59 20.13
C TRP B 410 -8.43 10.31 21.30
N HIS B 411 -8.46 9.71 22.50
CA HIS B 411 -7.67 10.23 23.60
C HIS B 411 -6.18 10.24 23.27
N LEU B 412 -5.75 9.32 22.42
CA LEU B 412 -4.33 9.19 22.10
C LEU B 412 -3.85 10.42 21.35
N ARG B 413 -2.53 10.60 21.33
CA ARG B 413 -1.89 11.82 20.84
C ARG B 413 -1.07 11.50 19.60
N VAL B 414 -0.94 12.49 18.71
CA VAL B 414 -0.29 12.27 17.42
C VAL B 414 1.14 11.79 17.63
N GLN B 415 1.84 12.37 18.60
CA GLN B 415 3.25 12.05 18.81
C GLN B 415 3.47 10.57 19.06
N GLU B 416 2.53 9.92 19.75
CA GLU B 416 2.72 8.53 20.14
C GLU B 416 2.81 7.61 18.94
N LEU B 417 2.19 7.97 17.82
CA LEU B 417 1.97 7.07 16.69
C LEU B 417 3.23 6.45 16.13
N GLY B 418 4.38 7.13 16.21
CA GLY B 418 5.60 6.52 15.73
C GLY B 418 5.64 6.32 14.23
N LEU B 419 5.69 7.41 13.47
CA LEU B 419 5.77 7.34 12.02
C LEU B 419 7.22 7.13 11.59
N SER B 420 7.59 5.87 11.40
CA SER B 420 8.91 5.59 10.87
C SER B 420 8.91 5.95 9.39
N ALA B 421 8.77 7.24 9.10
CA ALA B 421 8.55 7.64 7.71
C ALA B 421 9.54 8.71 7.28
N PRO B 422 10.83 8.38 7.18
CA PRO B 422 11.79 9.37 6.69
C PRO B 422 11.83 9.47 5.18
N LEU B 423 11.09 8.64 4.46
CA LEU B 423 11.22 8.57 3.01
C LEU B 423 10.44 9.69 2.34
N THR B 424 11.09 10.32 1.36
CA THR B 424 10.49 11.39 0.56
C THR B 424 11.31 11.51 -0.71
N VAL B 425 10.84 12.37 -1.62
CA VAL B 425 11.40 12.43 -2.96
C VAL B 425 11.73 13.86 -3.35
N LEU B 426 12.59 14.00 -4.36
CA LEU B 426 12.79 15.21 -5.13
C LEU B 426 11.73 15.30 -6.24
N PRO B 427 11.42 16.52 -6.70
CA PRO B 427 10.52 16.64 -7.87
C PRO B 427 11.08 16.00 -9.12
N THR B 428 12.39 15.82 -9.22
CA THR B 428 13.01 15.27 -10.42
C THR B 428 12.88 13.77 -10.51
N ILE B 429 12.29 13.11 -9.51
CA ILE B 429 12.22 11.66 -9.53
C ILE B 429 11.32 11.20 -10.67
N THR B 430 11.71 10.10 -11.31
CA THR B 430 10.98 9.58 -12.45
C THR B 430 9.60 9.08 -12.03
N CYS B 431 8.61 9.30 -12.90
CA CYS B 431 7.24 8.93 -12.56
C CYS B 431 7.10 7.44 -12.28
N GLY B 432 7.54 6.60 -13.23
CA GLY B 432 7.44 5.16 -13.03
C GLY B 432 8.27 4.69 -11.85
N HIS B 433 9.48 5.23 -11.71
CA HIS B 433 10.33 4.89 -10.58
C HIS B 433 9.65 5.25 -9.26
N THR B 434 8.95 6.38 -9.23
CA THR B 434 8.23 6.79 -8.04
C THR B 434 7.23 5.72 -7.62
N ILE B 435 6.38 5.29 -8.55
CA ILE B 435 5.39 4.26 -8.25
C ILE B 435 6.08 2.96 -7.85
N GLU B 436 7.15 2.61 -8.55
CA GLU B 436 7.87 1.40 -8.17
C GLU B 436 8.34 1.50 -6.73
N ILE B 437 8.94 2.64 -6.37
CA ILE B 437 9.54 2.77 -5.04
C ILE B 437 8.50 2.53 -3.96
N LEU B 438 7.35 3.19 -4.07
CA LEU B 438 6.30 2.94 -3.08
C LEU B 438 5.78 1.53 -3.18
N ARG B 439 5.66 0.99 -4.40
CA ARG B 439 4.97 -0.28 -4.56
C ARG B 439 5.78 -1.46 -4.04
N GLU B 440 7.08 -1.52 -4.36
CA GLU B 440 7.85 -2.67 -3.89
C GLU B 440 7.98 -2.63 -2.39
N LYS B 441 8.11 -1.43 -1.83
CA LYS B 441 7.98 -1.22 -0.41
C LYS B 441 6.53 -1.28 0.05
N GLY B 442 5.59 -1.19 -0.87
CA GLY B 442 4.19 -1.26 -0.51
C GLY B 442 3.59 0.07 -0.10
N PHE B 443 4.34 1.18 -0.21
CA PHE B 443 3.67 2.42 0.14
C PHE B 443 2.76 2.90 -0.99
N ASP B 444 2.21 4.08 -0.76
CA ASP B 444 1.16 4.69 -1.58
C ASP B 444 1.55 6.10 -2.02
N GLN B 445 2.21 6.86 -1.14
CA GLN B 445 2.52 8.25 -1.42
C GLN B 445 3.71 8.68 -0.58
N ALA B 446 4.53 9.56 -1.14
CA ALA B 446 5.75 10.01 -0.46
C ALA B 446 5.90 11.51 -0.65
N PRO B 447 6.41 12.22 0.35
CA PRO B 447 6.52 13.67 0.22
C PRO B 447 7.51 14.06 -0.87
N VAL B 448 7.25 15.21 -1.49
CA VAL B 448 8.17 15.81 -2.43
C VAL B 448 8.80 17.01 -1.76
N VAL B 449 10.11 16.96 -1.55
CA VAL B 449 10.86 18.02 -0.89
C VAL B 449 12.15 18.25 -1.66
N ASP B 450 12.82 19.35 -1.34
CA ASP B 450 14.11 19.65 -1.92
C ASP B 450 15.23 18.99 -1.11
N GLU B 451 16.47 19.22 -1.53
CA GLU B 451 17.60 18.71 -0.77
C GLU B 451 17.75 19.39 0.58
N ALA B 452 17.14 20.54 0.77
CA ALA B 452 17.10 21.19 2.08
C ALA B 452 15.94 20.68 2.94
N GLY B 453 15.11 19.79 2.41
CA GLY B 453 13.98 19.26 3.15
C GLY B 453 12.75 20.13 3.14
N VAL B 454 12.71 21.18 2.32
CA VAL B 454 11.57 22.08 2.31
C VAL B 454 10.35 21.37 1.78
N ILE B 455 9.23 21.48 2.50
CA ILE B 455 8.03 20.74 2.16
C ILE B 455 7.36 21.44 0.99
N LEU B 456 7.71 21.02 -0.22
CA LEU B 456 7.27 21.73 -1.41
C LEU B 456 6.29 20.94 -2.27
N GLY B 457 5.97 19.71 -1.91
CA GLY B 457 5.03 18.96 -2.73
C GLY B 457 4.75 17.57 -2.18
N MET B 458 3.91 16.85 -2.91
CA MET B 458 3.35 15.57 -2.50
C MET B 458 3.08 14.79 -3.79
N VAL B 459 3.19 13.46 -3.71
CA VAL B 459 2.85 12.60 -4.84
C VAL B 459 1.95 11.48 -4.36
N THR B 460 0.77 11.37 -4.96
CA THR B 460 -0.21 10.36 -4.58
C THR B 460 -0.73 9.69 -5.84
N LEU B 461 -1.08 8.41 -5.70
CA LEU B 461 -1.50 7.63 -6.86
C LEU B 461 -2.75 8.22 -7.51
N GLY B 462 -3.71 8.68 -6.70
CA GLY B 462 -4.98 9.14 -7.25
C GLY B 462 -4.81 10.28 -8.24
N ASN B 463 -4.00 11.27 -7.87
CA ASN B 463 -3.64 12.29 -8.85
C ASN B 463 -2.71 11.71 -9.91
N MET B 464 -1.80 10.83 -9.50
CA MET B 464 -0.74 10.40 -10.40
C MET B 464 -1.29 9.45 -11.46
N LEU B 465 -2.23 8.57 -11.08
CA LEU B 465 -2.95 7.79 -12.08
C LEU B 465 -3.73 8.71 -13.00
N SER B 466 -4.38 9.72 -12.43
CA SER B 466 -4.99 10.75 -13.26
C SER B 466 -3.95 11.50 -14.05
N SER B 467 -2.76 11.71 -13.47
CA SER B 467 -1.70 12.42 -14.17
C SER B 467 -1.25 11.68 -15.41
N LEU B 468 -1.06 10.36 -15.31
CA LEU B 468 -0.75 9.58 -16.50
C LEU B 468 -1.90 9.63 -17.50
N LEU B 469 -3.13 9.50 -17.01
CA LEU B 469 -4.29 9.59 -17.89
C LEU B 469 -4.53 11.01 -18.39
N ALA B 470 -4.07 12.02 -17.67
CA ALA B 470 -4.09 13.38 -18.20
C ALA B 470 -3.11 13.55 -19.35
N GLY B 471 -2.13 12.65 -19.49
CA GLY B 471 -1.19 12.70 -20.58
C GLY B 471 0.03 13.56 -20.33
N LYS B 472 0.07 14.31 -19.23
CA LYS B 472 1.22 15.17 -18.97
C LYS B 472 2.48 14.34 -18.71
N VAL B 473 2.33 13.21 -18.03
CA VAL B 473 3.46 12.38 -17.63
C VAL B 473 3.30 10.99 -18.23
N GLN B 474 4.32 10.53 -18.91
CA GLN B 474 4.55 9.11 -19.09
C GLN B 474 5.23 8.58 -17.83
N PRO B 475 5.28 7.26 -17.65
CA PRO B 475 6.05 6.72 -16.52
C PRO B 475 7.50 7.18 -16.52
N SER B 476 8.06 7.44 -17.70
CA SER B 476 9.43 7.95 -17.78
C SER B 476 9.54 9.41 -17.37
N ASP B 477 8.42 10.13 -17.27
CA ASP B 477 8.47 11.54 -16.91
C ASP B 477 8.87 11.73 -15.45
N GLN B 478 9.10 12.97 -15.08
CA GLN B 478 9.39 13.32 -13.70
C GLN B 478 8.13 13.78 -12.98
N VAL B 479 8.14 13.65 -11.65
CA VAL B 479 7.01 14.09 -10.86
C VAL B 479 7.00 15.60 -10.67
N GLY B 480 8.12 16.26 -10.96
CA GLY B 480 8.17 17.70 -10.79
C GLY B 480 7.15 18.44 -11.62
N LYS B 481 6.89 17.96 -12.84
CA LYS B 481 5.92 18.61 -13.71
C LYS B 481 4.48 18.31 -13.31
N VAL B 482 4.26 17.32 -12.46
CA VAL B 482 2.91 16.99 -11.98
C VAL B 482 2.90 16.99 -10.47
N ILE B 483 3.74 17.83 -9.87
CA ILE B 483 3.85 17.88 -8.41
C ILE B 483 2.48 18.19 -7.81
N TYR B 484 2.06 17.35 -6.88
CA TYR B 484 0.76 17.46 -6.23
C TYR B 484 0.96 18.12 -4.88
N LYS B 485 0.22 19.19 -4.60
CA LYS B 485 0.57 20.05 -3.48
C LYS B 485 -0.53 20.27 -2.46
N GLN B 486 -1.72 19.75 -2.67
CA GLN B 486 -2.77 19.90 -1.67
C GLN B 486 -2.69 18.78 -0.65
N PHE B 487 -2.84 19.12 0.63
CA PHE B 487 -2.89 18.13 1.69
C PHE B 487 -3.38 18.80 2.95
N LYS B 488 -4.32 18.16 3.65
CA LYS B 488 -4.76 18.69 4.93
C LYS B 488 -3.77 18.32 6.02
N GLN B 489 -2.58 18.92 5.95
CA GLN B 489 -1.50 18.55 6.83
C GLN B 489 -1.85 18.83 8.28
N ILE B 490 -1.50 17.89 9.16
CA ILE B 490 -1.79 17.99 10.58
C ILE B 490 -0.48 18.34 11.31
N ARG B 491 -0.59 18.65 12.60
CA ARG B 491 0.54 18.99 13.44
C ARG B 491 0.78 17.86 14.43
N LEU B 492 2.06 17.55 14.66
CA LEU B 492 2.46 16.38 15.46
C LEU B 492 1.97 16.43 16.89
N THR B 493 1.66 17.61 17.44
CA THR B 493 1.30 17.69 18.84
C THR B 493 -0.15 17.34 19.11
N ASP B 494 -0.94 17.10 18.07
CA ASP B 494 -2.37 16.96 18.25
C ASP B 494 -2.72 15.58 18.81
N THR B 495 -4.01 15.29 18.83
CA THR B 495 -4.50 14.01 19.31
C THR B 495 -5.00 13.15 18.16
N LEU B 496 -5.35 11.90 18.48
CA LEU B 496 -5.98 11.03 17.50
C LEU B 496 -7.34 11.54 17.08
N GLY B 497 -8.02 12.32 17.93
CA GLY B 497 -9.29 12.90 17.54
C GLY B 497 -9.17 13.73 16.28
N ARG B 498 -8.10 14.53 16.20
CA ARG B 498 -7.84 15.27 14.96
C ARG B 498 -7.46 14.33 13.83
N LEU B 499 -6.60 13.35 14.12
CA LEU B 499 -6.26 12.36 13.11
C LEU B 499 -7.50 11.63 12.63
N SER B 500 -8.31 11.15 13.57
CA SER B 500 -9.54 10.47 13.21
C SER B 500 -10.44 11.39 12.39
N HIS B 501 -10.54 12.65 12.80
CA HIS B 501 -11.24 13.64 12.01
C HIS B 501 -10.58 13.81 10.65
N ILE B 502 -9.35 14.33 10.66
CA ILE B 502 -8.72 14.79 9.43
C ILE B 502 -8.46 13.66 8.44
N LEU B 503 -7.98 12.52 8.92
CA LEU B 503 -7.51 11.47 8.02
C LEU B 503 -8.63 10.70 7.34
N GLU B 504 -9.86 11.18 7.39
CA GLU B 504 -10.95 10.44 6.75
C GLU B 504 -11.27 10.97 5.36
N MET B 505 -11.42 12.30 5.23
CA MET B 505 -11.78 12.88 3.94
C MET B 505 -10.71 12.70 2.89
N ASP B 506 -9.48 12.37 3.28
CA ASP B 506 -8.49 11.89 2.33
C ASP B 506 -7.71 10.78 3.01
N HIS B 507 -6.96 10.04 2.20
CA HIS B 507 -6.28 8.84 2.69
C HIS B 507 -5.04 9.14 3.50
N PHE B 508 -4.60 10.40 3.56
CA PHE B 508 -3.34 10.72 4.20
C PHE B 508 -3.29 12.20 4.51
N ALA B 509 -2.29 12.58 5.32
CA ALA B 509 -2.04 13.98 5.64
C ALA B 509 -0.63 14.12 6.20
N LEU B 510 0.01 15.23 5.88
CA LEU B 510 1.37 15.46 6.32
C LEU B 510 1.39 15.82 7.81
N VAL B 511 2.44 15.39 8.49
CA VAL B 511 2.73 15.79 9.85
C VAL B 511 3.99 16.65 9.83
N VAL B 512 3.94 17.78 10.52
CA VAL B 512 4.93 18.83 10.35
C VAL B 512 5.82 18.91 11.57
N HIS B 513 7.12 18.91 11.32
CA HIS B 513 8.11 19.38 12.26
C HIS B 513 8.51 20.80 11.85
N GLU B 514 9.04 21.56 12.79
CA GLU B 514 9.35 22.94 12.53
C GLU B 514 10.74 23.27 13.06
N GLN B 515 11.40 24.21 12.37
CA GLN B 515 12.78 24.56 12.67
C GLN B 515 12.93 26.06 12.57
N ILE B 516 13.49 26.69 13.61
CA ILE B 516 13.65 28.14 13.65
C ILE B 516 15.15 28.43 13.57
N GLN B 517 15.62 28.79 12.38
CA GLN B 517 17.01 29.14 12.19
C GLN B 517 17.21 30.63 12.46
N TYR B 518 18.36 31.00 12.99
CA TYR B 518 18.65 32.37 13.34
C TYR B 518 19.82 32.88 12.50
N HIS B 519 19.63 34.07 11.92
CA HIS B 519 20.59 34.61 10.97
C HIS B 519 21.82 35.16 11.69
N SER B 520 22.69 35.80 10.92
CA SER B 520 23.87 36.44 11.50
C SER B 520 23.46 37.56 12.45
N THR B 521 22.41 38.29 12.12
CA THR B 521 21.90 39.36 12.96
C THR B 521 20.97 38.85 14.06
N GLY B 522 20.78 37.54 14.17
CA GLY B 522 19.85 37.02 15.15
C GLY B 522 18.41 37.04 14.71
N LYS B 523 18.15 37.24 13.42
CA LYS B 523 16.78 37.18 12.92
C LYS B 523 16.33 35.73 12.82
N SER B 524 15.20 35.42 13.46
CA SER B 524 14.66 34.08 13.41
C SER B 524 14.13 33.76 12.02
N SER B 525 14.08 32.47 11.71
CA SER B 525 13.55 32.02 10.44
C SER B 525 12.99 30.61 10.62
N GLN B 526 11.68 30.49 10.47
CA GLN B 526 11.02 29.20 10.64
C GLN B 526 11.16 28.34 9.40
N ARG B 527 11.46 27.06 9.62
CA ARG B 527 11.54 26.08 8.55
C ARG B 527 10.69 24.88 8.94
N GLN B 528 9.75 24.52 8.06
CA GLN B 528 8.91 23.36 8.30
C GLN B 528 9.62 22.09 7.85
N MET B 529 9.46 21.03 8.62
CA MET B 529 10.10 19.76 8.34
C MET B 529 9.04 18.67 8.35
N VAL B 530 9.31 17.60 7.61
CA VAL B 530 8.40 16.48 7.52
C VAL B 530 8.69 15.51 8.66
N PHE B 531 7.72 15.34 9.55
CA PHE B 531 7.86 14.37 10.62
C PHE B 531 7.47 12.98 10.17
N GLY B 532 6.82 12.87 9.02
CA GLY B 532 6.40 11.57 8.52
C GLY B 532 5.21 11.71 7.60
N VAL B 533 4.72 10.56 7.14
CA VAL B 533 3.53 10.48 6.30
C VAL B 533 2.63 9.41 6.88
N VAL B 534 1.41 9.79 7.24
CA VAL B 534 0.52 8.92 8.00
C VAL B 534 -0.71 8.58 7.19
N THR B 535 -1.17 7.34 7.35
CA THR B 535 -2.48 6.91 6.88
C THR B 535 -3.15 6.12 7.99
N ALA B 536 -4.29 5.52 7.64
CA ALA B 536 -5.11 4.85 8.64
C ALA B 536 -4.37 3.73 9.34
N ILE B 537 -3.55 2.99 8.61
CA ILE B 537 -2.86 1.84 9.20
C ILE B 537 -2.07 2.25 10.43
N ASP B 538 -1.36 3.36 10.33
CA ASP B 538 -0.47 3.77 11.41
C ASP B 538 -1.21 3.81 12.74
N LEU B 539 -2.36 4.47 12.77
CA LEU B 539 -3.20 4.43 13.96
C LEU B 539 -3.92 3.11 14.11
N LEU B 540 -4.35 2.51 13.00
CA LEU B 540 -5.08 1.24 13.09
C LEU B 540 -4.20 0.17 13.72
N ASN B 541 -2.95 0.10 13.31
CA ASN B 541 -2.00 -0.76 14.01
C ASN B 541 -1.80 -0.28 15.44
N PHE B 542 -1.72 1.03 15.62
CA PHE B 542 -1.39 1.58 16.93
C PHE B 542 -2.51 1.40 17.94
N VAL B 543 -3.76 1.56 17.52
CA VAL B 543 -4.87 1.45 18.46
C VAL B 543 -4.95 0.05 19.04
N ALA B 544 -4.64 -0.96 18.22
CA ALA B 544 -4.56 -2.33 18.74
C ALA B 544 -3.44 -2.46 19.77
N ALA B 545 -2.31 -1.80 19.51
CA ALA B 545 -1.17 -1.93 20.42
C ALA B 545 -1.37 -1.10 21.68
N GLN B 546 -1.95 0.09 21.57
CA GLN B 546 -2.03 1.00 22.71
C GLN B 546 -3.01 0.56 23.78
N GLU B 547 -3.83 -0.46 23.51
CA GLU B 547 -4.68 -1.00 24.56
C GLU B 547 -3.92 -1.88 25.53
N ARG B 548 -2.58 -1.88 25.46
CA ARG B 548 -1.74 -2.61 26.39
C ARG B 548 -0.86 -1.69 27.24
N ASP B 549 -0.71 -0.42 26.83
CA ASP B 549 0.24 0.46 27.50
C ASP B 549 -0.46 1.62 28.22
N GLN B 550 -1.26 2.39 27.50
CA GLN B 550 -1.85 3.58 28.09
C GLN B 550 -3.32 3.41 28.44
N LYS B 551 -3.93 2.28 28.07
CA LYS B 551 -5.32 2.03 28.44
C LYS B 551 -5.57 0.53 28.59
N TRP C 408 7.15 -19.50 -33.74
CA TRP C 408 7.13 -18.21 -33.07
C TRP C 408 6.02 -18.17 -32.03
N TRP C 409 4.89 -18.81 -32.33
CA TRP C 409 3.72 -18.71 -31.47
C TRP C 409 3.97 -19.37 -30.12
N TRP C 410 4.85 -20.37 -30.06
CA TRP C 410 5.12 -21.03 -28.79
C TRP C 410 5.63 -20.06 -27.73
N HIS C 411 6.13 -18.91 -28.15
CA HIS C 411 6.52 -17.86 -27.21
C HIS C 411 5.29 -17.20 -26.59
N LEU C 412 4.14 -17.31 -27.25
CA LEU C 412 2.96 -16.57 -26.80
C LEU C 412 2.52 -17.01 -25.42
N ARG C 413 1.90 -16.08 -24.70
CA ARG C 413 1.61 -16.25 -23.29
C ARG C 413 0.25 -16.90 -23.16
N VAL C 414 0.11 -17.80 -22.18
CA VAL C 414 -1.05 -18.69 -22.12
C VAL C 414 -2.36 -17.92 -22.01
N GLN C 415 -2.44 -16.93 -21.13
CA GLN C 415 -3.71 -16.21 -20.98
C GLN C 415 -4.15 -15.53 -22.27
N GLU C 416 -3.22 -15.29 -23.20
CA GLU C 416 -3.60 -14.67 -24.47
C GLU C 416 -4.46 -15.59 -25.32
N LEU C 417 -4.61 -16.84 -24.94
CA LEU C 417 -5.25 -17.82 -25.81
C LEU C 417 -6.76 -17.73 -25.85
N GLY C 418 -7.39 -16.70 -25.28
CA GLY C 418 -8.81 -16.51 -25.47
C GLY C 418 -9.68 -17.66 -25.02
N LEU C 419 -9.44 -18.16 -23.80
CA LEU C 419 -10.22 -19.27 -23.26
C LEU C 419 -11.58 -18.76 -22.81
N SER C 420 -12.60 -19.12 -23.57
CA SER C 420 -13.97 -18.90 -23.12
C SER C 420 -14.52 -20.18 -22.54
N ALA C 421 -13.98 -20.63 -21.41
CA ALA C 421 -14.37 -21.96 -20.95
C ALA C 421 -14.88 -21.96 -19.52
N PRO C 422 -16.09 -21.44 -19.28
CA PRO C 422 -16.64 -21.52 -17.92
C PRO C 422 -17.34 -22.83 -17.63
N LEU C 423 -17.71 -23.60 -18.65
CA LEU C 423 -18.56 -24.76 -18.45
C LEU C 423 -17.80 -25.88 -17.75
N THR C 424 -18.42 -26.43 -16.72
CA THR C 424 -17.92 -27.60 -16.01
C THR C 424 -19.12 -28.37 -15.49
N VAL C 425 -18.86 -29.49 -14.83
CA VAL C 425 -19.93 -30.36 -14.38
C VAL C 425 -19.76 -30.70 -12.90
N LEU C 426 -20.88 -30.99 -12.26
CA LEU C 426 -20.87 -31.66 -10.98
C LEU C 426 -20.65 -33.17 -11.21
N PRO C 427 -20.04 -33.87 -10.25
CA PRO C 427 -19.82 -35.31 -10.42
C PRO C 427 -21.11 -36.11 -10.53
N THR C 428 -22.24 -35.57 -10.08
CA THR C 428 -23.48 -36.32 -10.08
C THR C 428 -24.21 -36.26 -11.41
N ILE C 429 -23.68 -35.55 -12.40
CA ILE C 429 -24.39 -35.44 -13.67
C ILE C 429 -24.40 -36.80 -14.36
N THR C 430 -25.54 -37.12 -14.98
CA THR C 430 -25.69 -38.38 -15.68
C THR C 430 -24.78 -38.42 -16.90
N CYS C 431 -24.15 -39.57 -17.13
CA CYS C 431 -23.25 -39.71 -18.28
C CYS C 431 -23.97 -39.40 -19.58
N GLY C 432 -25.17 -39.98 -19.77
CA GLY C 432 -25.89 -39.75 -21.02
C GLY C 432 -26.15 -38.29 -21.30
N HIS C 433 -26.62 -37.56 -20.28
CA HIS C 433 -26.79 -36.12 -20.43
C HIS C 433 -25.44 -35.43 -20.64
N THR C 434 -24.40 -35.92 -19.96
CA THR C 434 -23.08 -35.31 -20.10
C THR C 434 -22.62 -35.33 -21.55
N ILE C 435 -22.82 -36.46 -22.23
CA ILE C 435 -22.48 -36.54 -23.65
C ILE C 435 -23.24 -35.51 -24.43
N GLU C 436 -24.53 -35.33 -24.12
CA GLU C 436 -25.32 -34.35 -24.86
C GLU C 436 -24.71 -32.97 -24.75
N ILE C 437 -24.43 -32.52 -23.54
CA ILE C 437 -23.97 -31.16 -23.34
C ILE C 437 -22.68 -30.92 -24.11
N LEU C 438 -21.74 -31.86 -24.05
CA LEU C 438 -20.52 -31.70 -24.83
C LEU C 438 -20.82 -31.80 -26.32
N ARG C 439 -21.67 -32.75 -26.72
CA ARG C 439 -21.91 -32.93 -28.14
C ARG C 439 -22.71 -31.78 -28.73
N GLU C 440 -23.67 -31.26 -27.98
CA GLU C 440 -24.38 -30.07 -28.45
C GLU C 440 -23.42 -28.89 -28.55
N LYS C 441 -22.52 -28.76 -27.59
CA LYS C 441 -21.47 -27.76 -27.68
C LYS C 441 -20.41 -28.13 -28.71
N GLY C 442 -20.46 -29.34 -29.25
CA GLY C 442 -19.34 -29.81 -30.03
C GLY C 442 -18.15 -30.19 -29.20
N PHE C 443 -18.32 -30.27 -27.88
CA PHE C 443 -17.26 -30.60 -26.94
C PHE C 443 -17.13 -32.12 -26.81
N ASP C 444 -16.06 -32.53 -26.12
CA ASP C 444 -15.96 -33.89 -25.63
C ASP C 444 -15.48 -33.99 -24.19
N GLN C 445 -14.80 -32.97 -23.66
CA GLN C 445 -14.22 -33.04 -22.33
C GLN C 445 -14.67 -31.82 -21.53
N ALA C 446 -14.90 -32.03 -20.24
CA ALA C 446 -15.44 -30.98 -19.39
C ALA C 446 -14.92 -31.16 -17.98
N PRO C 447 -14.72 -30.07 -17.24
CA PRO C 447 -14.24 -30.20 -15.87
C PRO C 447 -15.30 -30.76 -14.94
N VAL C 448 -14.87 -31.61 -14.03
CA VAL C 448 -15.70 -32.12 -12.96
C VAL C 448 -15.26 -31.45 -11.67
N VAL C 449 -16.14 -30.63 -11.10
CA VAL C 449 -15.84 -29.88 -9.90
C VAL C 449 -17.04 -29.96 -8.96
N ASP C 450 -16.83 -29.53 -7.73
CA ASP C 450 -17.90 -29.47 -6.76
C ASP C 450 -18.70 -28.18 -6.94
N GLU C 451 -19.62 -27.92 -6.02
CA GLU C 451 -20.33 -26.66 -6.03
C GLU C 451 -19.46 -25.49 -5.62
N ALA C 452 -18.31 -25.75 -4.99
CA ALA C 452 -17.35 -24.72 -4.63
C ALA C 452 -16.28 -24.53 -5.69
N GLY C 453 -16.37 -25.25 -6.81
CA GLY C 453 -15.37 -25.12 -7.86
C GLY C 453 -14.06 -25.81 -7.58
N VAL C 454 -14.05 -26.85 -6.75
CA VAL C 454 -12.82 -27.53 -6.41
C VAL C 454 -12.36 -28.37 -7.59
N ILE C 455 -11.10 -28.21 -7.99
CA ILE C 455 -10.52 -29.03 -9.04
C ILE C 455 -10.42 -30.46 -8.52
N LEU C 456 -11.29 -31.33 -9.02
CA LEU C 456 -11.35 -32.68 -8.48
C LEU C 456 -11.42 -33.76 -9.55
N GLY C 457 -11.01 -33.47 -10.78
CA GLY C 457 -11.00 -34.49 -11.81
C GLY C 457 -11.45 -33.93 -13.13
N MET C 458 -11.67 -34.84 -14.08
CA MET C 458 -11.93 -34.48 -15.46
C MET C 458 -12.93 -35.49 -16.02
N VAL C 459 -13.33 -35.28 -17.27
CA VAL C 459 -14.00 -36.29 -18.08
C VAL C 459 -13.64 -36.02 -19.54
N THR C 460 -13.31 -37.09 -20.26
CA THR C 460 -12.83 -36.96 -21.62
C THR C 460 -13.54 -37.97 -22.52
N LEU C 461 -13.20 -37.93 -23.80
CA LEU C 461 -13.74 -38.91 -24.74
C LEU C 461 -13.28 -40.31 -24.38
N GLY C 462 -11.97 -40.50 -24.24
CA GLY C 462 -11.45 -41.83 -23.94
C GLY C 462 -11.86 -42.31 -22.57
N ASN C 463 -11.82 -41.42 -21.59
CA ASN C 463 -12.31 -41.75 -20.25
C ASN C 463 -13.75 -42.25 -20.31
N MET C 464 -14.58 -41.55 -21.07
CA MET C 464 -16.01 -41.83 -21.02
C MET C 464 -16.38 -42.95 -21.99
N LEU C 465 -15.74 -43.00 -23.16
CA LEU C 465 -16.00 -44.09 -24.10
C LEU C 465 -15.55 -45.43 -23.51
N SER C 466 -14.35 -45.47 -22.93
CA SER C 466 -13.89 -46.69 -22.31
C SER C 466 -14.79 -47.10 -21.16
N SER C 467 -15.21 -46.13 -20.35
CA SER C 467 -16.04 -46.44 -19.20
C SER C 467 -17.38 -47.03 -19.62
N LEU C 468 -18.04 -46.39 -20.59
CA LEU C 468 -19.31 -46.92 -21.07
C LEU C 468 -19.13 -48.25 -21.79
N LEU C 469 -18.05 -48.38 -22.57
CA LEU C 469 -17.80 -49.64 -23.25
C LEU C 469 -17.38 -50.73 -22.26
N ALA C 470 -16.70 -50.35 -21.17
CA ALA C 470 -16.39 -51.32 -20.14
C ALA C 470 -17.63 -51.73 -19.34
N GLY C 471 -18.73 -50.98 -19.47
CA GLY C 471 -19.96 -51.30 -18.78
C GLY C 471 -20.05 -50.82 -17.35
N LYS C 472 -18.99 -50.21 -16.82
CA LYS C 472 -19.04 -49.72 -15.44
C LYS C 472 -20.09 -48.63 -15.28
N VAL C 473 -20.21 -47.74 -16.26
CA VAL C 473 -21.24 -46.72 -16.27
C VAL C 473 -22.23 -47.04 -17.39
N GLN C 474 -23.51 -47.07 -17.04
CA GLN C 474 -24.54 -47.08 -18.05
C GLN C 474 -24.70 -45.65 -18.57
N PRO C 475 -25.40 -45.47 -19.70
CA PRO C 475 -25.69 -44.10 -20.12
C PRO C 475 -26.43 -43.30 -19.07
N SER C 476 -27.24 -43.96 -18.26
CA SER C 476 -27.91 -43.29 -17.15
C SER C 476 -27.02 -43.11 -15.94
N ASP C 477 -25.83 -43.71 -15.94
CA ASP C 477 -24.93 -43.61 -14.79
C ASP C 477 -24.39 -42.19 -14.65
N GLN C 478 -23.91 -41.88 -13.45
CA GLN C 478 -23.29 -40.59 -13.18
C GLN C 478 -21.83 -40.61 -13.60
N VAL C 479 -21.28 -39.41 -13.83
CA VAL C 479 -19.88 -39.31 -14.20
C VAL C 479 -18.99 -39.43 -12.98
N GLY C 480 -19.58 -39.28 -11.78
CA GLY C 480 -18.80 -39.33 -10.56
C GLY C 480 -18.05 -40.63 -10.36
N LYS C 481 -18.52 -41.70 -10.98
CA LYS C 481 -17.85 -42.99 -10.85
C LYS C 481 -16.59 -43.08 -11.70
N VAL C 482 -16.51 -42.34 -12.80
CA VAL C 482 -15.44 -42.52 -13.78
C VAL C 482 -14.74 -41.20 -14.08
N ILE C 483 -14.68 -40.31 -13.09
CA ILE C 483 -14.05 -39.02 -13.28
C ILE C 483 -12.62 -39.20 -13.75
N TYR C 484 -12.30 -38.63 -14.91
CA TYR C 484 -10.94 -38.64 -15.42
C TYR C 484 -10.03 -37.89 -14.45
N LYS C 485 -8.88 -38.49 -14.15
CA LYS C 485 -7.96 -37.94 -13.15
C LYS C 485 -6.53 -37.78 -13.63
N GLN C 486 -6.11 -38.52 -14.64
CA GLN C 486 -4.72 -38.55 -15.09
C GLN C 486 -4.38 -37.38 -15.99
N PHE C 487 -5.17 -36.32 -15.94
CA PHE C 487 -4.95 -35.16 -16.76
C PHE C 487 -3.63 -34.48 -16.44
N LYS C 488 -2.94 -34.06 -17.49
CA LYS C 488 -1.82 -33.16 -17.35
C LYS C 488 -2.31 -31.73 -17.23
N GLN C 489 -1.71 -30.99 -16.30
CA GLN C 489 -2.25 -29.70 -15.90
C GLN C 489 -1.17 -28.64 -16.03
N ILE C 490 -1.60 -27.45 -16.45
CA ILE C 490 -0.72 -26.29 -16.59
C ILE C 490 -1.38 -25.11 -15.90
N ARG C 491 -0.59 -24.07 -15.65
CA ARG C 491 -1.10 -22.84 -15.06
C ARG C 491 -1.22 -21.75 -16.12
N LEU C 492 -2.25 -20.92 -15.98
CA LEU C 492 -2.53 -19.89 -16.98
C LEU C 492 -1.39 -18.89 -17.13
N THR C 493 -0.56 -18.74 -16.11
CA THR C 493 0.57 -17.82 -16.18
C THR C 493 1.74 -18.40 -16.98
N ASP C 494 1.63 -19.64 -17.46
CA ASP C 494 2.72 -20.28 -18.16
C ASP C 494 2.71 -19.85 -19.63
N THR C 495 3.53 -20.48 -20.45
CA THR C 495 3.70 -20.09 -21.85
C THR C 495 3.07 -21.13 -22.78
N LEU C 496 2.90 -20.73 -24.04
CA LEU C 496 2.35 -21.66 -25.03
C LEU C 496 3.26 -22.85 -25.27
N GLY C 497 4.58 -22.61 -25.36
CA GLY C 497 5.49 -23.66 -25.76
C GLY C 497 5.40 -24.90 -24.90
N ARG C 498 5.31 -24.72 -23.57
CA ARG C 498 5.13 -25.86 -22.69
C ARG C 498 3.71 -26.39 -22.79
N LEU C 499 2.72 -25.51 -22.87
CA LEU C 499 1.36 -25.95 -23.09
C LEU C 499 1.23 -26.68 -24.42
N SER C 500 1.81 -26.11 -25.48
CA SER C 500 1.86 -26.82 -26.76
C SER C 500 2.62 -28.13 -26.60
N HIS C 501 3.74 -28.10 -25.88
CA HIS C 501 4.38 -29.34 -25.49
C HIS C 501 3.41 -30.24 -24.73
N ILE C 502 2.70 -29.66 -23.76
CA ILE C 502 1.78 -30.43 -22.95
C ILE C 502 0.67 -31.03 -23.80
N LEU C 503 0.12 -30.23 -24.72
CA LEU C 503 -0.95 -30.75 -25.58
C LEU C 503 -0.46 -31.79 -26.58
N GLU C 504 0.85 -31.91 -26.77
CA GLU C 504 1.35 -32.79 -27.83
C GLU C 504 0.96 -34.24 -27.59
N MET C 505 1.09 -34.71 -26.36
CA MET C 505 0.77 -36.11 -26.04
C MET C 505 -0.55 -36.28 -25.32
N ASP C 506 -1.50 -35.37 -25.48
CA ASP C 506 -2.83 -35.61 -24.93
C ASP C 506 -3.85 -34.88 -25.80
N HIS C 507 -5.09 -35.30 -25.67
CA HIS C 507 -6.17 -34.65 -26.41
C HIS C 507 -6.52 -33.28 -25.82
N PHE C 508 -6.14 -33.02 -24.58
CA PHE C 508 -6.55 -31.80 -23.89
C PHE C 508 -5.58 -31.53 -22.76
N ALA C 509 -5.73 -30.34 -22.16
CA ALA C 509 -4.93 -29.94 -21.02
C ALA C 509 -5.76 -29.04 -20.11
N LEU C 510 -5.58 -29.19 -18.80
CA LEU C 510 -6.30 -28.37 -17.85
C LEU C 510 -5.46 -27.17 -17.44
N VAL C 511 -6.09 -26.02 -17.35
CA VAL C 511 -5.49 -24.82 -16.78
C VAL C 511 -6.20 -24.49 -15.48
N VAL C 512 -5.44 -24.22 -14.44
CA VAL C 512 -6.02 -23.96 -13.12
C VAL C 512 -5.74 -22.51 -12.74
N HIS C 513 -6.23 -22.12 -11.56
CA HIS C 513 -5.92 -20.83 -10.99
C HIS C 513 -5.99 -20.96 -9.47
N GLU C 514 -5.45 -19.98 -8.78
CA GLU C 514 -5.35 -20.08 -7.33
C GLU C 514 -6.01 -18.87 -6.68
N GLN C 515 -6.55 -19.11 -5.49
CA GLN C 515 -7.29 -18.09 -4.75
C GLN C 515 -7.10 -18.36 -3.27
N ILE C 516 -6.30 -17.53 -2.60
CA ILE C 516 -5.90 -17.75 -1.23
C ILE C 516 -6.88 -17.03 -0.30
N GLN C 517 -7.78 -17.79 0.30
CA GLN C 517 -8.71 -17.27 1.28
C GLN C 517 -8.00 -17.15 2.62
N TYR C 518 -8.49 -16.26 3.48
CA TYR C 518 -7.89 -16.05 4.79
C TYR C 518 -8.94 -16.24 5.87
N HIS C 519 -8.59 -17.02 6.89
CA HIS C 519 -9.53 -17.49 7.90
C HIS C 519 -10.08 -16.32 8.71
N SER C 520 -11.03 -16.63 9.59
CA SER C 520 -11.47 -15.64 10.58
C SER C 520 -10.30 -15.20 11.44
N THR C 521 -9.35 -16.11 11.68
CA THR C 521 -8.14 -15.81 12.41
C THR C 521 -7.05 -15.20 11.53
N GLY C 522 -7.36 -14.87 10.27
CA GLY C 522 -6.38 -14.23 9.42
C GLY C 522 -5.36 -15.15 8.80
N LYS C 523 -5.47 -16.46 9.01
CA LYS C 523 -4.52 -17.39 8.43
C LYS C 523 -4.85 -17.65 6.97
N SER C 524 -3.79 -17.70 6.15
CA SER C 524 -3.96 -17.91 4.72
C SER C 524 -4.46 -19.32 4.43
N SER C 525 -5.28 -19.43 3.40
CA SER C 525 -5.77 -20.72 2.92
C SER C 525 -5.88 -20.67 1.40
N GLN C 526 -5.08 -21.51 0.75
CA GLN C 526 -4.93 -21.49 -0.70
C GLN C 526 -5.94 -22.44 -1.33
N ARG C 527 -6.66 -21.94 -2.33
CA ARG C 527 -7.63 -22.74 -3.07
C ARG C 527 -7.30 -22.68 -4.55
N GLN C 528 -7.13 -23.85 -5.16
CA GLN C 528 -6.96 -23.90 -6.60
C GLN C 528 -8.31 -23.87 -7.31
N MET C 529 -8.38 -23.10 -8.38
CA MET C 529 -9.65 -22.80 -9.03
C MET C 529 -9.46 -23.03 -10.52
N VAL C 530 -10.51 -23.54 -11.18
CA VAL C 530 -10.41 -23.86 -12.59
C VAL C 530 -10.36 -22.58 -13.42
N PHE C 531 -9.38 -22.50 -14.32
CA PHE C 531 -9.45 -21.41 -15.27
C PHE C 531 -10.26 -21.80 -16.50
N GLY C 532 -10.06 -23.00 -17.01
CA GLY C 532 -10.80 -23.44 -18.17
C GLY C 532 -10.21 -24.71 -18.74
N VAL C 533 -10.58 -25.00 -19.98
CA VAL C 533 -10.16 -26.22 -20.67
C VAL C 533 -9.69 -25.85 -22.06
N VAL C 534 -8.49 -26.27 -22.41
CA VAL C 534 -7.88 -25.92 -23.68
C VAL C 534 -7.53 -27.17 -24.47
N THR C 535 -7.92 -27.17 -25.74
CA THR C 535 -7.39 -28.09 -26.72
C THR C 535 -6.70 -27.27 -27.80
N ALA C 536 -6.03 -27.99 -28.72
CA ALA C 536 -5.21 -27.32 -29.72
C ALA C 536 -6.02 -26.35 -30.57
N ILE C 537 -7.34 -26.53 -30.62
CA ILE C 537 -8.20 -25.58 -31.32
C ILE C 537 -7.95 -24.18 -30.80
N ASP C 538 -7.93 -24.04 -29.48
CA ASP C 538 -7.66 -22.75 -28.87
C ASP C 538 -6.34 -22.18 -29.36
N LEU C 539 -5.30 -23.01 -29.35
CA LEU C 539 -4.02 -22.60 -29.90
C LEU C 539 -4.16 -22.28 -31.39
N LEU C 540 -4.80 -23.19 -32.12
CA LEU C 540 -4.95 -22.99 -33.56
C LEU C 540 -5.84 -21.80 -33.86
N ASN C 541 -6.94 -21.65 -33.10
CA ASN C 541 -7.82 -20.52 -33.32
C ASN C 541 -7.10 -19.20 -33.05
N PHE C 542 -6.32 -19.16 -31.97
CA PHE C 542 -5.63 -17.92 -31.63
C PHE C 542 -4.46 -17.66 -32.58
N VAL C 543 -3.71 -18.70 -32.92
CA VAL C 543 -2.59 -18.49 -33.84
C VAL C 543 -3.12 -18.12 -35.22
N ALA C 544 -4.31 -18.60 -35.58
CA ALA C 544 -4.95 -18.13 -36.81
C ALA C 544 -5.26 -16.65 -36.71
N ALA C 545 -5.73 -16.20 -35.54
CA ALA C 545 -5.91 -14.78 -35.33
C ALA C 545 -4.57 -14.05 -35.27
N GLN C 546 -3.56 -14.68 -34.67
CA GLN C 546 -2.23 -14.08 -34.60
C GLN C 546 -1.61 -13.87 -35.96
N GLU C 547 -2.07 -14.58 -36.99
CA GLU C 547 -1.67 -14.26 -38.35
C GLU C 547 -2.02 -12.82 -38.69
N ARG C 548 -3.12 -12.31 -38.13
CA ARG C 548 -3.54 -10.94 -38.35
C ARG C 548 -3.01 -10.01 -37.26
N ASP C 549 -2.76 -10.53 -36.06
CA ASP C 549 -2.30 -9.71 -34.95
C ASP C 549 -0.79 -9.47 -34.95
N GLN C 550 -0.03 -10.23 -35.74
CA GLN C 550 1.40 -10.01 -35.81
C GLN C 550 1.73 -8.83 -36.72
N LYS C 551 1.19 -7.66 -36.38
CA LYS C 551 1.36 -6.48 -37.21
C LYS C 551 1.71 -5.28 -36.35
N TRP D 408 -25.36 -54.47 -24.64
CA TRP D 408 -26.29 -55.04 -25.60
C TRP D 408 -26.10 -54.38 -26.97
N TRP D 409 -25.83 -53.08 -26.94
CA TRP D 409 -25.76 -52.29 -28.16
C TRP D 409 -24.62 -52.75 -29.06
N TRP D 410 -23.54 -53.28 -28.49
CA TRP D 410 -22.39 -53.67 -29.29
C TRP D 410 -22.75 -54.71 -30.34
N HIS D 411 -23.82 -55.48 -30.12
CA HIS D 411 -24.27 -56.45 -31.10
C HIS D 411 -24.90 -55.80 -32.32
N LEU D 412 -25.24 -54.52 -32.24
CA LEU D 412 -26.02 -53.88 -33.28
C LEU D 412 -25.19 -53.64 -34.54
N ARG D 413 -25.91 -53.43 -35.65
CA ARG D 413 -25.28 -53.12 -36.92
C ARG D 413 -24.70 -51.72 -36.91
N VAL D 414 -23.59 -51.54 -37.63
CA VAL D 414 -22.98 -50.22 -37.74
C VAL D 414 -23.97 -49.21 -38.35
N GLN D 415 -24.74 -49.64 -39.34
CA GLN D 415 -25.65 -48.72 -40.02
C GLN D 415 -26.72 -48.19 -39.07
N GLU D 416 -26.98 -48.90 -37.98
CA GLU D 416 -28.06 -48.50 -37.08
C GLU D 416 -27.82 -47.11 -36.51
N LEU D 417 -26.56 -46.75 -36.27
CA LEU D 417 -26.27 -45.50 -35.58
C LEU D 417 -26.78 -44.30 -36.36
N GLY D 418 -26.61 -44.29 -37.68
CA GLY D 418 -27.06 -43.16 -38.46
C GLY D 418 -26.10 -41.99 -38.40
N LEU D 419 -24.88 -42.20 -38.91
CA LEU D 419 -23.86 -41.16 -38.95
C LEU D 419 -24.19 -40.15 -40.05
N SER D 420 -24.99 -39.16 -39.65
CA SER D 420 -25.65 -38.31 -40.63
C SER D 420 -24.66 -37.57 -41.52
N ALA D 421 -23.71 -36.88 -40.91
CA ALA D 421 -22.95 -35.89 -41.64
C ALA D 421 -21.93 -36.54 -42.56
N PRO D 422 -22.01 -36.34 -43.86
CA PRO D 422 -20.91 -36.69 -44.75
C PRO D 422 -20.01 -35.51 -45.07
N LEU D 423 -19.22 -35.00 -44.12
CA LEU D 423 -18.44 -33.80 -44.39
C LEU D 423 -16.97 -34.19 -44.56
N THR D 424 -16.39 -33.77 -45.68
CA THR D 424 -15.01 -34.10 -46.02
C THR D 424 -14.34 -32.90 -46.65
N VAL D 425 -13.05 -33.04 -46.94
CA VAL D 425 -12.25 -31.95 -47.49
C VAL D 425 -11.37 -32.46 -48.62
N LEU D 426 -10.88 -31.51 -49.42
CA LEU D 426 -9.89 -31.80 -50.43
C LEU D 426 -8.48 -31.64 -49.84
N PRO D 427 -7.46 -32.24 -50.45
CA PRO D 427 -6.09 -32.15 -49.89
C PRO D 427 -5.41 -30.81 -50.15
N THR D 428 -6.18 -29.82 -50.60
CA THR D 428 -5.59 -28.52 -50.91
C THR D 428 -6.06 -27.39 -50.02
N ILE D 429 -7.01 -27.63 -49.11
CA ILE D 429 -7.52 -26.55 -48.27
C ILE D 429 -6.49 -26.19 -47.21
N THR D 430 -6.40 -24.90 -46.90
CA THR D 430 -5.48 -24.40 -45.89
C THR D 430 -5.72 -25.10 -44.56
N CYS D 431 -4.63 -25.46 -43.88
CA CYS D 431 -4.71 -26.20 -42.63
C CYS D 431 -5.61 -25.48 -41.63
N GLY D 432 -5.35 -24.20 -41.38
CA GLY D 432 -6.16 -23.45 -40.44
C GLY D 432 -7.62 -23.37 -40.84
N HIS D 433 -7.89 -23.24 -42.14
CA HIS D 433 -9.27 -23.18 -42.61
C HIS D 433 -10.03 -24.44 -42.25
N THR D 434 -9.39 -25.60 -42.44
CA THR D 434 -9.98 -26.85 -41.98
C THR D 434 -10.30 -26.76 -40.50
N ILE D 435 -9.33 -26.29 -39.71
CA ILE D 435 -9.49 -26.25 -38.26
C ILE D 435 -10.66 -25.36 -37.89
N GLU D 436 -10.76 -24.18 -38.52
CA GLU D 436 -11.88 -23.29 -38.21
C GLU D 436 -13.21 -23.97 -38.52
N ILE D 437 -13.31 -24.60 -39.69
CA ILE D 437 -14.58 -25.20 -40.08
C ILE D 437 -15.00 -26.28 -39.09
N LEU D 438 -14.08 -27.17 -38.73
CA LEU D 438 -14.43 -28.23 -37.80
C LEU D 438 -14.75 -27.66 -36.43
N ARG D 439 -13.99 -26.66 -35.99
CA ARG D 439 -14.09 -26.20 -34.61
C ARG D 439 -15.37 -25.43 -34.35
N GLU D 440 -15.79 -24.57 -35.30
CA GLU D 440 -17.07 -23.91 -35.12
C GLU D 440 -18.19 -24.94 -35.08
N LYS D 441 -18.16 -25.90 -36.00
CA LYS D 441 -19.05 -27.04 -35.90
C LYS D 441 -18.67 -28.00 -34.78
N GLY D 442 -17.50 -27.83 -34.18
CA GLY D 442 -17.02 -28.73 -33.16
C GLY D 442 -16.38 -30.00 -33.66
N PHE D 443 -16.35 -30.24 -34.97
CA PHE D 443 -15.71 -31.44 -35.50
C PHE D 443 -14.24 -31.49 -35.14
N ASP D 444 -13.65 -32.67 -35.37
CA ASP D 444 -12.26 -32.94 -35.04
C ASP D 444 -11.48 -33.46 -36.25
N GLN D 445 -12.18 -33.96 -37.27
CA GLN D 445 -11.50 -34.62 -38.38
C GLN D 445 -12.28 -34.37 -39.65
N ALA D 446 -11.64 -34.65 -40.79
CA ALA D 446 -12.30 -34.46 -42.07
C ALA D 446 -11.68 -35.38 -43.10
N PRO D 447 -12.49 -36.19 -43.79
CA PRO D 447 -11.94 -37.04 -44.85
C PRO D 447 -11.29 -36.21 -45.94
N VAL D 448 -10.18 -36.74 -46.43
CA VAL D 448 -9.45 -36.15 -47.54
C VAL D 448 -9.75 -37.00 -48.77
N VAL D 449 -10.55 -36.45 -49.68
CA VAL D 449 -10.97 -37.15 -50.88
C VAL D 449 -10.81 -36.22 -52.07
N ASP D 450 -10.78 -36.81 -53.25
CA ASP D 450 -10.67 -36.03 -54.47
C ASP D 450 -12.03 -35.43 -54.82
N GLU D 451 -12.08 -34.69 -55.93
CA GLU D 451 -13.35 -34.21 -56.43
C GLU D 451 -14.25 -35.37 -56.84
N ALA D 452 -13.66 -36.48 -57.29
CA ALA D 452 -14.41 -37.69 -57.57
C ALA D 452 -14.91 -38.36 -56.30
N GLY D 453 -14.46 -37.92 -55.13
CA GLY D 453 -14.89 -38.49 -53.88
C GLY D 453 -14.13 -39.72 -53.43
N VAL D 454 -13.10 -40.12 -54.15
CA VAL D 454 -12.35 -41.32 -53.80
C VAL D 454 -11.63 -41.10 -52.48
N ILE D 455 -11.83 -42.03 -51.54
CA ILE D 455 -11.19 -41.95 -50.24
C ILE D 455 -9.69 -42.03 -50.41
N LEU D 456 -8.99 -40.93 -50.14
CA LEU D 456 -7.55 -40.89 -50.31
C LEU D 456 -6.81 -40.42 -49.06
N GLY D 457 -7.50 -40.29 -47.94
CA GLY D 457 -6.81 -40.02 -46.70
C GLY D 457 -7.73 -39.37 -45.67
N MET D 458 -7.10 -38.88 -44.62
CA MET D 458 -7.78 -38.34 -43.44
C MET D 458 -6.92 -37.20 -42.90
N VAL D 459 -7.53 -36.37 -42.05
CA VAL D 459 -6.79 -35.40 -41.26
C VAL D 459 -7.47 -35.25 -39.91
N THR D 460 -6.67 -35.31 -38.85
CA THR D 460 -7.16 -35.22 -37.48
C THR D 460 -6.34 -34.20 -36.72
N LEU D 461 -6.96 -33.60 -35.70
CA LEU D 461 -6.29 -32.57 -34.91
C LEU D 461 -5.10 -33.15 -34.15
N GLY D 462 -5.24 -34.36 -33.60
CA GLY D 462 -4.10 -34.97 -32.93
C GLY D 462 -2.90 -35.07 -33.84
N ASN D 463 -3.10 -35.52 -35.07
CA ASN D 463 -2.07 -35.39 -36.10
C ASN D 463 -1.76 -33.94 -36.37
N MET D 464 -2.80 -33.11 -36.49
CA MET D 464 -2.61 -31.72 -36.91
C MET D 464 -1.83 -30.94 -35.86
N LEU D 465 -2.20 -31.09 -34.59
CA LEU D 465 -1.44 -30.42 -33.53
C LEU D 465 -0.01 -30.93 -33.50
N SER D 466 0.17 -32.25 -33.64
CA SER D 466 1.51 -32.80 -33.73
C SER D 466 2.22 -32.29 -34.98
N SER D 467 1.50 -32.23 -36.10
CA SER D 467 2.11 -31.77 -37.34
C SER D 467 2.49 -30.29 -37.23
N LEU D 468 1.58 -29.45 -36.74
CA LEU D 468 1.90 -28.03 -36.60
C LEU D 468 3.05 -27.82 -35.63
N LEU D 469 3.01 -28.50 -34.50
CA LEU D 469 4.09 -28.36 -33.52
C LEU D 469 5.38 -29.03 -34.01
N ALA D 470 5.27 -29.96 -34.95
CA ALA D 470 6.48 -30.49 -35.59
C ALA D 470 7.16 -29.46 -36.48
N GLY D 471 6.49 -28.35 -36.80
CA GLY D 471 7.05 -27.32 -37.64
C GLY D 471 6.96 -27.59 -39.13
N LYS D 472 6.39 -28.73 -39.54
CA LYS D 472 6.30 -29.06 -40.95
C LYS D 472 5.31 -28.17 -41.70
N VAL D 473 4.27 -27.69 -41.03
CA VAL D 473 3.23 -26.92 -41.68
C VAL D 473 2.88 -25.71 -40.83
N GLN D 474 2.72 -24.57 -41.49
CA GLN D 474 2.08 -23.43 -40.88
C GLN D 474 0.58 -23.69 -40.84
N PRO D 475 -0.16 -22.95 -40.01
CA PRO D 475 -1.62 -23.00 -40.12
C PRO D 475 -2.10 -22.59 -41.49
N SER D 476 -1.36 -21.71 -42.16
CA SER D 476 -1.69 -21.30 -43.52
C SER D 476 -1.35 -22.37 -44.54
N ASP D 477 -0.62 -23.42 -44.15
CA ASP D 477 -0.21 -24.44 -45.10
C ASP D 477 -1.41 -25.28 -45.55
N GLN D 478 -1.23 -25.98 -46.66
CA GLN D 478 -2.27 -26.85 -47.19
C GLN D 478 -2.41 -28.11 -46.34
N VAL D 479 -3.60 -28.69 -46.36
CA VAL D 479 -3.91 -29.81 -45.48
C VAL D 479 -3.35 -31.11 -46.04
N GLY D 480 -3.09 -31.17 -47.35
CA GLY D 480 -2.67 -32.41 -47.97
C GLY D 480 -1.34 -32.92 -47.46
N LYS D 481 -0.42 -32.03 -47.11
CA LYS D 481 0.91 -32.45 -46.68
C LYS D 481 0.92 -33.09 -45.30
N VAL D 482 -0.20 -33.02 -44.57
CA VAL D 482 -0.29 -33.64 -43.26
C VAL D 482 -1.43 -34.65 -43.26
N ILE D 483 -1.66 -35.27 -44.40
CA ILE D 483 -2.78 -36.18 -44.57
C ILE D 483 -2.63 -37.38 -43.64
N TYR D 484 -3.54 -37.51 -42.69
CA TYR D 484 -3.56 -38.63 -41.76
C TYR D 484 -4.17 -39.85 -42.42
N LYS D 485 -3.59 -40.28 -43.55
CA LYS D 485 -4.20 -41.31 -44.38
C LYS D 485 -4.38 -42.63 -43.64
N GLN D 486 -3.62 -42.90 -42.59
CA GLN D 486 -3.85 -44.09 -41.79
C GLN D 486 -5.09 -43.89 -40.91
N PHE D 487 -5.95 -44.89 -40.87
CA PHE D 487 -7.09 -44.86 -39.97
C PHE D 487 -7.61 -46.27 -39.76
N LYS D 488 -8.13 -46.51 -38.56
CA LYS D 488 -8.87 -47.74 -38.31
C LYS D 488 -10.21 -47.66 -39.02
N GLN D 489 -10.33 -48.37 -40.14
CA GLN D 489 -11.49 -48.22 -41.00
C GLN D 489 -12.35 -49.48 -40.93
N ILE D 490 -13.66 -49.26 -40.88
CA ILE D 490 -14.64 -50.33 -40.78
C ILE D 490 -15.70 -50.09 -41.85
N ARG D 491 -16.48 -51.12 -42.15
CA ARG D 491 -17.55 -51.01 -43.12
C ARG D 491 -18.89 -50.80 -42.42
N LEU D 492 -19.80 -50.12 -43.11
CA LEU D 492 -21.13 -49.87 -42.55
C LEU D 492 -21.89 -51.16 -42.29
N THR D 493 -21.59 -52.21 -43.04
CA THR D 493 -22.26 -53.50 -42.86
C THR D 493 -21.76 -54.28 -41.67
N ASP D 494 -20.91 -53.69 -40.83
CA ASP D 494 -20.25 -54.42 -39.77
C ASP D 494 -20.98 -54.20 -38.45
N THR D 495 -20.42 -54.76 -37.38
CA THR D 495 -21.05 -54.74 -36.07
C THR D 495 -20.63 -53.51 -35.30
N LEU D 496 -21.51 -53.05 -34.41
CA LEU D 496 -21.18 -51.92 -33.56
C LEU D 496 -20.01 -52.24 -32.63
N GLY D 497 -19.98 -53.45 -32.08
CA GLY D 497 -18.97 -53.79 -31.09
C GLY D 497 -17.56 -53.65 -31.62
N ARG D 498 -17.30 -54.11 -32.83
CA ARG D 498 -15.96 -54.02 -33.39
C ARG D 498 -15.57 -52.60 -33.73
N LEU D 499 -16.52 -51.82 -34.25
CA LEU D 499 -16.29 -50.38 -34.38
C LEU D 499 -16.11 -49.75 -33.00
N SER D 500 -16.97 -50.14 -32.04
CA SER D 500 -16.76 -49.71 -30.68
C SER D 500 -15.42 -50.20 -30.16
N HIS D 501 -15.05 -51.43 -30.50
CA HIS D 501 -13.68 -51.88 -30.27
C HIS D 501 -12.69 -50.98 -30.99
N ILE D 502 -12.98 -50.61 -32.23
CA ILE D 502 -12.04 -49.79 -32.99
C ILE D 502 -11.87 -48.44 -32.33
N LEU D 503 -12.97 -47.81 -31.92
CA LEU D 503 -12.88 -46.51 -31.26
C LEU D 503 -12.30 -46.59 -29.86
N GLU D 504 -12.20 -47.79 -29.29
CA GLU D 504 -11.75 -47.91 -27.91
C GLU D 504 -10.32 -47.42 -27.71
N MET D 505 -9.42 -47.73 -28.65
CA MET D 505 -8.06 -47.22 -28.57
C MET D 505 -7.74 -46.36 -29.80
N ASP D 506 -8.66 -45.46 -30.14
CA ASP D 506 -8.34 -44.48 -31.16
C ASP D 506 -9.03 -43.17 -30.83
N HIS D 507 -8.47 -42.09 -31.37
CA HIS D 507 -9.09 -40.78 -31.21
C HIS D 507 -10.34 -40.65 -32.09
N PHE D 508 -10.45 -41.47 -33.12
CA PHE D 508 -11.60 -41.43 -34.02
C PHE D 508 -11.60 -42.71 -34.84
N ALA D 509 -12.66 -42.89 -35.63
CA ALA D 509 -12.79 -44.05 -36.50
C ALA D 509 -13.40 -43.62 -37.82
N LEU D 510 -13.27 -44.48 -38.83
CA LEU D 510 -13.81 -44.20 -40.15
C LEU D 510 -14.67 -45.36 -40.63
N VAL D 511 -15.79 -45.02 -41.26
CA VAL D 511 -16.60 -45.99 -41.99
C VAL D 511 -16.58 -45.58 -43.46
N VAL D 512 -16.76 -46.55 -44.34
CA VAL D 512 -16.66 -46.32 -45.77
C VAL D 512 -17.85 -46.96 -46.47
N HIS D 513 -18.15 -46.46 -47.66
CA HIS D 513 -19.24 -46.95 -48.48
C HIS D 513 -18.66 -47.46 -49.79
N GLU D 514 -18.89 -48.74 -50.07
CA GLU D 514 -18.36 -49.36 -51.27
C GLU D 514 -19.22 -49.05 -52.48
N GLN D 515 -18.63 -49.22 -53.66
CA GLN D 515 -19.29 -48.91 -54.92
C GLN D 515 -18.51 -49.55 -56.06
N ILE D 516 -19.21 -50.25 -56.95
CA ILE D 516 -18.57 -50.92 -58.07
C ILE D 516 -19.14 -50.37 -59.37
N GLN D 517 -18.25 -49.91 -60.24
CA GLN D 517 -18.60 -49.33 -61.53
C GLN D 517 -18.19 -50.28 -62.64
N TYR D 518 -18.96 -50.30 -63.71
CA TYR D 518 -18.68 -51.14 -64.87
C TYR D 518 -18.49 -50.25 -66.09
N HIS D 519 -17.36 -50.43 -66.77
CA HIS D 519 -16.97 -49.57 -67.88
C HIS D 519 -17.69 -49.97 -69.16
N SER D 520 -17.22 -49.40 -70.28
CA SER D 520 -17.85 -49.64 -71.57
C SER D 520 -17.83 -51.12 -71.94
N THR D 521 -16.71 -51.78 -71.70
CA THR D 521 -16.58 -53.21 -71.95
C THR D 521 -17.24 -54.05 -70.87
N GLY D 522 -17.82 -53.42 -69.85
CA GLY D 522 -18.48 -54.14 -68.79
C GLY D 522 -17.55 -54.75 -67.76
N LYS D 523 -16.25 -54.52 -67.87
CA LYS D 523 -15.32 -55.04 -66.88
C LYS D 523 -15.57 -54.31 -65.57
N SER D 524 -15.68 -55.07 -64.49
CA SER D 524 -16.06 -54.51 -63.20
C SER D 524 -14.94 -53.64 -62.62
N SER D 525 -15.33 -52.73 -61.75
CA SER D 525 -14.36 -51.92 -61.03
C SER D 525 -14.87 -51.72 -59.61
N GLN D 526 -14.03 -51.13 -58.77
CA GLN D 526 -14.39 -50.86 -57.39
C GLN D 526 -14.11 -49.42 -57.01
N ARG D 527 -15.03 -48.84 -56.25
CA ARG D 527 -14.87 -47.53 -55.67
C ARG D 527 -15.34 -47.57 -54.22
N GLN D 528 -14.77 -46.69 -53.40
CA GLN D 528 -15.09 -46.63 -51.98
C GLN D 528 -15.41 -45.18 -51.63
N MET D 529 -16.66 -44.93 -51.26
CA MET D 529 -17.06 -43.61 -50.81
C MET D 529 -17.15 -43.59 -49.28
N VAL D 530 -17.29 -42.39 -48.74
CA VAL D 530 -17.41 -42.25 -47.31
C VAL D 530 -18.88 -42.32 -46.92
N PHE D 531 -19.21 -43.28 -46.06
CA PHE D 531 -20.54 -43.32 -45.49
C PHE D 531 -20.71 -42.24 -44.43
N GLY D 532 -19.65 -42.00 -43.67
CA GLY D 532 -19.70 -41.01 -42.61
C GLY D 532 -18.46 -41.13 -41.75
N VAL D 533 -18.30 -40.16 -40.87
CA VAL D 533 -17.20 -40.23 -39.90
C VAL D 533 -17.76 -40.36 -38.49
N VAL D 534 -17.23 -41.32 -37.75
CA VAL D 534 -17.78 -41.67 -36.46
C VAL D 534 -16.72 -41.45 -35.38
N THR D 535 -17.14 -40.86 -34.28
CA THR D 535 -16.40 -40.90 -33.03
C THR D 535 -17.25 -41.62 -31.99
N ALA D 536 -16.76 -41.62 -30.76
CA ALA D 536 -17.50 -42.30 -29.70
C ALA D 536 -18.86 -41.68 -29.48
N ILE D 537 -18.94 -40.35 -29.48
CA ILE D 537 -20.15 -39.68 -29.02
C ILE D 537 -21.32 -40.00 -29.94
N ASP D 538 -21.03 -40.42 -31.17
CA ASP D 538 -22.09 -40.99 -32.00
C ASP D 538 -22.74 -42.15 -31.30
N LEU D 539 -21.94 -43.14 -30.89
CA LEU D 539 -22.49 -44.32 -30.25
C LEU D 539 -23.16 -43.97 -28.94
N LEU D 540 -22.48 -43.17 -28.11
CA LEU D 540 -22.98 -42.87 -26.78
C LEU D 540 -24.32 -42.15 -26.85
N ASN D 541 -24.43 -41.16 -27.74
CA ASN D 541 -25.72 -40.53 -27.97
C ASN D 541 -26.71 -41.52 -28.55
N PHE D 542 -26.26 -42.34 -29.49
CA PHE D 542 -27.16 -43.27 -30.17
C PHE D 542 -27.70 -44.30 -29.19
N VAL D 543 -26.82 -44.90 -28.39
CA VAL D 543 -27.28 -45.88 -27.40
C VAL D 543 -28.14 -45.20 -26.34
N ALA D 544 -27.82 -43.95 -26.01
CA ALA D 544 -28.67 -43.20 -25.09
C ALA D 544 -30.06 -43.00 -25.68
N ALA D 545 -30.12 -42.68 -26.97
CA ALA D 545 -31.41 -42.50 -27.62
C ALA D 545 -32.10 -43.83 -27.88
N GLN D 546 -31.35 -44.83 -28.36
CA GLN D 546 -31.97 -46.10 -28.74
C GLN D 546 -32.50 -46.87 -27.55
N GLU D 547 -31.85 -46.76 -26.40
CA GLU D 547 -32.37 -47.45 -25.22
C GLU D 547 -33.67 -46.85 -24.72
N ARG D 548 -34.07 -45.69 -25.23
CA ARG D 548 -35.40 -45.15 -24.99
C ARG D 548 -36.47 -45.81 -25.85
N ASP D 549 -36.08 -46.58 -26.86
CA ASP D 549 -37.03 -47.22 -27.75
C ASP D 549 -36.98 -48.74 -27.63
N GLN D 550 -35.81 -49.32 -27.85
CA GLN D 550 -35.65 -50.77 -27.82
C GLN D 550 -35.20 -51.28 -26.45
N LYS D 551 -35.07 -50.40 -25.46
CA LYS D 551 -34.75 -50.83 -24.11
C LYS D 551 -35.63 -50.10 -23.11
N TRP E 408 10.31 4.79 37.37
CA TRP E 408 9.26 4.38 36.44
C TRP E 408 9.31 5.22 35.18
N TRP E 409 9.62 6.50 35.34
CA TRP E 409 9.59 7.43 34.21
C TRP E 409 10.66 7.09 33.18
N TRP E 410 11.77 6.51 33.62
CA TRP E 410 12.86 6.19 32.69
C TRP E 410 12.40 5.29 31.56
N HIS E 411 11.34 4.51 31.79
CA HIS E 411 10.77 3.69 30.73
C HIS E 411 10.12 4.53 29.65
N LEU E 412 9.72 5.76 30.00
CA LEU E 412 8.83 6.53 29.13
C LEU E 412 9.52 6.91 27.83
N ARG E 413 8.69 7.24 26.84
CA ARG E 413 9.17 7.59 25.51
C ARG E 413 9.59 9.05 25.47
N VAL E 414 10.64 9.34 24.69
CA VAL E 414 11.21 10.69 24.69
C VAL E 414 10.22 11.70 24.15
N GLN E 415 9.53 11.37 23.07
CA GLN E 415 8.67 12.35 22.39
C GLN E 415 7.60 12.92 23.31
N GLU E 416 7.25 12.21 24.38
CA GLU E 416 6.28 12.75 25.33
C GLU E 416 6.79 13.98 26.05
N LEU E 417 8.09 14.26 25.97
CA LEU E 417 8.67 15.30 26.81
C LEU E 417 8.47 16.72 26.29
N GLY E 418 7.61 17.02 25.31
CA GLY E 418 7.36 18.39 24.94
C GLY E 418 8.60 19.13 24.48
N LEU E 419 9.33 18.52 23.56
CA LEU E 419 10.66 19.00 23.20
C LEU E 419 10.54 20.17 22.22
N SER E 420 9.77 21.19 22.60
CA SER E 420 9.49 22.29 21.69
C SER E 420 10.71 23.18 21.54
N ALA E 421 11.72 22.71 20.81
CA ALA E 421 12.94 23.48 20.59
C ALA E 421 13.26 23.56 19.11
N PRO E 422 12.42 24.25 18.33
CA PRO E 422 12.73 24.42 16.91
C PRO E 422 13.88 25.38 16.68
N LEU E 423 14.26 26.16 17.68
CA LEU E 423 15.25 27.21 17.50
C LEU E 423 16.64 26.63 17.26
N THR E 424 17.36 27.23 16.34
CA THR E 424 18.73 26.85 16.03
C THR E 424 19.43 28.05 15.43
N VAL E 425 20.73 27.91 15.16
CA VAL E 425 21.52 29.02 14.67
C VAL E 425 22.31 28.59 13.44
N LEU E 426 22.60 29.56 12.58
CA LEU E 426 23.63 29.41 11.57
C LEU E 426 24.99 29.65 12.21
N PRO E 427 26.06 29.09 11.63
CA PRO E 427 27.40 29.39 12.14
C PRO E 427 27.82 30.84 11.96
N THR E 428 27.17 31.57 11.05
CA THR E 428 27.66 32.89 10.67
C THR E 428 27.43 33.93 11.77
N ILE E 429 26.43 33.74 12.62
CA ILE E 429 26.13 34.73 13.64
C ILE E 429 27.29 34.84 14.61
N THR E 430 27.45 36.02 15.21
CA THR E 430 28.51 36.21 16.18
C THR E 430 28.24 35.43 17.45
N CYS E 431 29.31 35.19 18.23
CA CYS E 431 29.17 34.48 19.49
C CYS E 431 28.28 35.23 20.47
N GLY E 432 28.58 36.51 20.70
CA GLY E 432 27.92 37.25 21.76
C GLY E 432 26.41 37.32 21.62
N HIS E 433 25.93 37.56 20.40
CA HIS E 433 24.49 37.61 20.18
C HIS E 433 23.83 36.28 20.52
N THR E 434 24.43 35.17 20.10
CA THR E 434 23.89 33.86 20.44
C THR E 434 23.76 33.70 21.95
N ILE E 435 24.82 34.01 22.68
CA ILE E 435 24.74 33.96 24.14
C ILE E 435 23.64 34.87 24.64
N GLU E 436 23.54 36.07 24.06
CA GLU E 436 22.44 36.95 24.40
C GLU E 436 21.11 36.31 24.04
N ILE E 437 21.02 35.73 22.85
CA ILE E 437 19.75 35.17 22.39
C ILE E 437 19.27 34.08 23.33
N LEU E 438 20.14 33.12 23.64
CA LEU E 438 19.75 32.11 24.62
C LEU E 438 19.49 32.73 25.97
N ARG E 439 20.14 33.86 26.27
CA ARG E 439 19.94 34.46 27.58
C ARG E 439 18.57 35.12 27.69
N GLU E 440 18.15 35.88 26.67
CA GLU E 440 16.92 36.64 26.85
C GLU E 440 15.71 35.72 26.76
N LYS E 441 15.74 34.78 25.82
CA LYS E 441 14.74 33.72 25.78
C LYS E 441 14.93 32.72 26.91
N GLY E 442 16.08 32.74 27.57
CA GLY E 442 16.25 31.88 28.73
C GLY E 442 16.98 30.59 28.49
N PHE E 443 17.44 30.30 27.27
CA PHE E 443 18.16 29.06 27.09
C PHE E 443 19.61 29.16 27.53
N ASP E 444 20.36 28.09 27.31
CA ASP E 444 21.77 28.02 27.63
C ASP E 444 22.55 27.60 26.39
N GLN E 445 21.98 26.68 25.61
CA GLN E 445 22.66 26.08 24.47
C GLN E 445 21.71 26.00 23.29
N ALA E 446 22.25 26.24 22.09
CA ALA E 446 21.44 26.29 20.88
C ALA E 446 22.12 25.50 19.77
N PRO E 447 21.37 24.79 18.95
CA PRO E 447 21.99 23.96 17.92
C PRO E 447 22.42 24.78 16.73
N VAL E 448 23.53 24.37 16.13
CA VAL E 448 24.07 25.01 14.93
C VAL E 448 23.83 24.08 13.76
N VAL E 449 23.13 24.59 12.75
CA VAL E 449 22.87 23.84 11.51
C VAL E 449 23.11 24.77 10.34
N ASP E 450 23.09 24.21 9.14
CA ASP E 450 23.19 25.02 7.94
C ASP E 450 21.82 25.59 7.59
N GLU E 451 21.77 26.31 6.47
CA GLU E 451 20.48 26.81 6.00
C GLU E 451 19.59 25.68 5.52
N ALA E 452 20.15 24.51 5.19
CA ALA E 452 19.37 23.34 4.86
C ALA E 452 18.92 22.56 6.09
N GLY E 453 19.33 23.00 7.28
CA GLY E 453 18.91 22.33 8.49
C GLY E 453 19.69 21.07 8.81
N VAL E 454 20.84 20.86 8.21
CA VAL E 454 21.64 19.68 8.46
C VAL E 454 22.38 19.84 9.78
N ILE E 455 22.26 18.83 10.65
CA ILE E 455 22.91 18.88 11.95
C ILE E 455 24.42 18.87 11.73
N LEU E 456 25.08 19.93 12.20
CA LEU E 456 26.51 20.06 12.02
C LEU E 456 27.26 20.55 13.24
N GLY E 457 26.58 20.80 14.35
CA GLY E 457 27.31 21.24 15.54
C GLY E 457 26.38 21.68 16.65
N MET E 458 26.97 22.39 17.61
CA MET E 458 26.29 22.75 18.85
C MET E 458 27.04 23.95 19.44
N VAL E 459 26.49 24.52 20.51
CA VAL E 459 27.19 25.55 21.25
C VAL E 459 26.70 25.51 22.69
N THR E 460 27.64 25.60 23.63
CA THR E 460 27.33 25.49 25.04
C THR E 460 28.00 26.64 25.80
N LEU E 461 27.63 26.76 27.07
CA LEU E 461 28.27 27.72 27.95
C LEU E 461 29.75 27.41 28.12
N GLY E 462 30.09 26.16 28.40
CA GLY E 462 31.49 25.79 28.52
C GLY E 462 32.23 25.92 27.20
N ASN E 463 31.58 25.52 26.11
CA ASN E 463 32.15 25.73 24.78
C ASN E 463 32.41 27.20 24.54
N MET E 464 31.60 28.07 25.15
CA MET E 464 31.73 29.50 24.92
C MET E 464 32.73 30.12 25.90
N LEU E 465 32.46 29.97 27.20
CA LEU E 465 33.27 30.67 28.19
C LEU E 465 34.73 30.26 28.12
N SER E 466 34.98 28.94 28.00
CA SER E 466 36.36 28.48 27.93
C SER E 466 37.05 29.05 26.71
N SER E 467 36.38 29.01 25.55
CA SER E 467 36.95 29.57 24.34
C SER E 467 37.11 31.08 24.45
N LEU E 468 36.09 31.77 24.97
CA LEU E 468 36.16 33.21 25.11
C LEU E 468 37.23 33.61 26.11
N LEU E 469 37.41 32.81 27.16
CA LEU E 469 38.54 33.03 28.07
C LEU E 469 39.86 32.58 27.46
N ALA E 470 39.83 31.59 26.57
CA ALA E 470 41.04 31.18 25.88
C ALA E 470 41.54 32.24 24.89
N GLY E 471 40.72 33.24 24.58
CA GLY E 471 41.12 34.29 23.67
C GLY E 471 40.96 33.96 22.20
N LYS E 472 40.50 32.75 21.88
CA LYS E 472 40.32 32.38 20.48
C LYS E 472 39.21 33.19 19.81
N VAL E 473 38.21 33.63 20.59
CA VAL E 473 37.12 34.42 20.05
C VAL E 473 36.85 35.60 20.96
N GLN E 474 36.64 36.75 20.35
CA GLN E 474 36.07 37.87 21.05
C GLN E 474 34.57 37.65 21.20
N PRO E 475 33.92 38.35 22.14
CA PRO E 475 32.46 38.31 22.19
C PRO E 475 31.83 38.73 20.88
N SER E 476 32.50 39.59 20.13
CA SER E 476 32.05 40.01 18.81
C SER E 476 32.50 39.08 17.70
N ASP E 477 33.14 37.97 18.01
CA ASP E 477 33.57 37.03 16.99
C ASP E 477 32.44 36.11 16.58
N GLN E 478 32.58 35.52 15.39
CA GLN E 478 31.54 34.69 14.81
C GLN E 478 31.42 33.36 15.55
N VAL E 479 30.18 32.87 15.69
CA VAL E 479 29.92 31.69 16.50
C VAL E 479 30.40 30.41 15.84
N GLY E 480 30.52 30.37 14.52
CA GLY E 480 30.99 29.16 13.86
C GLY E 480 32.42 28.82 14.22
N LYS E 481 33.16 29.80 14.75
CA LYS E 481 34.54 29.55 15.17
C LYS E 481 34.62 28.58 16.34
N VAL E 482 33.61 28.55 17.19
CA VAL E 482 33.65 27.75 18.42
C VAL E 482 32.51 26.74 18.43
N ILE E 483 32.18 26.22 17.26
CA ILE E 483 31.06 25.31 17.12
C ILE E 483 31.31 24.04 17.93
N TYR E 484 30.52 23.86 18.99
CA TYR E 484 30.61 22.66 19.80
C TYR E 484 30.12 21.47 18.98
N LYS E 485 30.87 20.37 19.03
CA LYS E 485 30.47 19.17 18.30
C LYS E 485 30.69 17.87 19.06
N GLN E 486 31.21 17.90 20.28
CA GLN E 486 31.54 16.70 21.04
C GLN E 486 30.38 16.24 21.92
N PHE E 487 29.17 16.60 21.53
CA PHE E 487 27.98 16.19 22.26
C PHE E 487 27.77 14.69 22.13
N LYS E 488 27.19 14.09 23.15
CA LYS E 488 26.65 12.75 22.95
C LYS E 488 25.21 12.89 22.45
N GLN E 489 24.88 12.11 21.44
CA GLN E 489 23.68 12.32 20.66
C GLN E 489 22.77 11.10 20.78
N ILE E 490 21.46 11.37 20.81
CA ILE E 490 20.44 10.34 20.96
C ILE E 490 19.37 10.57 19.90
N ARG E 491 18.55 9.55 19.68
CA ARG E 491 17.39 9.65 18.82
C ARG E 491 16.09 9.63 19.63
N LEU E 492 15.12 10.41 19.16
CA LEU E 492 13.86 10.59 19.87
C LEU E 492 13.12 9.28 20.10
N THR E 493 13.32 8.28 19.24
CA THR E 493 12.60 7.03 19.35
C THR E 493 12.98 6.24 20.60
N ASP E 494 14.01 6.65 21.32
CA ASP E 494 14.56 5.89 22.43
C ASP E 494 13.67 6.09 23.66
N THR E 495 14.14 5.69 24.83
CA THR E 495 13.35 5.80 26.05
C THR E 495 13.95 6.84 26.96
N LEU E 496 13.20 7.17 28.02
CA LEU E 496 13.63 8.22 28.94
C LEU E 496 14.89 7.82 29.71
N GLY E 497 15.01 6.55 30.11
CA GLY E 497 16.21 6.11 30.77
C GLY E 497 17.45 6.31 29.93
N ARG E 498 17.29 6.31 28.61
CA ARG E 498 18.41 6.60 27.73
C ARG E 498 18.79 8.08 27.83
N LEU E 499 17.82 8.95 28.06
CA LEU E 499 18.15 10.32 28.41
C LEU E 499 18.82 10.38 29.77
N SER E 500 18.40 9.51 30.69
CA SER E 500 18.91 9.55 32.05
C SER E 500 20.42 9.33 32.08
N HIS E 501 20.90 8.30 31.39
CA HIS E 501 22.33 8.02 31.38
C HIS E 501 23.07 8.84 30.34
N ILE E 502 22.47 9.93 29.87
CA ILE E 502 23.11 10.89 28.98
C ILE E 502 23.35 12.23 29.66
N LEU E 503 22.33 12.78 30.30
CA LEU E 503 22.47 14.05 30.98
C LEU E 503 23.20 13.92 32.31
N GLU E 504 23.28 12.72 32.87
CA GLU E 504 23.91 12.56 34.17
C GLU E 504 25.40 12.86 34.15
N MET E 505 26.04 12.80 32.98
CA MET E 505 27.45 13.15 32.89
C MET E 505 27.68 14.27 31.90
N ASP E 506 26.82 14.39 30.89
CA ASP E 506 26.94 15.51 29.97
C ASP E 506 26.14 16.69 30.49
N HIS E 507 26.60 17.89 30.12
CA HIS E 507 25.91 19.09 30.57
C HIS E 507 24.70 19.42 29.72
N PHE E 508 24.54 18.78 28.56
CA PHE E 508 23.32 18.90 27.77
C PHE E 508 23.23 17.71 26.85
N ALA E 509 22.07 17.54 26.24
CA ALA E 509 21.76 16.38 25.41
C ALA E 509 21.19 16.82 24.08
N LEU E 510 21.58 16.13 23.01
CA LEU E 510 21.02 16.40 21.69
C LEU E 510 20.20 15.21 21.21
N VAL E 511 19.07 15.53 20.57
CA VAL E 511 18.22 14.52 19.95
C VAL E 511 18.07 14.88 18.48
N VAL E 512 17.82 13.88 17.65
CA VAL E 512 17.83 14.05 16.20
C VAL E 512 16.61 13.40 15.58
N HIS E 513 16.33 13.79 14.35
CA HIS E 513 15.28 13.21 13.53
C HIS E 513 15.87 12.90 12.17
N GLU E 514 15.40 11.82 11.56
CA GLU E 514 15.99 11.35 10.33
C GLU E 514 15.01 11.52 9.18
N GLN E 515 15.56 11.68 7.98
CA GLN E 515 14.79 11.88 6.77
C GLN E 515 15.61 11.40 5.58
N ILE E 516 15.04 10.50 4.79
CA ILE E 516 15.76 9.92 3.66
C ILE E 516 15.07 10.35 2.37
N GLN E 517 15.81 11.01 1.49
CA GLN E 517 15.28 11.54 0.25
C GLN E 517 15.66 10.64 -0.91
N TYR E 518 14.83 10.62 -1.94
CA TYR E 518 15.05 9.77 -3.09
C TYR E 518 15.21 10.64 -4.34
N HIS E 519 16.24 10.33 -5.13
CA HIS E 519 16.73 11.23 -6.15
C HIS E 519 15.92 11.08 -7.44
N SER E 520 16.37 11.77 -8.49
CA SER E 520 15.75 11.62 -9.81
C SER E 520 15.89 10.20 -10.32
N THR E 521 17.05 9.60 -10.11
CA THR E 521 17.32 8.22 -10.53
C THR E 521 16.72 7.19 -9.59
N GLY E 522 16.03 7.61 -8.54
CA GLY E 522 15.48 6.68 -7.57
C GLY E 522 16.43 6.28 -6.47
N LYS E 523 17.68 6.71 -6.52
CA LYS E 523 18.61 6.42 -5.44
C LYS E 523 18.21 7.19 -4.18
N SER E 524 18.64 6.69 -3.04
CA SER E 524 18.18 7.20 -1.75
C SER E 524 19.35 7.80 -0.98
N SER E 525 19.03 8.81 -0.18
CA SER E 525 20.00 9.45 0.68
C SER E 525 19.29 10.00 1.90
N GLN E 526 19.92 9.86 3.05
CA GLN E 526 19.31 10.29 4.31
C GLN E 526 19.78 11.69 4.69
N ARG E 527 18.86 12.43 5.30
CA ARG E 527 19.14 13.72 5.90
C ARG E 527 18.83 13.66 7.39
N GLN E 528 19.72 14.21 8.20
CA GLN E 528 19.53 14.23 9.65
C GLN E 528 19.08 15.61 10.07
N MET E 529 17.98 15.66 10.81
CA MET E 529 17.30 16.90 11.14
C MET E 529 17.13 16.95 12.65
N VAL E 530 17.37 18.12 13.24
CA VAL E 530 17.32 18.26 14.69
C VAL E 530 15.87 18.14 15.16
N PHE E 531 15.66 17.40 16.26
CA PHE E 531 14.31 17.35 16.78
C PHE E 531 14.09 18.41 17.85
N GLY E 532 14.92 18.40 18.90
CA GLY E 532 14.85 19.46 19.89
C GLY E 532 15.93 19.35 20.94
N VAL E 533 16.62 20.46 21.20
CA VAL E 533 17.69 20.46 22.18
C VAL E 533 17.10 20.37 23.57
N VAL E 534 17.44 19.32 24.30
CA VAL E 534 16.79 19.00 25.56
C VAL E 534 17.83 18.82 26.66
N THR E 535 17.50 19.34 27.84
CA THR E 535 18.27 19.07 29.05
C THR E 535 17.32 18.57 30.12
N ALA E 536 17.92 18.24 31.27
CA ALA E 536 17.18 17.54 32.32
C ALA E 536 15.94 18.30 32.76
N ILE E 537 15.93 19.62 32.62
CA ILE E 537 14.78 20.39 33.06
C ILE E 537 13.53 19.91 32.35
N ASP E 538 13.61 19.65 31.06
CA ASP E 538 12.48 19.08 30.33
C ASP E 538 12.03 17.79 30.98
N LEU E 539 12.98 16.89 31.25
CA LEU E 539 12.66 15.67 31.95
C LEU E 539 12.01 15.97 33.29
N LEU E 540 12.67 16.81 34.10
CA LEU E 540 12.14 17.14 35.41
C LEU E 540 10.79 17.84 35.29
N ASN E 541 10.66 18.76 34.34
CA ASN E 541 9.37 19.38 34.09
C ASN E 541 8.34 18.35 33.65
N PHE E 542 8.75 17.45 32.75
CA PHE E 542 7.80 16.47 32.22
C PHE E 542 7.38 15.46 33.28
N VAL E 543 8.35 14.93 34.03
CA VAL E 543 8.02 13.91 35.03
C VAL E 543 7.16 14.51 36.14
N ALA E 544 7.40 15.77 36.48
CA ALA E 544 6.54 16.44 37.45
C ALA E 544 5.15 16.66 36.88
N ALA E 545 5.00 16.60 35.56
CA ALA E 545 3.71 16.86 34.94
C ALA E 545 2.98 15.56 34.60
N GLN E 546 3.69 14.59 34.03
CA GLN E 546 3.02 13.40 33.53
C GLN E 546 2.42 12.54 34.64
N GLU E 547 2.98 12.59 35.85
CA GLU E 547 2.39 11.82 36.94
C GLU E 547 0.98 12.28 37.27
N ARG E 548 0.63 13.52 36.90
CA ARG E 548 -0.75 13.97 36.98
C ARG E 548 -1.63 13.23 35.98
N ASP E 549 -1.10 12.94 34.79
CA ASP E 549 -1.85 12.14 33.81
C ASP E 549 -2.03 10.71 34.28
N GLN E 550 -0.97 10.08 34.78
CA GLN E 550 -1.10 8.74 35.33
C GLN E 550 -1.98 8.74 36.56
N LYS E 551 -1.81 9.74 37.44
CA LYS E 551 -2.51 9.76 38.71
C LYS E 551 -3.19 11.10 38.94
N TRP F 408 40.73 41.26 27.73
CA TRP F 408 40.92 42.52 28.44
C TRP F 408 40.02 42.57 29.67
N TRP F 409 38.79 42.07 29.52
CA TRP F 409 37.78 42.21 30.55
C TRP F 409 38.20 41.56 31.86
N TRP F 410 39.07 40.54 31.79
CA TRP F 410 39.49 39.85 32.99
C TRP F 410 40.20 40.76 33.97
N HIS F 411 40.69 41.92 33.51
CA HIS F 411 41.24 42.91 34.44
C HIS F 411 40.17 43.56 35.29
N LEU F 412 38.90 43.50 34.86
CA LEU F 412 37.86 44.27 35.48
C LEU F 412 37.49 43.70 36.86
N ARG F 413 36.51 44.34 37.48
CA ARG F 413 36.14 44.08 38.87
C ARG F 413 34.78 43.40 38.93
N VAL F 414 34.62 42.50 39.91
CA VAL F 414 33.42 41.69 39.98
C VAL F 414 32.19 42.55 40.23
N GLN F 415 32.29 43.52 41.15
CA GLN F 415 31.13 44.31 41.50
C GLN F 415 30.55 45.05 40.31
N GLU F 416 31.39 45.35 39.30
CA GLU F 416 30.91 46.10 38.15
C GLU F 416 29.89 45.32 37.35
N LEU F 417 29.90 43.99 37.46
CA LEU F 417 29.12 43.15 36.54
C LEU F 417 27.64 43.48 36.59
N GLY F 418 27.13 43.94 37.73
CA GLY F 418 25.71 44.23 37.80
C GLY F 418 24.85 42.99 37.83
N LEU F 419 24.90 42.26 38.95
CA LEU F 419 24.06 41.09 39.14
C LEU F 419 22.59 41.41 38.91
N SER F 420 21.82 40.38 38.59
CA SER F 420 20.39 40.59 38.39
C SER F 420 19.68 40.75 39.72
N ALA F 421 19.69 39.72 40.55
CA ALA F 421 18.93 39.69 41.78
C ALA F 421 19.34 38.48 42.58
N PRO F 422 19.03 38.44 43.86
CA PRO F 422 19.27 37.22 44.65
C PRO F 422 18.08 36.29 44.75
N LEU F 423 17.70 35.56 43.70
CA LEU F 423 16.61 34.60 43.81
C LEU F 423 17.13 33.33 44.47
N THR F 424 16.67 33.09 45.69
CA THR F 424 17.14 32.00 46.53
C THR F 424 15.95 31.36 47.21
N VAL F 425 16.20 30.22 47.86
CA VAL F 425 15.14 29.42 48.46
C VAL F 425 15.59 28.88 49.81
N LEU F 426 14.61 28.34 50.55
CA LEU F 426 14.80 27.58 51.78
C LEU F 426 15.02 26.10 51.45
N PRO F 427 15.71 25.34 52.31
CA PRO F 427 15.97 23.93 51.99
C PRO F 427 14.72 23.08 51.84
N THR F 428 13.65 23.39 52.59
CA THR F 428 12.48 22.52 52.59
C THR F 428 11.59 22.71 51.38
N ILE F 429 11.94 23.61 50.46
CA ILE F 429 11.12 23.81 49.27
C ILE F 429 11.12 22.54 48.43
N THR F 430 9.99 22.27 47.79
CA THR F 430 9.84 21.08 46.96
C THR F 430 10.80 21.14 45.78
N CYS F 431 11.37 19.99 45.43
CA CYS F 431 12.31 19.91 44.31
C CYS F 431 11.70 20.45 43.03
N GLY F 432 10.48 20.02 42.72
CA GLY F 432 9.85 20.40 41.47
C GLY F 432 9.58 21.89 41.34
N HIS F 433 9.20 22.54 42.44
CA HIS F 433 8.92 23.97 42.37
C HIS F 433 10.18 24.76 42.03
N THR F 434 11.30 24.42 42.63
CA THR F 434 12.57 25.00 42.20
C THR F 434 12.81 24.69 40.74
N ILE F 435 12.56 23.45 40.34
CA ILE F 435 12.74 23.05 38.96
C ILE F 435 11.92 23.94 38.04
N GLU F 436 10.66 24.17 38.37
CA GLU F 436 9.84 25.04 37.53
C GLU F 436 10.33 26.48 37.60
N ILE F 437 10.72 26.94 38.79
CA ILE F 437 11.09 28.34 38.95
C ILE F 437 12.30 28.67 38.09
N LEU F 438 13.35 27.86 38.21
CA LEU F 438 14.52 28.07 37.37
C LEU F 438 14.17 27.90 35.90
N ARG F 439 13.17 27.09 35.60
CA ARG F 439 12.75 26.92 34.21
C ARG F 439 12.12 28.20 33.68
N GLU F 440 11.05 28.65 34.34
CA GLU F 440 10.36 29.84 33.87
C GLU F 440 11.28 31.05 33.93
N LYS F 441 12.06 31.17 34.98
CA LYS F 441 13.07 32.22 35.01
C LYS F 441 14.22 31.94 34.05
N GLY F 442 14.29 30.73 33.50
CA GLY F 442 15.43 30.36 32.70
C GLY F 442 16.67 30.07 33.51
N PHE F 443 16.61 30.21 34.83
CA PHE F 443 17.77 30.01 35.70
C PHE F 443 18.27 28.58 35.73
N ASP F 444 19.50 28.42 36.20
CA ASP F 444 20.18 27.14 36.27
C ASP F 444 20.39 26.64 37.69
N GLN F 445 20.21 27.50 38.69
CA GLN F 445 20.51 27.16 40.08
C GLN F 445 19.85 28.21 40.96
N ALA F 446 19.85 27.97 42.27
CA ALA F 446 19.33 28.95 43.21
C ALA F 446 19.94 28.68 44.58
N PRO F 447 20.43 29.70 45.26
CA PRO F 447 21.04 29.47 46.57
C PRO F 447 20.01 28.98 47.58
N VAL F 448 20.49 28.20 48.54
CA VAL F 448 19.68 27.72 49.65
C VAL F 448 20.13 28.45 50.91
N VAL F 449 19.22 29.22 51.49
CA VAL F 449 19.49 30.01 52.68
C VAL F 449 18.31 29.84 53.63
N ASP F 450 18.53 30.22 54.89
CA ASP F 450 17.45 30.22 55.87
C ASP F 450 16.58 31.46 55.68
N GLU F 451 15.62 31.62 56.59
CA GLU F 451 14.82 32.84 56.58
C GLU F 451 15.61 34.07 56.95
N ALA F 452 16.72 33.91 57.69
CA ALA F 452 17.60 35.03 57.98
C ALA F 452 18.55 35.32 56.83
N GLY F 453 18.59 34.46 55.82
CA GLY F 453 19.47 34.68 54.69
C GLY F 453 20.86 34.12 54.86
N VAL F 454 21.08 33.23 55.82
CA VAL F 454 22.40 32.66 56.04
C VAL F 454 22.76 31.73 54.89
N ILE F 455 23.99 31.84 54.40
CA ILE F 455 24.41 31.08 53.24
C ILE F 455 24.66 29.65 53.68
N LEU F 456 23.65 28.79 53.52
CA LEU F 456 23.74 27.44 54.02
C LEU F 456 23.61 26.38 52.93
N GLY F 457 23.52 26.76 51.67
CA GLY F 457 23.40 25.74 50.64
C GLY F 457 23.14 26.33 49.27
N MET F 458 22.84 25.44 48.34
CA MET F 458 22.81 25.71 46.90
C MET F 458 22.04 24.55 46.28
N VAL F 459 21.40 24.79 45.14
CA VAL F 459 20.80 23.70 44.37
C VAL F 459 21.07 23.93 42.90
N THR F 460 21.61 22.91 42.22
CA THR F 460 22.08 23.08 40.86
C THR F 460 21.34 22.11 39.96
N LEU F 461 21.49 22.32 38.65
CA LEU F 461 20.95 21.38 37.67
C LEU F 461 21.60 20.01 37.80
N GLY F 462 22.92 19.98 37.83
CA GLY F 462 23.62 18.70 37.91
C GLY F 462 23.34 17.97 39.20
N ASN F 463 23.31 18.70 40.32
CA ASN F 463 22.85 18.14 41.57
C ASN F 463 21.43 17.60 41.44
N MET F 464 20.53 18.39 40.84
CA MET F 464 19.12 18.04 40.85
C MET F 464 18.84 16.89 39.90
N LEU F 465 19.45 16.90 38.71
CA LEU F 465 19.29 15.80 37.78
C LEU F 465 19.86 14.51 38.36
N SER F 466 21.03 14.59 38.97
CA SER F 466 21.61 13.42 39.62
C SER F 466 20.72 12.97 40.77
N SER F 467 20.09 13.92 41.46
CA SER F 467 19.30 13.59 42.64
C SER F 467 18.13 12.69 42.30
N LEU F 468 17.31 13.08 41.33
CA LEU F 468 16.16 12.25 40.96
C LEU F 468 16.63 10.95 40.31
N LEU F 469 17.61 11.02 39.41
CA LEU F 469 18.04 9.84 38.70
C LEU F 469 18.78 8.86 39.61
N ALA F 470 19.37 9.34 40.70
CA ALA F 470 19.87 8.43 41.71
C ALA F 470 18.75 7.85 42.56
N GLY F 471 17.54 8.40 42.45
CA GLY F 471 16.41 7.92 43.23
C GLY F 471 16.32 8.47 44.63
N LYS F 472 17.23 9.36 45.03
CA LYS F 472 17.21 9.87 46.39
C LYS F 472 15.99 10.74 46.67
N VAL F 473 15.54 11.54 45.71
CA VAL F 473 14.41 12.43 45.91
C VAL F 473 13.43 12.27 44.75
N GLN F 474 12.15 12.20 45.08
CA GLN F 474 11.11 12.40 44.09
C GLN F 474 11.09 13.88 43.70
N PRO F 475 10.53 14.21 42.53
CA PRO F 475 10.38 15.63 42.18
C PRO F 475 9.54 16.40 43.19
N SER F 476 8.59 15.74 43.86
CA SER F 476 7.80 16.39 44.88
C SER F 476 8.54 16.53 46.21
N ASP F 477 9.70 15.90 46.34
CA ASP F 477 10.44 15.96 47.59
C ASP F 477 11.08 17.33 47.77
N GLN F 478 11.58 17.58 48.98
CA GLN F 478 12.18 18.87 49.30
C GLN F 478 13.67 18.87 48.98
N VAL F 479 14.20 20.06 48.68
CA VAL F 479 15.55 20.17 48.16
C VAL F 479 16.62 20.15 49.24
N GLY F 480 16.25 20.29 50.50
CA GLY F 480 17.25 20.18 51.56
C GLY F 480 17.90 18.82 51.60
N LYS F 481 17.22 17.81 51.03
CA LYS F 481 17.79 16.47 50.96
C LYS F 481 19.00 16.40 50.04
N VAL F 482 19.08 17.28 49.04
CA VAL F 482 20.14 17.23 48.05
C VAL F 482 20.90 18.55 48.03
N ILE F 483 20.81 19.30 49.13
CA ILE F 483 21.36 20.64 49.21
C ILE F 483 22.82 20.67 48.77
N TYR F 484 23.10 21.41 47.70
CA TYR F 484 24.45 21.50 47.17
C TYR F 484 25.23 22.54 47.95
N LYS F 485 26.51 22.26 48.21
CA LYS F 485 27.33 23.26 48.88
C LYS F 485 28.77 23.31 48.36
N GLN F 486 29.09 22.61 47.28
CA GLN F 486 30.45 22.51 46.77
C GLN F 486 30.77 23.60 45.76
N PHE F 487 30.10 24.74 45.87
CA PHE F 487 30.31 25.83 44.94
C PHE F 487 31.71 26.41 45.06
N LYS F 488 32.26 26.85 43.93
CA LYS F 488 33.51 27.60 43.94
C LYS F 488 33.22 29.02 44.38
N GLN F 489 33.00 29.21 45.68
CA GLN F 489 32.54 30.49 46.19
C GLN F 489 33.56 31.58 45.95
N ILE F 490 33.06 32.78 45.64
CA ILE F 490 33.88 33.96 45.41
C ILE F 490 33.26 35.13 46.15
N ARG F 491 34.01 36.22 46.25
CA ARG F 491 33.54 37.44 46.89
C ARG F 491 33.39 38.55 45.85
N LEU F 492 32.39 39.42 46.07
CA LEU F 492 32.12 40.54 45.17
C LEU F 492 33.33 41.43 44.97
N THR F 493 34.18 41.60 45.99
CA THR F 493 35.33 42.48 45.85
C THR F 493 36.39 41.93 44.92
N ASP F 494 36.26 40.68 44.49
CA ASP F 494 37.33 40.01 43.77
C ASP F 494 37.33 40.44 42.30
N THR F 495 38.28 39.93 41.54
CA THR F 495 38.47 40.37 40.17
C THR F 495 37.65 39.54 39.21
N LEU F 496 37.36 40.13 38.04
CA LEU F 496 36.63 39.43 37.01
C LEU F 496 37.41 38.25 36.47
N GLY F 497 38.72 38.41 36.26
CA GLY F 497 39.52 37.33 35.71
C GLY F 497 39.50 36.10 36.58
N ARG F 498 39.67 36.29 37.89
CA ARG F 498 39.61 35.16 38.80
C ARG F 498 38.22 34.54 38.80
N LEU F 499 37.19 35.39 38.82
CA LEU F 499 35.83 34.90 38.70
C LEU F 499 35.65 34.12 37.42
N SER F 500 36.13 34.68 36.30
CA SER F 500 36.10 33.97 35.04
C SER F 500 36.88 32.66 35.13
N HIS F 501 38.05 32.71 35.75
CA HIS F 501 38.75 31.47 36.08
C HIS F 501 37.91 30.59 36.98
N ILE F 502 37.25 31.19 37.98
CA ILE F 502 36.43 30.43 38.89
C ILE F 502 35.26 29.78 38.15
N LEU F 503 34.74 30.44 37.13
CA LEU F 503 33.64 29.88 36.35
C LEU F 503 34.10 28.90 35.28
N GLU F 504 35.41 28.69 35.13
CA GLU F 504 35.91 27.84 34.05
C GLU F 504 35.46 26.39 34.18
N MET F 505 35.25 25.89 35.38
CA MET F 505 34.89 24.49 35.55
C MET F 505 33.51 24.35 36.15
N ASP F 506 33.16 25.22 37.09
CA ASP F 506 31.81 25.19 37.62
C ASP F 506 30.86 25.90 36.66
N HIS F 507 29.62 25.45 36.66
CA HIS F 507 28.61 26.11 35.84
C HIS F 507 28.10 27.40 36.48
N PHE F 508 28.54 27.70 37.69
CA PHE F 508 28.18 28.93 38.37
C PHE F 508 29.14 29.14 39.52
N ALA F 509 29.13 30.35 40.07
CA ALA F 509 29.98 30.68 41.21
C ALA F 509 29.21 31.56 42.18
N LEU F 510 29.17 31.15 43.45
CA LEU F 510 28.49 31.95 44.46
C LEU F 510 29.31 33.19 44.76
N VAL F 511 28.64 34.33 44.79
CA VAL F 511 29.22 35.57 45.28
C VAL F 511 28.60 35.87 46.64
N VAL F 512 29.45 36.19 47.62
CA VAL F 512 29.01 36.34 48.98
C VAL F 512 29.13 37.81 49.37
N HIS F 513 28.63 38.13 50.56
CA HIS F 513 28.67 39.48 51.10
C HIS F 513 28.81 39.37 52.61
N GLU F 514 29.35 40.42 53.23
CA GLU F 514 29.65 40.39 54.64
C GLU F 514 28.75 41.36 55.38
N GLN F 515 28.71 41.21 56.69
CA GLN F 515 27.97 42.13 57.56
C GLN F 515 28.53 41.98 58.97
N ILE F 516 29.22 43.01 59.45
CA ILE F 516 29.84 42.96 60.77
C ILE F 516 28.84 43.39 61.82
N GLN F 517 28.09 42.43 62.36
CA GLN F 517 27.06 42.70 63.36
C GLN F 517 27.69 42.62 64.74
N TYR F 518 27.51 43.65 65.54
CA TYR F 518 28.00 43.63 66.91
C TYR F 518 26.87 43.26 67.87
N HIS F 519 27.25 42.91 69.09
CA HIS F 519 26.31 42.37 70.06
C HIS F 519 25.93 43.40 71.11
N SER F 520 25.21 42.94 72.14
CA SER F 520 24.84 43.82 73.25
C SER F 520 26.08 44.27 74.01
N THR F 521 27.07 43.40 74.13
CA THR F 521 28.31 43.71 74.82
C THR F 521 29.36 44.34 73.93
N GLY F 522 29.03 44.60 72.66
CA GLY F 522 30.01 45.10 71.72
C GLY F 522 30.88 44.03 71.09
N LYS F 523 30.55 42.76 71.26
CA LYS F 523 31.31 41.70 70.63
C LYS F 523 31.13 41.73 69.12
N SER F 524 32.24 41.77 68.39
CA SER F 524 32.19 41.80 66.95
C SER F 524 31.75 40.44 66.40
N SER F 525 31.01 40.48 65.31
CA SER F 525 30.61 39.26 64.62
C SER F 525 30.34 39.57 63.16
N GLN F 526 30.69 38.62 62.31
CA GLN F 526 30.52 38.74 60.86
C GLN F 526 29.41 37.82 60.41
N ARG F 527 28.42 38.37 59.72
CA ARG F 527 27.33 37.61 59.13
C ARG F 527 27.49 37.62 57.62
N GLN F 528 27.77 36.45 57.04
CA GLN F 528 27.93 36.35 55.61
C GLN F 528 26.58 36.44 54.92
N MET F 529 26.56 37.11 53.77
CA MET F 529 25.33 37.36 53.04
C MET F 529 25.51 36.97 51.58
N VAL F 530 24.43 36.47 50.98
CA VAL F 530 24.46 36.12 49.57
C VAL F 530 24.32 37.38 48.74
N PHE F 531 25.35 37.68 47.95
CA PHE F 531 25.25 38.81 47.03
C PHE F 531 24.44 38.44 45.80
N GLY F 532 24.51 37.20 45.36
CA GLY F 532 23.74 36.77 44.21
C GLY F 532 24.34 35.53 43.58
N VAL F 533 24.01 35.34 42.30
CA VAL F 533 24.45 34.17 41.54
C VAL F 533 24.85 34.64 40.15
N VAL F 534 25.99 34.15 39.68
CA VAL F 534 26.51 34.59 38.40
C VAL F 534 26.97 33.39 37.59
N THR F 535 26.63 33.41 36.31
CA THR F 535 27.21 32.52 35.31
C THR F 535 27.94 33.38 34.29
N ALA F 536 28.70 32.71 33.42
CA ALA F 536 29.44 33.44 32.40
C ALA F 536 28.53 34.29 31.53
N ILE F 537 27.27 33.88 31.37
CA ILE F 537 26.33 34.65 30.57
C ILE F 537 26.19 36.05 31.13
N ASP F 538 26.30 36.19 32.45
CA ASP F 538 26.42 37.53 33.01
C ASP F 538 27.64 38.23 32.45
N LEU F 539 28.80 37.57 32.55
CA LEU F 539 30.05 38.18 32.12
C LEU F 539 30.02 38.50 30.63
N LEU F 540 29.63 37.53 29.81
CA LEU F 540 29.67 37.72 28.37
C LEU F 540 28.74 38.84 27.95
N ASN F 541 27.55 38.89 28.53
CA ASN F 541 26.67 40.04 28.32
C ASN F 541 27.29 41.30 28.88
N PHE F 542 27.93 41.19 30.06
CA PHE F 542 28.51 42.36 30.70
C PHE F 542 29.62 42.96 29.85
N VAL F 543 30.50 42.11 29.31
CA VAL F 543 31.57 42.61 28.46
C VAL F 543 31.01 43.03 27.11
N ALA F 544 29.86 42.49 26.73
CA ALA F 544 29.26 42.83 25.45
C ALA F 544 28.91 44.30 25.35
N ALA F 545 28.72 44.99 26.47
CA ALA F 545 28.38 46.40 26.47
C ALA F 545 29.49 47.28 27.00
N GLN F 546 30.24 46.78 28.00
CA GLN F 546 31.28 47.60 28.64
C GLN F 546 32.39 47.97 27.66
N GLU F 547 32.58 47.18 26.61
CA GLU F 547 33.57 47.53 25.60
C GLU F 547 33.15 48.75 24.78
N ARG F 548 31.91 49.21 24.93
CA ARG F 548 31.41 50.39 24.25
C ARG F 548 31.49 51.65 25.09
N ASP F 549 31.69 51.51 26.41
CA ASP F 549 31.76 52.67 27.29
C ASP F 549 33.13 52.77 27.96
N GLN F 550 33.56 51.69 28.62
CA GLN F 550 34.84 51.71 29.32
C GLN F 550 35.94 51.11 28.47
N LYS F 551 35.82 51.28 27.15
CA LYS F 551 36.84 50.83 26.22
C LYS F 551 36.89 51.75 25.01
N TRP G 408 -35.14 -55.68 -88.39
CA TRP G 408 -35.20 -56.98 -89.05
C TRP G 408 -35.67 -58.05 -88.09
N TRP G 409 -35.33 -57.87 -86.81
CA TRP G 409 -35.58 -58.90 -85.81
C TRP G 409 -37.07 -59.14 -85.55
N TRP G 410 -37.93 -58.16 -85.87
CA TRP G 410 -39.34 -58.30 -85.57
C TRP G 410 -39.95 -59.54 -86.23
N HIS G 411 -39.36 -60.00 -87.33
CA HIS G 411 -39.83 -61.19 -88.01
C HIS G 411 -39.50 -62.47 -87.24
N LEU G 412 -38.58 -62.39 -86.28
CA LEU G 412 -38.01 -63.60 -85.68
C LEU G 412 -39.09 -64.40 -84.95
N ARG G 413 -39.11 -65.70 -85.21
CA ARG G 413 -40.13 -66.59 -84.65
C ARG G 413 -39.99 -66.69 -83.15
N VAL G 414 -41.13 -66.68 -82.44
CA VAL G 414 -41.13 -66.84 -81.00
C VAL G 414 -40.54 -68.20 -80.62
N GLN G 415 -40.92 -69.24 -81.37
CA GLN G 415 -40.34 -70.55 -81.13
C GLN G 415 -38.83 -70.54 -81.29
N GLU G 416 -38.31 -69.80 -82.27
CA GLU G 416 -36.88 -69.72 -82.48
C GLU G 416 -36.14 -69.01 -81.37
N LEU G 417 -36.84 -68.29 -80.49
CA LEU G 417 -36.15 -67.58 -79.41
C LEU G 417 -35.43 -68.54 -78.48
N GLY G 418 -36.01 -69.71 -78.22
CA GLY G 418 -35.40 -70.64 -77.30
C GLY G 418 -35.48 -70.17 -75.87
N LEU G 419 -36.69 -70.18 -75.31
CA LEU G 419 -36.86 -69.89 -73.90
C LEU G 419 -35.98 -70.81 -73.06
N SER G 420 -35.47 -70.26 -71.95
CA SER G 420 -34.60 -71.03 -71.09
C SER G 420 -35.28 -72.32 -70.62
N ALA G 421 -36.35 -72.17 -69.85
CA ALA G 421 -37.06 -73.30 -69.28
C ALA G 421 -38.29 -72.78 -68.55
N PRO G 422 -39.26 -73.65 -68.26
CA PRO G 422 -40.38 -73.23 -67.39
C PRO G 422 -40.08 -73.56 -65.94
N LEU G 423 -40.40 -72.62 -65.05
CA LEU G 423 -40.44 -72.90 -63.62
C LEU G 423 -41.79 -72.47 -63.08
N THR G 424 -42.49 -73.40 -62.45
CA THR G 424 -43.86 -73.18 -62.06
C THR G 424 -44.15 -73.93 -60.78
N VAL G 425 -44.99 -73.34 -59.95
CA VAL G 425 -45.39 -73.93 -58.68
C VAL G 425 -46.91 -74.08 -58.66
N LEU G 426 -47.39 -74.78 -57.65
CA LEU G 426 -48.80 -74.99 -57.33
C LEU G 426 -49.33 -73.82 -56.49
N PRO G 427 -50.63 -73.51 -56.60
CA PRO G 427 -51.16 -72.35 -55.86
C PRO G 427 -51.11 -72.51 -54.36
N THR G 428 -51.06 -73.73 -53.85
CA THR G 428 -51.10 -73.96 -52.41
C THR G 428 -49.90 -73.36 -51.69
N ILE G 429 -48.72 -73.49 -52.25
CA ILE G 429 -47.51 -73.00 -51.60
C ILE G 429 -47.56 -71.49 -51.49
N THR G 430 -46.85 -70.95 -50.50
CA THR G 430 -46.98 -69.54 -50.18
C THR G 430 -46.29 -68.66 -51.22
N CYS G 431 -46.61 -67.36 -51.17
CA CYS G 431 -45.99 -66.41 -52.08
C CYS G 431 -44.50 -66.26 -51.80
N GLY G 432 -44.16 -66.02 -50.52
CA GLY G 432 -42.79 -65.67 -50.17
C GLY G 432 -41.79 -66.72 -50.60
N HIS G 433 -42.11 -68.01 -50.35
CA HIS G 433 -41.22 -69.08 -50.77
C HIS G 433 -41.00 -69.04 -52.27
N THR G 434 -42.08 -68.87 -53.04
CA THR G 434 -41.92 -68.62 -54.46
C THR G 434 -41.17 -67.33 -54.70
N ILE G 435 -41.50 -66.29 -53.92
CA ILE G 435 -40.92 -64.97 -54.12
C ILE G 435 -39.41 -65.03 -53.95
N GLU G 436 -38.95 -65.65 -52.86
CA GLU G 436 -37.51 -65.67 -52.62
C GLU G 436 -36.79 -66.54 -53.63
N ILE G 437 -37.45 -67.59 -54.12
CA ILE G 437 -36.84 -68.43 -55.12
C ILE G 437 -36.65 -67.67 -56.43
N LEU G 438 -37.72 -67.04 -56.91
CA LEU G 438 -37.64 -66.38 -58.22
C LEU G 438 -36.60 -65.29 -58.22
N ARG G 439 -36.47 -64.56 -57.11
CA ARG G 439 -35.55 -63.43 -57.10
C ARG G 439 -34.10 -63.88 -57.13
N GLU G 440 -33.75 -64.99 -56.47
CA GLU G 440 -32.35 -65.37 -56.52
C GLU G 440 -32.00 -65.96 -57.89
N LYS G 441 -32.97 -66.57 -58.55
CA LYS G 441 -32.83 -66.77 -59.99
C LYS G 441 -32.87 -65.45 -60.75
N GLY G 442 -33.27 -64.37 -60.09
CA GLY G 442 -33.49 -63.11 -60.75
C GLY G 442 -34.89 -62.94 -61.28
N PHE G 443 -35.73 -63.98 -61.21
CA PHE G 443 -37.04 -63.93 -61.82
C PHE G 443 -37.93 -62.91 -61.12
N ASP G 444 -39.06 -62.64 -61.76
CA ASP G 444 -40.10 -61.77 -61.23
C ASP G 444 -41.48 -62.40 -61.29
N GLN G 445 -41.77 -63.18 -62.32
CA GLN G 445 -43.10 -63.72 -62.54
C GLN G 445 -43.00 -65.23 -62.71
N ALA G 446 -43.94 -65.95 -62.10
CA ALA G 446 -43.93 -67.40 -62.12
C ALA G 446 -45.32 -67.93 -62.44
N PRO G 447 -45.42 -68.92 -63.31
CA PRO G 447 -46.72 -69.51 -63.62
C PRO G 447 -47.23 -70.37 -62.48
N VAL G 448 -48.53 -70.65 -62.53
CA VAL G 448 -49.18 -71.62 -61.67
C VAL G 448 -49.99 -72.54 -62.56
N VAL G 449 -49.74 -73.85 -62.45
CA VAL G 449 -50.37 -74.83 -63.33
C VAL G 449 -50.90 -75.99 -62.50
N ASP G 450 -51.54 -76.93 -63.19
CA ASP G 450 -52.01 -78.15 -62.57
C ASP G 450 -50.87 -79.15 -62.46
N GLU G 451 -51.23 -80.41 -62.18
CA GLU G 451 -50.24 -81.47 -62.10
C GLU G 451 -49.49 -81.70 -63.40
N ALA G 452 -50.05 -81.25 -64.53
CA ALA G 452 -49.42 -81.48 -65.83
C ALA G 452 -48.76 -80.23 -66.41
N GLY G 453 -49.37 -79.05 -66.24
CA GLY G 453 -48.85 -77.86 -66.87
C GLY G 453 -49.90 -77.06 -67.62
N VAL G 454 -51.16 -77.26 -67.27
CA VAL G 454 -52.24 -76.51 -67.91
C VAL G 454 -52.34 -75.12 -67.30
N ILE G 455 -52.58 -74.13 -68.16
CA ILE G 455 -52.62 -72.74 -67.71
C ILE G 455 -53.78 -72.53 -66.74
N LEU G 456 -53.45 -72.29 -65.48
CA LEU G 456 -54.48 -71.90 -64.52
C LEU G 456 -54.09 -70.74 -63.62
N GLY G 457 -52.83 -70.31 -63.61
CA GLY G 457 -52.44 -69.25 -62.71
C GLY G 457 -51.17 -68.58 -63.18
N MET G 458 -50.91 -67.42 -62.57
CA MET G 458 -49.79 -66.56 -62.92
C MET G 458 -49.58 -65.55 -61.81
N VAL G 459 -48.35 -65.43 -61.34
CA VAL G 459 -48.04 -64.48 -60.28
C VAL G 459 -46.82 -63.67 -60.69
N THR G 460 -46.76 -62.43 -60.19
CA THR G 460 -45.66 -61.52 -60.46
C THR G 460 -45.32 -60.78 -59.17
N LEU G 461 -44.18 -60.09 -59.19
CA LEU G 461 -43.86 -59.19 -58.09
C LEU G 461 -44.69 -57.91 -58.16
N GLY G 462 -44.93 -57.42 -59.37
CA GLY G 462 -45.62 -56.15 -59.52
C GLY G 462 -47.00 -56.14 -58.88
N ASN G 463 -47.78 -57.20 -59.10
CA ASN G 463 -49.08 -57.31 -58.46
C ASN G 463 -48.97 -57.70 -56.98
N MET G 464 -47.97 -58.52 -56.64
CA MET G 464 -47.81 -58.92 -55.24
C MET G 464 -47.45 -57.71 -54.39
N LEU G 465 -46.46 -56.93 -54.82
CA LEU G 465 -46.09 -55.73 -54.08
C LEU G 465 -47.28 -54.78 -53.97
N SER G 466 -48.03 -54.63 -55.06
CA SER G 466 -49.22 -53.80 -55.03
C SER G 466 -50.26 -54.37 -54.07
N SER G 467 -50.46 -55.68 -54.11
CA SER G 467 -51.47 -56.30 -53.25
C SER G 467 -51.00 -56.37 -51.79
N LEU G 468 -49.75 -56.77 -51.56
CA LEU G 468 -49.27 -56.90 -50.19
C LEU G 468 -49.28 -55.56 -49.47
N LEU G 469 -48.81 -54.51 -50.15
CA LEU G 469 -48.86 -53.18 -49.55
C LEU G 469 -50.30 -52.68 -49.45
N ALA G 470 -51.19 -53.17 -50.30
CA ALA G 470 -52.61 -52.91 -50.12
C ALA G 470 -53.18 -53.66 -48.92
N GLY G 471 -52.46 -54.62 -48.38
CA GLY G 471 -52.91 -55.37 -47.22
C GLY G 471 -53.83 -56.53 -47.51
N LYS G 472 -54.10 -56.82 -48.78
CA LYS G 472 -54.98 -57.94 -49.12
C LYS G 472 -54.41 -59.28 -48.68
N VAL G 473 -53.12 -59.52 -48.90
CA VAL G 473 -52.47 -60.77 -48.52
C VAL G 473 -51.14 -60.46 -47.86
N GLN G 474 -50.68 -61.40 -47.06
CA GLN G 474 -49.36 -61.37 -46.47
C GLN G 474 -48.38 -62.13 -47.35
N PRO G 475 -47.07 -61.92 -47.16
CA PRO G 475 -46.10 -62.80 -47.82
C PRO G 475 -46.24 -64.25 -47.39
N SER G 476 -46.82 -64.50 -46.22
CA SER G 476 -47.08 -65.85 -45.76
C SER G 476 -48.33 -66.44 -46.40
N ASP G 477 -49.11 -65.64 -47.12
CA ASP G 477 -50.29 -66.15 -47.80
C ASP G 477 -49.88 -67.02 -48.99
N GLN G 478 -50.79 -67.90 -49.39
CA GLN G 478 -50.49 -68.82 -50.48
C GLN G 478 -50.36 -68.07 -51.79
N VAL G 479 -49.60 -68.67 -52.73
CA VAL G 479 -49.32 -67.99 -53.99
C VAL G 479 -50.55 -67.95 -54.89
N GLY G 480 -51.62 -68.66 -54.50
CA GLY G 480 -52.82 -68.66 -55.31
C GLY G 480 -53.59 -67.36 -55.30
N LYS G 481 -53.43 -66.55 -54.25
CA LYS G 481 -54.24 -65.34 -54.13
C LYS G 481 -53.61 -64.15 -54.83
N VAL G 482 -52.36 -64.28 -55.28
CA VAL G 482 -51.66 -63.16 -55.91
C VAL G 482 -51.69 -63.35 -57.42
N ILE G 483 -52.70 -64.05 -57.92
CA ILE G 483 -52.77 -64.42 -59.33
C ILE G 483 -52.73 -63.16 -60.20
N TYR G 484 -52.03 -63.26 -61.33
CA TYR G 484 -51.90 -62.20 -62.31
C TYR G 484 -52.33 -62.70 -63.69
N LYS G 485 -53.38 -63.51 -63.76
CA LYS G 485 -53.74 -64.19 -64.99
C LYS G 485 -54.31 -63.25 -66.04
N GLN G 486 -54.56 -61.99 -65.69
CA GLN G 486 -55.14 -61.01 -66.61
C GLN G 486 -54.13 -60.59 -67.68
N PHE G 487 -53.01 -61.29 -67.77
CA PHE G 487 -52.00 -61.05 -68.78
C PHE G 487 -52.57 -61.16 -70.18
N LYS G 488 -51.79 -60.70 -71.16
CA LYS G 488 -52.05 -61.09 -72.53
C LYS G 488 -51.11 -62.25 -72.89
N GLN G 489 -51.63 -63.20 -73.66
CA GLN G 489 -50.93 -64.46 -73.87
C GLN G 489 -50.64 -64.63 -75.34
N ILE G 490 -49.52 -65.28 -75.63
CA ILE G 490 -49.04 -65.46 -77.00
C ILE G 490 -48.81 -66.95 -77.24
N ARG G 491 -48.67 -67.31 -78.51
CA ARG G 491 -48.34 -68.67 -78.91
C ARG G 491 -46.94 -68.67 -79.53
N LEU G 492 -46.22 -69.76 -79.33
CA LEU G 492 -44.84 -69.87 -79.81
C LEU G 492 -44.73 -69.72 -81.32
N THR G 493 -45.82 -69.98 -82.06
CA THR G 493 -45.78 -69.86 -83.51
C THR G 493 -45.71 -68.42 -83.98
N ASP G 494 -45.90 -67.45 -83.10
CA ASP G 494 -45.91 -66.05 -83.47
C ASP G 494 -44.46 -65.55 -83.57
N THR G 495 -44.28 -64.26 -83.86
CA THR G 495 -42.95 -63.74 -84.12
C THR G 495 -42.58 -62.69 -83.08
N LEU G 496 -41.38 -62.14 -83.25
CA LEU G 496 -40.88 -61.15 -82.30
C LEU G 496 -41.74 -59.90 -82.29
N GLY G 497 -42.21 -59.47 -83.47
CA GLY G 497 -43.05 -58.29 -83.52
C GLY G 497 -44.26 -58.38 -82.63
N ARG G 498 -44.90 -59.54 -82.59
CA ARG G 498 -46.04 -59.76 -81.71
C ARG G 498 -45.66 -59.61 -80.25
N LEU G 499 -44.46 -60.08 -79.88
CA LEU G 499 -43.97 -59.85 -78.53
C LEU G 499 -43.84 -58.37 -78.23
N SER G 500 -43.32 -57.60 -79.18
CA SER G 500 -43.22 -56.16 -79.01
C SER G 500 -44.60 -55.54 -78.81
N HIS G 501 -45.58 -56.01 -79.58
CA HIS G 501 -46.95 -55.56 -79.36
C HIS G 501 -47.52 -56.10 -78.04
N ILE G 502 -46.83 -57.00 -77.37
CA ILE G 502 -47.23 -57.48 -76.06
C ILE G 502 -46.37 -56.90 -74.95
N LEU G 503 -45.05 -57.02 -75.08
CA LEU G 503 -44.18 -56.76 -73.94
C LEU G 503 -43.86 -55.28 -73.75
N GLU G 504 -44.18 -54.44 -74.74
CA GLU G 504 -43.89 -53.01 -74.60
C GLU G 504 -44.75 -52.41 -73.50
N MET G 505 -45.82 -53.11 -73.12
CA MET G 505 -46.71 -52.62 -72.08
C MET G 505 -46.59 -53.46 -70.82
N ASP G 506 -46.83 -54.76 -70.94
CA ASP G 506 -46.76 -55.62 -69.78
C ASP G 506 -45.31 -55.93 -69.44
N HIS G 507 -45.10 -56.44 -68.23
CA HIS G 507 -43.74 -56.76 -67.80
C HIS G 507 -43.32 -58.18 -68.19
N PHE G 508 -44.21 -58.95 -68.83
CA PHE G 508 -43.89 -60.30 -69.25
C PHE G 508 -45.01 -60.81 -70.15
N ALA G 509 -44.71 -61.90 -70.86
CA ALA G 509 -45.62 -62.49 -71.83
C ALA G 509 -45.71 -64.01 -71.61
N LEU G 510 -46.91 -64.56 -71.77
CA LEU G 510 -47.09 -65.99 -71.65
C LEU G 510 -47.12 -66.65 -73.02
N VAL G 511 -46.37 -67.73 -73.17
CA VAL G 511 -46.39 -68.58 -74.36
C VAL G 511 -46.89 -69.95 -73.95
N VAL G 512 -47.85 -70.48 -74.71
CA VAL G 512 -48.46 -71.75 -74.40
C VAL G 512 -48.08 -72.76 -75.47
N HIS G 513 -48.46 -74.02 -75.24
CA HIS G 513 -48.10 -75.12 -76.12
C HIS G 513 -49.09 -76.25 -75.86
N GLU G 514 -49.20 -77.18 -76.81
CA GLU G 514 -50.14 -78.29 -76.66
C GLU G 514 -49.37 -79.59 -76.43
N GLN G 515 -49.74 -80.30 -75.37
CA GLN G 515 -49.25 -81.67 -75.16
C GLN G 515 -50.35 -82.64 -75.54
N ILE G 516 -50.44 -82.92 -76.84
CA ILE G 516 -51.50 -83.75 -77.38
C ILE G 516 -51.08 -85.22 -77.32
N GLN G 517 -51.27 -85.84 -76.15
CA GLN G 517 -51.01 -87.27 -76.02
C GLN G 517 -52.25 -88.06 -76.40
N TYR G 518 -52.03 -89.26 -76.91
CA TYR G 518 -53.10 -90.06 -77.47
C TYR G 518 -53.24 -91.36 -76.70
N HIS G 519 -54.47 -91.66 -76.30
CA HIS G 519 -54.74 -92.79 -75.42
C HIS G 519 -55.95 -93.56 -75.95
N SER G 520 -56.29 -94.64 -75.25
CA SER G 520 -57.42 -95.48 -75.62
C SER G 520 -58.76 -94.93 -75.15
N THR G 521 -58.84 -93.66 -74.76
CA THR G 521 -60.09 -93.08 -74.30
C THR G 521 -61.12 -92.95 -75.42
N GLY G 522 -60.69 -92.95 -76.68
CA GLY G 522 -61.62 -92.88 -77.79
C GLY G 522 -62.05 -91.49 -78.18
N LYS G 523 -61.32 -90.45 -77.78
CA LYS G 523 -61.65 -89.09 -78.16
C LYS G 523 -60.38 -88.28 -78.33
N SER G 524 -60.46 -87.23 -79.14
CA SER G 524 -59.32 -86.34 -79.33
C SER G 524 -58.95 -85.66 -78.02
N SER G 525 -57.66 -85.46 -77.82
CA SER G 525 -57.12 -84.91 -76.58
C SER G 525 -56.45 -83.58 -76.83
N GLN G 526 -56.63 -82.65 -75.90
CA GLN G 526 -56.00 -81.34 -75.96
C GLN G 526 -55.68 -80.88 -74.54
N ARG G 527 -54.41 -80.56 -74.31
CA ARG G 527 -53.95 -80.07 -73.02
C ARG G 527 -52.98 -78.94 -73.28
N GLN G 528 -53.42 -77.71 -73.04
CA GLN G 528 -52.59 -76.53 -73.32
C GLN G 528 -51.52 -76.41 -72.25
N MET G 529 -50.29 -76.71 -72.63
CA MET G 529 -49.15 -76.60 -71.71
C MET G 529 -48.69 -75.15 -71.63
N VAL G 530 -47.90 -74.87 -70.59
CA VAL G 530 -47.21 -73.59 -70.52
C VAL G 530 -45.83 -73.77 -71.15
N PHE G 531 -45.58 -73.05 -72.24
CA PHE G 531 -44.28 -73.16 -72.88
C PHE G 531 -43.17 -72.44 -72.12
N GLY G 532 -43.52 -71.48 -71.28
CA GLY G 532 -42.52 -70.81 -70.48
C GLY G 532 -42.89 -69.36 -70.26
N VAL G 533 -41.91 -68.61 -69.76
CA VAL G 533 -42.05 -67.19 -69.45
C VAL G 533 -40.91 -66.44 -70.13
N VAL G 534 -41.26 -65.48 -70.98
CA VAL G 534 -40.28 -64.77 -71.79
C VAL G 534 -40.32 -63.29 -71.44
N THR G 535 -39.13 -62.69 -71.33
CA THR G 535 -39.03 -61.26 -71.08
C THR G 535 -38.09 -60.66 -72.11
N ALA G 536 -38.01 -59.33 -72.10
CA ALA G 536 -37.20 -58.62 -73.09
C ALA G 536 -35.75 -59.05 -73.04
N ILE G 537 -35.28 -59.51 -71.88
CA ILE G 537 -33.92 -60.03 -71.81
C ILE G 537 -33.76 -61.21 -72.74
N ASP G 538 -34.73 -62.13 -72.73
CA ASP G 538 -34.75 -63.19 -73.73
C ASP G 538 -34.75 -62.59 -75.12
N LEU G 539 -35.63 -61.61 -75.35
CA LEU G 539 -35.67 -60.93 -76.64
C LEU G 539 -34.35 -60.27 -76.93
N LEU G 540 -33.80 -59.54 -75.96
CA LEU G 540 -32.52 -58.89 -76.13
C LEU G 540 -31.40 -59.91 -76.30
N ASN G 541 -31.45 -61.00 -75.54
CA ASN G 541 -30.48 -62.07 -75.73
C ASN G 541 -30.66 -62.72 -77.10
N PHE G 542 -31.92 -62.95 -77.48
CA PHE G 542 -32.19 -63.62 -78.75
C PHE G 542 -31.71 -62.78 -79.93
N VAL G 543 -32.02 -61.48 -79.91
CA VAL G 543 -31.57 -60.62 -81.00
C VAL G 543 -30.06 -60.46 -80.95
N ALA G 544 -29.48 -60.45 -79.76
CA ALA G 544 -28.02 -60.48 -79.65
C ALA G 544 -27.46 -61.78 -80.20
N ALA G 545 -28.14 -62.90 -79.93
CA ALA G 545 -27.69 -64.18 -80.46
C ALA G 545 -27.89 -64.26 -81.97
N GLN G 546 -29.05 -63.81 -82.46
CA GLN G 546 -29.32 -63.88 -83.90
C GLN G 546 -28.40 -62.95 -84.69
N GLU G 547 -27.96 -61.84 -84.09
CA GLU G 547 -26.96 -61.02 -84.75
C GLU G 547 -25.61 -61.74 -84.85
N ARG G 548 -25.38 -62.77 -84.04
CA ARG G 548 -24.21 -63.61 -84.20
C ARG G 548 -24.43 -64.70 -85.23
N ASP G 549 -25.64 -65.27 -85.28
CA ASP G 549 -25.96 -66.26 -86.30
C ASP G 549 -25.94 -65.64 -87.69
N GLN G 550 -26.51 -64.45 -87.83
CA GLN G 550 -26.49 -63.73 -89.11
C GLN G 550 -25.19 -62.94 -89.25
N LYS G 551 -24.07 -63.65 -89.17
CA LYS G 551 -22.76 -63.04 -89.27
C LYS G 551 -21.75 -64.02 -89.85
N TRP H 408 -46.47 -53.01 -40.66
CA TRP H 408 -45.56 -52.54 -39.63
C TRP H 408 -44.19 -52.26 -40.22
N TRP H 409 -43.83 -53.05 -41.23
CA TRP H 409 -42.51 -52.92 -41.85
C TRP H 409 -42.37 -51.60 -42.58
N TRP H 410 -43.47 -51.08 -43.13
CA TRP H 410 -43.41 -49.85 -43.91
C TRP H 410 -42.86 -48.68 -43.09
N HIS H 411 -42.99 -48.75 -41.75
CA HIS H 411 -42.44 -47.72 -40.90
C HIS H 411 -40.92 -47.76 -40.85
N LEU H 412 -40.33 -48.90 -41.18
CA LEU H 412 -38.91 -49.12 -40.94
C LEU H 412 -38.04 -48.27 -41.85
N ARG H 413 -36.79 -48.07 -41.43
CA ARG H 413 -35.86 -47.21 -42.14
C ARG H 413 -35.31 -47.89 -43.39
N VAL H 414 -34.94 -47.08 -44.37
CA VAL H 414 -34.43 -47.59 -45.64
C VAL H 414 -33.19 -48.43 -45.42
N GLN H 415 -32.22 -47.90 -44.67
CA GLN H 415 -30.91 -48.54 -44.59
C GLN H 415 -30.99 -49.95 -44.03
N GLU H 416 -32.05 -50.29 -43.30
CA GLU H 416 -32.16 -51.61 -42.71
C GLU H 416 -32.31 -52.70 -43.76
N LEU H 417 -32.73 -52.34 -44.97
CA LEU H 417 -33.20 -53.32 -45.92
C LEU H 417 -32.07 -54.03 -46.66
N GLY H 418 -30.84 -53.94 -46.14
CA GLY H 418 -29.75 -54.72 -46.68
C GLY H 418 -29.44 -54.47 -48.14
N LEU H 419 -29.33 -53.21 -48.53
CA LEU H 419 -29.24 -52.86 -49.94
C LEU H 419 -27.83 -53.09 -50.47
N SER H 420 -27.40 -54.35 -50.54
CA SER H 420 -26.05 -54.64 -51.00
C SER H 420 -25.96 -54.41 -52.50
N ALA H 421 -26.11 -53.17 -52.92
CA ALA H 421 -26.24 -52.91 -54.35
C ALA H 421 -25.27 -51.84 -54.81
N PRO H 422 -23.97 -52.12 -54.84
CA PRO H 422 -23.00 -51.11 -55.28
C PRO H 422 -22.82 -51.04 -56.78
N LEU H 423 -23.56 -51.82 -57.56
CA LEU H 423 -23.28 -51.93 -58.99
C LEU H 423 -23.96 -50.82 -59.77
N THR H 424 -23.19 -50.16 -60.62
CA THR H 424 -23.65 -49.15 -61.56
C THR H 424 -22.74 -49.20 -62.78
N VAL H 425 -23.11 -48.47 -63.82
CA VAL H 425 -22.39 -48.53 -65.08
C VAL H 425 -22.06 -47.14 -65.57
N LEU H 426 -21.03 -47.07 -66.41
CA LEU H 426 -20.77 -45.85 -67.18
C LEU H 426 -21.75 -45.78 -68.35
N PRO H 427 -22.10 -44.57 -68.82
CA PRO H 427 -23.00 -44.47 -69.97
C PRO H 427 -22.43 -45.08 -71.25
N THR H 428 -21.11 -45.19 -71.35
CA THR H 428 -20.48 -45.67 -72.57
C THR H 428 -20.64 -47.17 -72.78
N ILE H 429 -21.17 -47.90 -71.80
CA ILE H 429 -21.29 -49.34 -71.94
C ILE H 429 -22.34 -49.66 -73.00
N THR H 430 -22.11 -50.73 -73.76
CA THR H 430 -22.97 -51.09 -74.87
C THR H 430 -24.27 -51.72 -74.36
N CYS H 431 -25.27 -51.76 -75.23
CA CYS H 431 -26.55 -52.35 -74.89
C CYS H 431 -26.43 -53.83 -74.58
N GLY H 432 -25.70 -54.56 -75.44
CA GLY H 432 -25.63 -56.00 -75.31
C GLY H 432 -24.94 -56.48 -74.06
N HIS H 433 -24.15 -55.63 -73.41
CA HIS H 433 -23.48 -56.02 -72.18
C HIS H 433 -24.32 -55.67 -70.96
N THR H 434 -25.06 -54.57 -71.00
CA THR H 434 -25.94 -54.20 -69.90
C THR H 434 -26.99 -55.26 -69.66
N ILE H 435 -27.61 -55.76 -70.73
CA ILE H 435 -28.59 -56.82 -70.58
C ILE H 435 -27.94 -58.05 -69.98
N GLU H 436 -26.74 -58.38 -70.44
CA GLU H 436 -26.08 -59.59 -69.96
C GLU H 436 -25.83 -59.53 -68.47
N ILE H 437 -25.20 -58.45 -67.99
CA ILE H 437 -24.89 -58.36 -66.57
C ILE H 437 -26.15 -58.40 -65.73
N LEU H 438 -27.17 -57.62 -66.11
CA LEU H 438 -28.40 -57.65 -65.34
C LEU H 438 -29.05 -59.02 -65.41
N ARG H 439 -28.90 -59.71 -66.55
CA ARG H 439 -29.51 -61.02 -66.68
C ARG H 439 -28.79 -62.05 -65.81
N GLU H 440 -27.45 -62.11 -65.90
CA GLU H 440 -26.71 -63.06 -65.07
C GLU H 440 -26.88 -62.73 -63.59
N LYS H 441 -26.86 -61.44 -63.26
CA LYS H 441 -27.21 -61.04 -61.91
C LYS H 441 -28.69 -61.22 -61.63
N GLY H 442 -29.50 -61.49 -62.67
CA GLY H 442 -30.92 -61.49 -62.47
C GLY H 442 -31.51 -60.14 -62.20
N PHE H 443 -30.75 -59.07 -62.47
CA PHE H 443 -31.21 -57.71 -62.24
C PHE H 443 -32.29 -57.29 -63.22
N ASP H 444 -32.73 -56.05 -63.07
CA ASP H 444 -33.83 -55.51 -63.86
C ASP H 444 -33.36 -54.17 -64.43
N GLN H 445 -32.54 -53.47 -63.65
CA GLN H 445 -32.14 -52.10 -63.98
C GLN H 445 -30.79 -51.83 -63.34
N ALA H 446 -30.07 -50.84 -63.90
CA ALA H 446 -28.71 -50.58 -63.46
C ALA H 446 -28.43 -49.08 -63.44
N PRO H 447 -27.93 -48.54 -62.33
CA PRO H 447 -27.64 -47.11 -62.29
C PRO H 447 -26.52 -46.75 -63.26
N VAL H 448 -26.60 -45.54 -63.79
CA VAL H 448 -25.60 -45.01 -64.70
C VAL H 448 -24.98 -43.79 -64.05
N VAL H 449 -23.66 -43.84 -63.83
CA VAL H 449 -22.93 -42.75 -63.22
C VAL H 449 -21.64 -42.54 -64.00
N ASP H 450 -20.96 -41.43 -63.70
CA ASP H 450 -19.65 -41.19 -64.26
C ASP H 450 -18.60 -41.96 -63.46
N GLU H 451 -17.33 -41.72 -63.80
CA GLU H 451 -16.26 -42.31 -63.00
C GLU H 451 -16.17 -41.65 -61.63
N ALA H 452 -16.71 -40.45 -61.47
CA ALA H 452 -16.74 -39.77 -60.19
C ALA H 452 -17.92 -40.17 -59.32
N GLY H 453 -18.81 -41.02 -59.83
CA GLY H 453 -19.97 -41.43 -59.07
C GLY H 453 -21.14 -40.48 -59.14
N VAL H 454 -21.09 -39.48 -60.00
CA VAL H 454 -22.20 -38.55 -60.14
C VAL H 454 -23.39 -39.26 -60.74
N ILE H 455 -24.56 -39.10 -60.13
CA ILE H 455 -25.75 -39.83 -60.54
C ILE H 455 -26.32 -39.18 -61.78
N LEU H 456 -25.88 -39.65 -62.95
CA LEU H 456 -26.22 -38.99 -64.20
C LEU H 456 -27.21 -39.78 -65.05
N GLY H 457 -27.84 -40.81 -64.51
CA GLY H 457 -28.79 -41.51 -65.36
C GLY H 457 -29.27 -42.82 -64.74
N MET H 458 -29.73 -43.69 -65.62
CA MET H 458 -30.49 -44.88 -65.27
C MET H 458 -30.57 -45.73 -66.54
N VAL H 459 -30.94 -46.99 -66.37
CA VAL H 459 -31.33 -47.82 -67.51
C VAL H 459 -32.15 -48.99 -66.98
N THR H 460 -33.28 -49.23 -67.63
CA THR H 460 -34.23 -50.25 -67.20
C THR H 460 -34.66 -51.07 -68.40
N LEU H 461 -35.21 -52.25 -68.11
CA LEU H 461 -35.74 -53.09 -69.18
C LEU H 461 -36.84 -52.37 -69.95
N GLY H 462 -37.72 -51.66 -69.26
CA GLY H 462 -38.78 -50.93 -69.96
C GLY H 462 -38.22 -49.81 -70.82
N ASN H 463 -37.28 -49.05 -70.27
CA ASN H 463 -36.56 -48.06 -71.06
C ASN H 463 -35.83 -48.73 -72.20
N MET H 464 -35.17 -49.85 -71.93
CA MET H 464 -34.37 -50.51 -72.94
C MET H 464 -35.22 -51.18 -74.00
N LEU H 465 -36.24 -51.93 -73.58
CA LEU H 465 -37.07 -52.66 -74.55
C LEU H 465 -37.78 -51.67 -75.47
N SER H 466 -38.31 -50.59 -74.90
CA SER H 466 -38.88 -49.55 -75.74
C SER H 466 -37.83 -48.92 -76.63
N SER H 467 -36.60 -48.79 -76.12
CA SER H 467 -35.53 -48.21 -76.93
C SER H 467 -35.13 -49.14 -78.07
N LEU H 468 -34.91 -50.43 -77.77
CA LEU H 468 -34.50 -51.37 -78.81
C LEU H 468 -35.61 -51.54 -79.84
N LEU H 469 -36.84 -51.72 -79.37
CA LEU H 469 -37.95 -51.94 -80.29
C LEU H 469 -38.29 -50.69 -81.09
N ALA H 470 -38.00 -49.51 -80.55
CA ALA H 470 -38.10 -48.30 -81.37
C ALA H 470 -36.96 -48.20 -82.38
N GLY H 471 -35.95 -49.06 -82.27
CA GLY H 471 -34.82 -49.06 -83.17
C GLY H 471 -33.76 -48.04 -82.85
N LYS H 472 -33.90 -47.29 -81.75
CA LYS H 472 -32.91 -46.28 -81.41
C LYS H 472 -31.55 -46.91 -81.11
N VAL H 473 -31.53 -48.03 -80.41
CA VAL H 473 -30.30 -48.72 -80.05
C VAL H 473 -30.32 -50.12 -80.63
N GLN H 474 -29.28 -50.44 -81.39
CA GLN H 474 -28.98 -51.83 -81.69
C GLN H 474 -28.40 -52.49 -80.43
N PRO H 475 -28.40 -53.82 -80.37
CA PRO H 475 -27.77 -54.49 -79.22
C PRO H 475 -26.32 -54.10 -79.03
N SER H 476 -25.62 -53.76 -80.10
CA SER H 476 -24.24 -53.29 -80.00
C SER H 476 -24.14 -51.82 -79.66
N ASP H 477 -25.26 -51.08 -79.69
CA ASP H 477 -25.21 -49.66 -79.40
C ASP H 477 -25.06 -49.41 -77.91
N GLN H 478 -24.70 -48.17 -77.57
CA GLN H 478 -24.55 -47.81 -76.17
C GLN H 478 -25.90 -47.52 -75.53
N VAL H 479 -26.02 -47.91 -74.26
CA VAL H 479 -27.19 -47.50 -73.49
C VAL H 479 -27.13 -46.02 -73.18
N GLY H 480 -25.94 -45.43 -73.25
CA GLY H 480 -25.79 -44.00 -73.02
C GLY H 480 -26.53 -43.14 -74.01
N LYS H 481 -26.77 -43.65 -75.23
CA LYS H 481 -27.55 -42.89 -76.20
C LYS H 481 -29.01 -42.77 -75.76
N VAL H 482 -29.56 -43.80 -75.12
CA VAL H 482 -30.95 -43.79 -74.69
C VAL H 482 -30.97 -43.84 -73.17
N ILE H 483 -29.99 -43.20 -72.54
CA ILE H 483 -29.81 -43.29 -71.10
C ILE H 483 -31.10 -42.88 -70.39
N TYR H 484 -31.69 -43.83 -69.66
CA TYR H 484 -32.81 -43.52 -68.79
C TYR H 484 -32.35 -42.56 -67.71
N LYS H 485 -33.20 -41.58 -67.40
CA LYS H 485 -32.81 -40.63 -66.36
C LYS H 485 -33.96 -40.28 -65.43
N GLN H 486 -35.19 -40.62 -65.82
CA GLN H 486 -36.31 -40.34 -64.95
C GLN H 486 -36.44 -41.43 -63.90
N PHE H 487 -36.74 -41.02 -62.67
CA PHE H 487 -36.98 -41.97 -61.59
C PHE H 487 -37.56 -41.21 -60.40
N LYS H 488 -38.36 -41.91 -59.62
CA LYS H 488 -38.85 -41.37 -58.35
C LYS H 488 -37.79 -41.66 -57.28
N GLN H 489 -36.71 -40.91 -57.39
CA GLN H 489 -35.56 -41.10 -56.52
C GLN H 489 -35.90 -40.78 -55.07
N ILE H 490 -35.29 -41.55 -54.17
CA ILE H 490 -35.49 -41.37 -52.73
C ILE H 490 -34.11 -41.39 -52.07
N ARG H 491 -34.08 -41.04 -50.79
CA ARG H 491 -32.85 -40.99 -50.01
C ARG H 491 -32.95 -41.95 -48.83
N LEU H 492 -31.82 -42.55 -48.47
CA LEU H 492 -31.81 -43.68 -47.54
C LEU H 492 -32.25 -43.30 -46.13
N THR H 493 -32.37 -42.02 -45.83
CA THR H 493 -32.81 -41.60 -44.50
C THR H 493 -34.29 -41.78 -44.27
N ASP H 494 -35.05 -42.14 -45.30
CA ASP H 494 -36.50 -42.09 -45.27
C ASP H 494 -37.07 -43.41 -44.73
N THR H 495 -38.37 -43.63 -44.88
CA THR H 495 -39.01 -44.81 -44.32
C THR H 495 -39.41 -45.76 -45.44
N LEU H 496 -39.67 -47.01 -45.04
CA LEU H 496 -40.03 -48.04 -46.01
C LEU H 496 -41.34 -47.72 -46.72
N GLY H 497 -42.31 -47.16 -46.01
CA GLY H 497 -43.59 -46.85 -46.63
C GLY H 497 -43.46 -45.95 -47.84
N ARG H 498 -42.56 -44.98 -47.80
CA ARG H 498 -42.33 -44.15 -48.97
C ARG H 498 -41.66 -44.94 -50.07
N LEU H 499 -40.68 -45.78 -49.72
CA LEU H 499 -40.15 -46.75 -50.66
C LEU H 499 -41.26 -47.65 -51.17
N SER H 500 -42.08 -48.16 -50.24
CA SER H 500 -43.25 -48.92 -50.61
C SER H 500 -44.15 -48.09 -51.52
N HIS H 501 -44.38 -46.84 -51.15
CA HIS H 501 -45.19 -45.95 -51.98
C HIS H 501 -44.59 -45.81 -53.38
N ILE H 502 -43.28 -45.57 -53.45
CA ILE H 502 -42.65 -45.32 -54.74
C ILE H 502 -42.66 -46.60 -55.59
N LEU H 503 -42.36 -47.74 -54.98
CA LEU H 503 -42.32 -48.97 -55.77
C LEU H 503 -43.71 -49.43 -56.18
N GLU H 504 -44.78 -48.86 -55.62
CA GLU H 504 -46.11 -49.32 -55.97
C GLU H 504 -46.44 -49.12 -57.43
N MET H 505 -46.01 -48.01 -58.04
CA MET H 505 -46.31 -47.78 -59.44
C MET H 505 -45.09 -47.84 -60.36
N ASP H 506 -43.89 -47.51 -59.89
CA ASP H 506 -42.74 -47.69 -60.75
C ASP H 506 -42.32 -49.15 -60.80
N HIS H 507 -41.51 -49.47 -61.81
CA HIS H 507 -40.90 -50.78 -61.91
C HIS H 507 -39.59 -50.88 -61.12
N PHE H 508 -39.16 -49.80 -60.49
CA PHE H 508 -37.96 -49.84 -59.66
C PHE H 508 -37.99 -48.64 -58.73
N ALA H 509 -37.09 -48.67 -57.75
CA ALA H 509 -36.89 -47.53 -56.87
C ALA H 509 -35.41 -47.18 -56.83
N LEU H 510 -35.11 -45.90 -56.72
CA LEU H 510 -33.73 -45.43 -56.61
C LEU H 510 -33.53 -44.75 -55.27
N VAL H 511 -32.46 -45.14 -54.58
CA VAL H 511 -32.06 -44.52 -53.34
C VAL H 511 -30.67 -43.92 -53.54
N VAL H 512 -30.38 -42.85 -52.81
CA VAL H 512 -29.17 -42.07 -53.02
C VAL H 512 -28.49 -41.82 -51.69
N HIS H 513 -27.38 -41.08 -51.77
CA HIS H 513 -26.55 -40.79 -50.61
C HIS H 513 -25.82 -39.49 -50.88
N GLU H 514 -25.33 -38.86 -49.82
CA GLU H 514 -24.77 -37.52 -49.92
C GLU H 514 -23.34 -37.53 -49.41
N GLN H 515 -22.53 -36.61 -49.94
CA GLN H 515 -21.16 -36.40 -49.46
C GLN H 515 -20.84 -34.92 -49.63
N ILE H 516 -20.42 -34.27 -48.55
CA ILE H 516 -20.17 -32.82 -48.56
C ILE H 516 -18.66 -32.63 -48.66
N GLN H 517 -18.17 -32.55 -49.90
CA GLN H 517 -16.77 -32.24 -50.11
C GLN H 517 -16.52 -30.75 -49.86
N TYR H 518 -15.27 -30.42 -49.55
CA TYR H 518 -14.88 -29.04 -49.29
C TYR H 518 -13.61 -28.73 -50.08
N HIS H 519 -13.61 -27.57 -50.73
CA HIS H 519 -12.54 -27.20 -51.64
C HIS H 519 -11.36 -26.60 -50.90
N SER H 520 -10.38 -26.13 -51.67
CA SER H 520 -9.21 -25.49 -51.09
C SER H 520 -9.58 -24.20 -50.38
N THR H 521 -10.64 -23.53 -50.82
CA THR H 521 -11.08 -22.27 -50.25
C THR H 521 -12.11 -22.45 -49.14
N GLY H 522 -12.31 -23.67 -48.66
CA GLY H 522 -13.26 -23.91 -47.60
C GLY H 522 -14.71 -23.84 -48.01
N LYS H 523 -14.99 -23.77 -49.30
CA LYS H 523 -16.37 -23.72 -49.77
C LYS H 523 -17.00 -25.10 -49.71
N SER H 524 -18.21 -25.16 -49.17
CA SER H 524 -18.93 -26.42 -49.09
C SER H 524 -19.36 -26.90 -50.47
N SER H 525 -19.53 -28.21 -50.60
CA SER H 525 -20.02 -28.80 -51.84
C SER H 525 -20.70 -30.12 -51.51
N GLN H 526 -22.03 -30.12 -51.51
CA GLN H 526 -22.79 -31.33 -51.26
C GLN H 526 -22.87 -32.15 -52.54
N ARG H 527 -22.39 -33.39 -52.48
CA ARG H 527 -22.37 -34.27 -53.64
C ARG H 527 -23.35 -35.42 -53.45
N GLN H 528 -24.27 -35.56 -54.39
CA GLN H 528 -25.19 -36.69 -54.37
C GLN H 528 -24.46 -37.95 -54.82
N MET H 529 -24.74 -39.05 -54.13
CA MET H 529 -24.02 -40.29 -54.40
C MET H 529 -25.00 -41.45 -54.35
N VAL H 530 -24.71 -42.50 -55.12
CA VAL H 530 -25.59 -43.65 -55.21
C VAL H 530 -25.49 -44.48 -53.93
N PHE H 531 -26.63 -44.95 -53.43
CA PHE H 531 -26.61 -45.91 -52.35
C PHE H 531 -26.93 -47.32 -52.83
N GLY H 532 -27.88 -47.47 -53.75
CA GLY H 532 -28.18 -48.80 -54.24
C GLY H 532 -29.50 -48.83 -54.98
N VAL H 533 -29.76 -49.98 -55.59
CA VAL H 533 -31.02 -50.23 -56.25
C VAL H 533 -31.87 -51.16 -55.40
N VAL H 534 -33.14 -50.79 -55.21
CA VAL H 534 -34.02 -51.54 -54.33
C VAL H 534 -35.29 -51.90 -55.08
N THR H 535 -35.74 -53.14 -54.91
CA THR H 535 -37.05 -53.57 -55.34
C THR H 535 -37.76 -54.19 -54.15
N ALA H 536 -39.02 -54.55 -54.35
CA ALA H 536 -39.81 -55.16 -53.28
C ALA H 536 -39.18 -56.45 -52.78
N ILE H 537 -38.34 -57.09 -53.60
CA ILE H 537 -37.60 -58.25 -53.13
C ILE H 537 -36.79 -57.90 -51.89
N ASP H 538 -36.13 -56.74 -51.93
CA ASP H 538 -35.41 -56.27 -50.76
C ASP H 538 -36.35 -56.12 -49.57
N LEU H 539 -37.54 -55.58 -49.81
CA LEU H 539 -38.56 -55.57 -48.76
C LEU H 539 -38.95 -56.98 -48.38
N LEU H 540 -39.31 -57.80 -49.38
CA LEU H 540 -39.80 -59.14 -49.09
C LEU H 540 -38.75 -60.00 -48.44
N ASN H 541 -37.50 -59.90 -48.88
CA ASN H 541 -36.43 -60.66 -48.25
C ASN H 541 -36.25 -60.23 -46.80
N PHE H 542 -36.31 -58.92 -46.54
CA PHE H 542 -35.99 -58.43 -45.20
C PHE H 542 -37.21 -58.36 -44.30
N VAL H 543 -38.42 -58.34 -44.85
CA VAL H 543 -39.62 -58.29 -44.01
C VAL H 543 -39.74 -59.58 -43.20
N ALA H 544 -39.24 -60.69 -43.75
CA ALA H 544 -39.24 -61.94 -43.01
C ALA H 544 -38.20 -61.93 -41.89
N ALA H 545 -37.31 -60.93 -41.89
CA ALA H 545 -36.22 -60.88 -40.94
C ALA H 545 -36.53 -60.03 -39.71
N GLN H 546 -36.99 -58.78 -39.91
CA GLN H 546 -37.24 -57.89 -38.78
C GLN H 546 -38.46 -58.31 -37.98
N GLU H 547 -39.25 -59.26 -38.48
CA GLU H 547 -40.35 -59.80 -37.71
C GLU H 547 -39.82 -60.84 -36.72
N ARG H 548 -38.49 -60.93 -36.64
CA ARG H 548 -37.81 -61.71 -35.62
C ARG H 548 -36.98 -60.82 -34.70
N ASP H 549 -36.81 -59.54 -35.04
CA ASP H 549 -35.99 -58.63 -34.25
C ASP H 549 -36.84 -57.56 -33.59
N GLN H 550 -37.57 -56.79 -34.39
CA GLN H 550 -38.46 -55.77 -33.84
C GLN H 550 -39.92 -56.20 -33.79
N LYS H 551 -40.22 -57.43 -34.19
CA LYS H 551 -41.55 -57.99 -34.00
C LYS H 551 -41.45 -59.37 -33.38
N TRP I 408 32.01 65.96 37.10
CA TRP I 408 32.06 64.75 36.28
C TRP I 408 31.75 63.52 37.12
N TRP I 409 32.23 63.53 38.37
CA TRP I 409 32.06 62.39 39.25
C TRP I 409 30.60 62.13 39.58
N TRP I 410 29.76 63.15 39.54
CA TRP I 410 28.35 62.96 39.86
C TRP I 410 27.68 61.97 38.92
N HIS I 411 28.27 61.75 37.74
CA HIS I 411 27.75 60.75 36.81
C HIS I 411 27.99 59.33 37.30
N LEU I 412 28.94 59.13 38.22
CA LEU I 412 29.39 57.79 38.58
C LEU I 412 28.32 57.01 39.32
N ARG I 413 28.63 55.76 39.70
CA ARG I 413 27.65 54.80 40.16
C ARG I 413 28.02 54.27 41.53
N VAL I 414 27.03 53.77 42.27
CA VAL I 414 27.25 53.19 43.58
C VAL I 414 28.32 52.11 43.50
N GLN I 415 28.05 51.08 42.70
CA GLN I 415 28.94 49.93 42.61
C GLN I 415 30.34 50.32 42.16
N GLU I 416 30.43 51.22 41.17
CA GLU I 416 31.74 51.70 40.76
C GLU I 416 32.44 52.44 41.90
N LEU I 417 31.69 53.26 42.64
CA LEU I 417 32.27 53.92 43.81
C LEU I 417 32.68 52.91 44.87
N GLY I 418 31.82 51.95 45.17
CA GLY I 418 32.14 50.92 46.12
C GLY I 418 32.09 51.37 47.58
N LEU I 419 31.89 50.41 48.47
CA LEU I 419 31.86 50.64 49.90
C LEU I 419 33.23 50.43 50.50
N SER I 420 33.40 50.89 51.74
CA SER I 420 34.55 50.48 52.52
C SER I 420 34.28 49.13 53.16
N ALA I 421 33.29 49.07 54.04
CA ALA I 421 32.95 47.84 54.75
C ALA I 421 31.68 48.08 55.54
N PRO I 422 30.84 47.07 55.68
CA PRO I 422 29.61 47.24 56.46
C PRO I 422 29.78 46.84 57.92
N LEU I 423 29.30 47.67 58.83
CA LEU I 423 29.21 47.32 60.24
C LEU I 423 27.95 47.91 60.84
N THR I 424 27.12 47.05 61.42
CA THR I 424 25.91 47.44 62.12
C THR I 424 25.91 46.75 63.48
N VAL I 425 24.77 46.85 64.17
CA VAL I 425 24.66 46.31 65.52
C VAL I 425 23.21 46.04 65.83
N LEU I 426 22.99 45.14 66.80
CA LEU I 426 21.66 44.94 67.35
C LEU I 426 21.28 46.13 68.21
N PRO I 427 19.98 46.44 68.35
CA PRO I 427 19.58 47.57 69.21
C PRO I 427 19.90 47.35 70.68
N THR I 428 20.15 46.11 71.09
CA THR I 428 20.37 45.79 72.49
C THR I 428 21.73 46.23 73.00
N ILE I 429 22.60 46.75 72.13
CA ILE I 429 23.85 47.33 72.60
C ILE I 429 23.55 48.58 73.43
N THR I 430 24.36 48.79 74.47
CA THR I 430 24.23 49.99 75.28
C THR I 430 24.66 51.22 74.50
N CYS I 431 24.14 52.38 74.90
CA CYS I 431 24.48 53.63 74.24
C CYS I 431 25.97 53.92 74.32
N GLY I 432 26.57 53.69 75.49
CA GLY I 432 27.98 54.00 75.67
C GLY I 432 28.88 53.27 74.70
N HIS I 433 28.66 51.97 74.52
CA HIS I 433 29.46 51.21 73.57
C HIS I 433 29.23 51.61 72.13
N THR I 434 28.00 52.02 71.78
CA THR I 434 27.76 52.54 70.45
C THR I 434 28.68 53.70 70.15
N ILE I 435 28.84 54.62 71.11
CA ILE I 435 29.83 55.67 70.96
C ILE I 435 31.22 55.07 70.83
N GLU I 436 31.52 54.07 71.66
CA GLU I 436 32.85 53.47 71.66
C GLU I 436 33.22 52.96 70.26
N ILE I 437 32.35 52.15 69.67
CA ILE I 437 32.69 51.56 68.38
C ILE I 437 32.79 52.64 67.31
N LEU I 438 31.86 53.59 67.31
CA LEU I 438 31.94 54.66 66.33
C LEU I 438 33.16 55.54 66.56
N ARG I 439 33.50 55.84 67.82
CA ARG I 439 34.60 56.76 68.07
C ARG I 439 35.94 56.12 67.71
N GLU I 440 36.12 54.84 68.06
CA GLU I 440 37.35 54.17 67.66
C GLU I 440 37.45 54.08 66.15
N LYS I 441 36.32 53.80 65.48
CA LYS I 441 36.31 53.86 64.03
C LYS I 441 36.27 55.29 63.52
N GLY I 442 35.92 56.25 64.38
CA GLY I 442 35.69 57.59 63.92
C GLY I 442 34.36 57.70 63.23
N PHE I 443 33.54 56.66 63.33
CA PHE I 443 32.25 56.64 62.64
C PHE I 443 31.34 57.75 63.17
N ASP I 444 30.53 58.30 62.27
CA ASP I 444 29.53 59.29 62.65
C ASP I 444 28.16 58.68 62.94
N GLN I 445 27.98 57.40 62.64
CA GLN I 445 26.66 56.79 62.65
C GLN I 445 26.83 55.29 62.54
N ALA I 446 25.73 54.57 62.72
CA ALA I 446 25.76 53.12 62.60
C ALA I 446 24.36 52.59 62.28
N PRO I 447 24.27 51.62 61.39
CA PRO I 447 23.00 50.93 61.18
C PRO I 447 22.71 50.00 62.35
N VAL I 448 21.42 49.75 62.55
CA VAL I 448 20.95 48.84 63.59
C VAL I 448 19.98 47.86 62.97
N VAL I 449 20.32 46.57 63.03
CA VAL I 449 19.50 45.51 62.48
C VAL I 449 19.42 44.38 63.49
N ASP I 450 18.53 43.43 63.21
CA ASP I 450 18.47 42.22 64.00
C ASP I 450 19.57 41.26 63.57
N GLU I 451 19.64 40.11 64.24
CA GLU I 451 20.60 39.10 63.82
C GLU I 451 20.24 38.52 62.46
N ALA I 452 18.96 38.63 62.07
CA ALA I 452 18.57 38.26 60.71
C ALA I 452 18.98 39.32 59.69
N GLY I 453 19.44 40.48 60.13
CA GLY I 453 19.85 41.54 59.24
C GLY I 453 18.74 42.44 58.76
N VAL I 454 17.53 42.31 59.32
CA VAL I 454 16.42 43.16 58.90
C VAL I 454 16.68 44.59 59.34
N ILE I 455 16.48 45.53 58.42
CA ILE I 455 16.82 46.93 58.71
C ILE I 455 15.73 47.51 59.58
N LEU I 456 15.89 47.38 60.89
CA LEU I 456 14.90 47.89 61.83
C LEU I 456 15.25 49.27 62.36
N GLY I 457 16.41 49.81 62.01
CA GLY I 457 16.79 51.13 62.49
C GLY I 457 18.26 51.40 62.26
N MET I 458 18.74 52.46 62.92
CA MET I 458 20.13 52.87 62.87
C MET I 458 20.37 53.89 63.97
N VAL I 459 21.58 54.44 64.02
CA VAL I 459 21.93 55.42 65.04
C VAL I 459 22.96 56.37 64.46
N THR I 460 22.86 57.64 64.86
CA THR I 460 23.72 58.69 64.33
C THR I 460 24.22 59.56 65.47
N LEU I 461 25.16 60.45 65.12
CA LEU I 461 25.64 61.45 66.07
C LEU I 461 24.52 62.38 66.51
N GLY I 462 23.70 62.82 65.56
CA GLY I 462 22.57 63.68 65.91
C GLY I 462 21.58 62.98 66.81
N ASN I 463 21.42 61.67 66.63
CA ASN I 463 20.59 60.90 67.54
C ASN I 463 21.14 60.98 68.95
N MET I 464 22.46 60.85 69.11
CA MET I 464 23.05 60.79 70.44
C MET I 464 23.00 62.15 71.13
N LEU I 465 23.39 63.22 70.44
CA LEU I 465 23.46 64.53 71.08
C LEU I 465 22.09 64.94 71.59
N SER I 466 21.05 64.72 70.78
CA SER I 466 19.70 64.97 71.25
C SER I 466 19.33 64.02 72.39
N SER I 467 19.69 62.75 72.26
CA SER I 467 19.25 61.75 73.23
C SER I 467 19.87 62.00 74.59
N LEU I 468 21.18 62.17 74.65
CA LEU I 468 21.85 62.34 75.94
C LEU I 468 21.40 63.62 76.62
N LEU I 469 21.28 64.71 75.86
CA LEU I 469 20.92 65.99 76.44
C LEU I 469 19.43 66.13 76.70
N ALA I 470 18.60 65.28 76.11
CA ALA I 470 17.20 65.22 76.49
C ALA I 470 16.99 64.34 77.73
N GLY I 471 18.03 63.68 78.21
CA GLY I 471 17.91 62.78 79.34
C GLY I 471 17.30 61.44 79.02
N LYS I 472 17.00 61.17 77.75
CA LYS I 472 16.33 59.91 77.40
C LYS I 472 17.18 58.70 77.74
N VAL I 473 18.48 58.74 77.45
CA VAL I 473 19.37 57.61 77.66
C VAL I 473 20.64 58.07 78.35
N GLN I 474 21.07 57.30 79.33
CA GLN I 474 22.41 57.37 79.87
C GLN I 474 23.35 56.56 79.01
N PRO I 475 24.66 56.75 79.15
CA PRO I 475 25.61 55.87 78.44
C PRO I 475 25.41 54.40 78.78
N SER I 476 24.94 54.10 79.99
CA SER I 476 24.63 52.73 80.35
C SER I 476 23.33 52.23 79.71
N ASP I 477 22.50 53.14 79.21
CA ASP I 477 21.24 52.76 78.59
C ASP I 477 21.46 52.20 77.20
N GLN I 478 20.48 51.45 76.70
CA GLN I 478 20.58 50.89 75.36
C GLN I 478 20.15 51.90 74.31
N VAL I 479 20.71 51.76 73.10
CA VAL I 479 20.33 52.63 71.99
C VAL I 479 18.92 52.29 71.52
N GLY I 480 18.48 51.04 71.72
CA GLY I 480 17.13 50.67 71.34
C GLY I 480 16.07 51.50 72.03
N LYS I 481 16.42 52.12 73.16
CA LYS I 481 15.56 53.12 73.77
C LYS I 481 15.31 54.29 72.82
N VAL I 482 16.36 54.77 72.16
CA VAL I 482 16.27 55.95 71.31
C VAL I 482 16.81 55.63 69.91
N ILE I 483 16.64 54.38 69.49
CA ILE I 483 17.16 53.93 68.20
C ILE I 483 16.71 54.88 67.11
N TYR I 484 17.68 55.49 66.43
CA TYR I 484 17.35 56.43 65.37
C TYR I 484 16.68 55.69 64.22
N LYS I 485 15.65 56.31 63.67
CA LYS I 485 14.90 55.69 62.59
C LYS I 485 14.83 56.54 61.32
N GLN I 486 14.97 57.85 61.41
CA GLN I 486 14.98 58.67 60.21
C GLN I 486 16.21 58.34 59.38
N PHE I 487 15.98 58.06 58.10
CA PHE I 487 17.05 57.96 57.13
C PHE I 487 16.42 57.88 55.75
N LYS I 488 16.98 58.64 54.82
CA LYS I 488 16.54 58.56 53.43
C LYS I 488 17.30 57.42 52.74
N GLN I 489 16.64 56.27 52.74
CA GLN I 489 17.23 55.04 52.22
C GLN I 489 17.53 55.19 50.73
N ILE I 490 18.63 54.57 50.31
CA ILE I 490 19.10 54.64 48.93
C ILE I 490 19.46 53.23 48.48
N ARG I 491 19.54 53.05 47.17
CA ARG I 491 19.86 51.75 46.60
C ARG I 491 21.22 51.74 45.92
N LEU I 492 21.79 50.54 45.82
CA LEU I 492 23.09 50.35 45.21
C LEU I 492 23.00 50.26 43.70
N THR I 493 22.28 51.21 43.10
CA THR I 493 22.14 51.26 41.65
C THR I 493 22.15 52.70 41.17
N ASP I 494 22.43 53.63 42.08
CA ASP I 494 22.10 55.03 41.88
C ASP I 494 23.32 55.86 41.52
N THR I 495 23.08 56.89 40.72
CA THR I 495 24.16 57.75 40.24
C THR I 495 24.82 58.48 41.39
N LEU I 496 26.13 58.66 41.28
CA LEU I 496 26.90 59.29 42.36
C LEU I 496 26.40 60.69 42.66
N GLY I 497 25.93 61.41 41.64
CA GLY I 497 25.38 62.73 41.88
C GLY I 497 24.21 62.71 42.82
N ARG I 498 23.29 61.75 42.65
CA ARG I 498 22.20 61.63 43.60
C ARG I 498 22.71 61.26 44.98
N LEU I 499 23.58 60.25 45.05
CA LEU I 499 24.18 59.87 46.34
C LEU I 499 24.79 61.08 47.01
N SER I 500 25.62 61.82 46.28
CA SER I 500 26.20 63.04 46.82
C SER I 500 25.11 64.05 47.16
N HIS I 501 24.12 64.22 46.29
CA HIS I 501 23.01 65.10 46.61
C HIS I 501 22.24 64.60 47.82
N ILE I 502 21.82 63.33 47.78
CA ILE I 502 21.02 62.78 48.87
C ILE I 502 21.79 62.80 50.19
N LEU I 503 23.10 62.59 50.15
CA LEU I 503 23.88 62.74 51.38
C LEU I 503 24.02 64.20 51.81
N GLU I 504 23.84 65.14 50.87
CA GLU I 504 24.27 66.51 51.15
C GLU I 504 23.45 67.18 52.25
N MET I 505 22.12 67.14 52.15
CA MET I 505 21.33 67.78 53.20
C MET I 505 21.33 66.97 54.48
N ASP I 506 21.42 65.64 54.36
CA ASP I 506 21.52 64.82 55.57
C ASP I 506 22.93 64.88 56.13
N HIS I 507 23.15 64.12 57.21
CA HIS I 507 24.48 63.95 57.76
C HIS I 507 24.94 62.51 57.65
N PHE I 508 24.11 61.63 57.08
CA PHE I 508 24.51 60.27 56.76
C PHE I 508 23.47 59.70 55.80
N ALA I 509 23.81 58.59 55.16
CA ALA I 509 22.89 57.90 54.27
C ALA I 509 23.15 56.41 54.31
N LEU I 510 22.14 55.62 53.96
CA LEU I 510 22.23 54.18 53.97
C LEU I 510 21.83 53.60 52.63
N VAL I 511 22.58 52.62 52.17
CA VAL I 511 22.25 51.83 51.01
C VAL I 511 21.94 50.42 51.45
N VAL I 512 20.89 49.83 50.87
CA VAL I 512 20.47 48.49 51.25
C VAL I 512 20.58 47.58 50.04
N HIS I 513 20.56 46.29 50.31
CA HIS I 513 20.72 45.26 49.30
C HIS I 513 19.51 44.33 49.35
N GLU I 514 18.93 44.05 48.19
CA GLU I 514 17.74 43.23 48.14
C GLU I 514 18.08 41.77 48.42
N GLN I 515 17.09 41.02 48.89
CA GLN I 515 17.24 39.58 49.11
C GLN I 515 15.91 38.86 48.92
N ILE I 516 15.67 38.33 47.73
CA ILE I 516 14.39 37.71 47.44
C ILE I 516 14.48 36.19 47.62
N GLN I 517 14.01 35.71 48.76
CA GLN I 517 14.03 34.28 49.04
C GLN I 517 12.65 33.68 48.92
N TYR I 518 12.61 32.36 48.75
CA TYR I 518 11.38 31.63 48.51
C TYR I 518 11.21 30.55 49.56
N HIS I 519 9.95 30.26 49.89
CA HIS I 519 9.62 29.39 51.01
C HIS I 519 9.48 27.95 50.53
N SER I 520 8.95 27.10 51.41
CA SER I 520 8.70 25.70 51.06
C SER I 520 7.72 25.60 49.90
N THR I 521 6.67 26.42 49.92
CA THR I 521 5.69 26.45 48.86
C THR I 521 6.13 27.31 47.67
N GLY I 522 7.41 27.67 47.61
CA GLY I 522 7.91 28.45 46.50
C GLY I 522 7.30 29.83 46.37
N LYS I 523 6.71 30.35 47.43
CA LYS I 523 6.11 31.68 47.39
C LYS I 523 7.19 32.74 47.39
N SER I 524 7.07 33.70 46.48
CA SER I 524 8.07 34.74 46.33
C SER I 524 8.03 35.70 47.52
N SER I 525 9.22 36.06 48.00
CA SER I 525 9.34 37.00 49.10
C SER I 525 10.68 37.70 49.00
N GLN I 526 10.66 39.02 49.19
CA GLN I 526 11.84 39.85 49.08
C GLN I 526 12.19 40.42 50.44
N ARG I 527 13.31 40.00 50.99
CA ARG I 527 13.92 40.64 52.15
C ARG I 527 14.97 41.63 51.68
N GLN I 528 15.31 42.56 52.57
CA GLN I 528 16.28 43.59 52.27
C GLN I 528 17.48 43.46 53.20
N MET I 529 18.66 43.67 52.65
CA MET I 529 19.90 43.48 53.38
C MET I 529 20.67 44.78 53.37
N VAL I 530 21.41 45.04 54.45
CA VAL I 530 22.19 46.26 54.53
C VAL I 530 23.41 46.16 53.63
N PHE I 531 23.61 47.18 52.80
CA PHE I 531 24.83 47.20 52.00
C PHE I 531 25.97 47.90 52.73
N GLY I 532 25.71 49.05 53.32
CA GLY I 532 26.74 49.73 54.08
C GLY I 532 26.40 51.17 54.36
N VAL I 533 27.34 51.82 55.05
CA VAL I 533 27.23 53.24 55.34
C VAL I 533 28.21 54.02 54.49
N VAL I 534 27.72 55.14 53.93
CA VAL I 534 28.54 55.95 53.04
C VAL I 534 28.52 57.40 53.49
N THR I 535 29.70 58.02 53.50
CA THR I 535 29.82 59.46 53.65
C THR I 535 30.61 60.00 52.48
N ALA I 536 30.80 61.32 52.46
CA ALA I 536 31.51 61.96 51.37
C ALA I 536 32.93 61.46 51.24
N ILE I 537 33.51 60.94 52.33
CA ILE I 537 34.84 60.37 52.25
C ILE I 537 34.88 59.26 51.20
N ASP I 538 33.83 58.45 51.16
CA ASP I 538 33.72 57.44 50.11
C ASP I 538 33.74 58.10 48.75
N LEU I 539 33.01 59.20 48.58
CA LEU I 539 33.10 59.99 47.36
C LEU I 539 34.48 60.63 47.23
N LEU I 540 34.93 61.32 48.27
CA LEU I 540 36.12 62.13 48.15
C LEU I 540 37.37 61.29 47.91
N ASN I 541 37.47 60.14 48.57
CA ASN I 541 38.61 59.26 48.32
C ASN I 541 38.54 58.68 46.92
N PHE I 542 37.36 58.21 46.51
CA PHE I 542 37.26 57.47 45.26
C PHE I 542 37.28 58.40 44.05
N VAL I 543 36.87 59.66 44.22
CA VAL I 543 36.84 60.57 43.08
C VAL I 543 38.26 60.81 42.57
N ALA I 544 39.24 60.84 43.48
CA ALA I 544 40.63 60.96 43.06
C ALA I 544 41.08 59.73 42.29
N ALA I 545 40.40 58.59 42.46
CA ALA I 545 40.81 57.36 41.80
C ALA I 545 40.19 57.23 40.41
N GLN I 546 38.88 57.43 40.29
CA GLN I 546 38.22 57.24 38.99
C GLN I 546 38.61 58.32 37.98
N GLU I 547 39.22 59.41 38.44
CA GLU I 547 39.84 60.34 37.51
C GLU I 547 41.07 59.74 36.84
N ARG I 548 41.55 58.60 37.34
CA ARG I 548 42.60 57.83 36.68
C ARG I 548 42.04 56.64 35.92
N ASP I 549 40.75 56.33 36.09
CA ASP I 549 40.13 55.19 35.43
C ASP I 549 39.15 55.65 34.36
N GLN I 550 38.16 56.46 34.76
CA GLN I 550 37.24 57.03 33.79
C GLN I 550 37.81 58.25 33.10
N LYS I 551 38.86 58.86 33.65
CA LYS I 551 39.48 60.02 33.05
C LYS I 551 41.00 59.84 32.99
N TRP J 408 23.72 65.74 85.80
CA TRP J 408 24.80 65.95 86.76
C TRP J 408 26.09 66.34 86.06
N TRP J 409 26.29 65.79 84.86
CA TRP J 409 27.54 66.01 84.14
C TRP J 409 27.74 67.46 83.75
N TRP J 410 26.67 68.25 83.75
CA TRP J 410 26.79 69.67 83.39
C TRP J 410 27.74 70.41 84.31
N HIS J 411 27.97 69.90 85.52
CA HIS J 411 28.96 70.49 86.41
C HIS J 411 30.38 70.36 85.87
N LEU J 412 30.62 69.35 85.03
CA LEU J 412 31.97 69.01 84.62
C LEU J 412 32.58 70.13 83.78
N ARG J 413 33.89 70.02 83.54
CA ARG J 413 34.65 71.11 82.94
C ARG J 413 35.53 70.54 81.84
N VAL J 414 36.05 71.45 81.00
CA VAL J 414 37.00 71.08 79.97
C VAL J 414 38.27 70.53 80.59
N GLN J 415 38.69 71.04 81.75
CA GLN J 415 39.87 70.52 82.41
C GLN J 415 39.76 69.02 82.66
N GLU J 416 38.55 68.54 82.93
CA GLU J 416 38.30 67.10 83.00
C GLU J 416 37.97 66.49 81.65
N LEU J 417 37.63 67.30 80.65
CA LEU J 417 37.21 66.76 79.36
C LEU J 417 38.29 65.93 78.69
N GLY J 418 39.55 66.35 78.79
CA GLY J 418 40.60 65.64 78.10
C GLY J 418 40.52 65.72 76.59
N LEU J 419 40.27 66.92 76.06
CA LEU J 419 40.30 67.15 74.62
C LEU J 419 41.75 67.08 74.13
N SER J 420 42.06 65.99 73.43
CA SER J 420 43.37 65.85 72.82
C SER J 420 43.31 66.16 71.34
N ALA J 421 43.04 67.41 70.98
CA ALA J 421 42.85 67.82 69.58
C ALA J 421 43.73 69.02 69.24
N PRO J 422 45.04 68.83 69.14
CA PRO J 422 45.90 69.96 68.76
C PRO J 422 46.22 70.04 67.27
N LEU J 423 45.86 69.02 66.48
CA LEU J 423 46.26 69.01 65.08
C LEU J 423 45.46 70.03 64.28
N THR J 424 46.16 70.72 63.37
CA THR J 424 45.57 71.77 62.56
C THR J 424 46.32 71.84 61.24
N VAL J 425 45.80 72.66 60.33
CA VAL J 425 46.35 72.78 58.99
C VAL J 425 46.52 74.25 58.63
N LEU J 426 47.32 74.49 57.60
CA LEU J 426 47.44 75.80 57.00
C LEU J 426 46.42 75.96 55.89
N PRO J 427 46.00 77.20 55.58
CA PRO J 427 44.99 77.40 54.54
C PRO J 427 45.43 76.93 53.16
N THR J 428 46.73 76.88 52.89
CA THR J 428 47.22 76.49 51.58
C THR J 428 47.04 75.00 51.30
N ILE J 429 46.86 74.19 52.34
CA ILE J 429 46.78 72.75 52.16
C ILE J 429 45.56 72.41 51.33
N THR J 430 45.71 71.42 50.45
CA THR J 430 44.64 71.03 49.54
C THR J 430 43.46 70.45 50.33
N CYS J 431 42.24 70.73 49.85
CA CYS J 431 41.04 70.22 50.48
C CYS J 431 41.09 68.71 50.65
N GLY J 432 41.35 67.99 49.55
CA GLY J 432 41.42 66.54 49.62
C GLY J 432 42.53 66.07 50.54
N HIS J 433 43.67 66.77 50.53
CA HIS J 433 44.75 66.45 51.45
C HIS J 433 44.28 66.56 52.89
N THR J 434 43.59 67.65 53.22
CA THR J 434 42.95 67.77 54.52
C THR J 434 41.86 66.71 54.68
N ILE J 435 41.09 66.47 53.62
CA ILE J 435 40.04 65.47 53.67
C ILE J 435 40.62 64.11 54.02
N GLU J 436 41.72 63.74 53.36
CA GLU J 436 42.33 62.43 53.62
C GLU J 436 42.80 62.33 55.06
N ILE J 437 43.51 63.36 55.54
CA ILE J 437 44.04 63.28 56.90
C ILE J 437 42.92 63.14 57.91
N LEU J 438 41.91 64.00 57.81
CA LEU J 438 40.80 63.94 58.74
C LEU J 438 40.07 62.61 58.67
N ARG J 439 40.08 61.99 57.49
CA ARG J 439 39.24 60.80 57.33
C ARG J 439 39.88 59.58 57.95
N GLU J 440 41.18 59.38 57.78
CA GLU J 440 41.77 58.14 58.25
C GLU J 440 42.02 58.19 59.75
N LYS J 441 42.35 59.36 60.30
CA LYS J 441 42.14 59.51 61.73
C LYS J 441 40.67 59.46 62.10
N GLY J 442 39.78 59.73 61.15
CA GLY J 442 38.37 59.63 61.45
C GLY J 442 37.71 60.93 61.86
N PHE J 443 38.37 62.07 61.71
CA PHE J 443 37.65 63.29 62.02
C PHE J 443 36.78 63.73 60.85
N ASP J 444 36.11 64.86 61.06
CA ASP J 444 35.33 65.57 60.06
C ASP J 444 35.76 67.02 59.91
N GLN J 445 36.03 67.72 61.00
CA GLN J 445 36.33 69.15 60.97
C GLN J 445 37.78 69.37 61.37
N ALA J 446 38.43 70.33 60.71
CA ALA J 446 39.85 70.57 60.87
C ALA J 446 40.11 72.04 61.14
N PRO J 447 40.94 72.38 62.13
CA PRO J 447 41.27 73.79 62.36
C PRO J 447 42.32 74.29 61.39
N VAL J 448 42.17 75.55 61.02
CA VAL J 448 43.14 76.25 60.18
C VAL J 448 43.66 77.44 60.97
N VAL J 449 44.97 77.47 61.19
CA VAL J 449 45.60 78.53 61.97
C VAL J 449 46.86 78.98 61.26
N ASP J 450 47.47 80.04 61.79
CA ASP J 450 48.74 80.50 61.25
C ASP J 450 49.87 79.59 61.71
N GLU J 451 51.10 80.02 61.41
CA GLU J 451 52.27 79.27 61.83
C GLU J 451 52.52 79.37 63.33
N ALA J 452 51.97 80.39 63.99
CA ALA J 452 52.11 80.54 65.44
C ALA J 452 50.92 79.98 66.21
N GLY J 453 49.96 79.36 65.52
CA GLY J 453 48.79 78.80 66.18
C GLY J 453 47.66 79.77 66.39
N VAL J 454 47.73 80.98 65.82
CA VAL J 454 46.66 81.96 66.00
C VAL J 454 45.46 81.59 65.14
N ILE J 455 44.26 81.72 65.73
CA ILE J 455 43.06 81.27 65.07
C ILE J 455 42.80 82.08 63.81
N LEU J 456 42.66 81.39 62.68
CA LEU J 456 42.25 82.05 61.45
C LEU J 456 41.20 81.27 60.65
N GLY J 457 41.03 79.98 60.87
CA GLY J 457 40.19 79.24 59.98
C GLY J 457 39.59 78.00 60.64
N MET J 458 38.70 77.38 59.88
CA MET J 458 37.91 76.22 60.30
C MET J 458 37.22 75.65 59.07
N VAL J 459 37.17 74.33 58.99
CA VAL J 459 36.52 73.65 57.88
C VAL J 459 35.85 72.38 58.41
N THR J 460 34.82 71.94 57.69
CA THR J 460 34.15 70.68 57.95
C THR J 460 33.95 69.97 56.61
N LEU J 461 33.44 68.74 56.67
CA LEU J 461 33.07 68.07 55.43
C LEU J 461 31.72 68.55 54.92
N GLY J 462 30.81 68.88 55.82
CA GLY J 462 29.44 69.20 55.42
C GLY J 462 29.37 70.34 54.43
N ASN J 463 30.07 71.44 54.72
CA ASN J 463 30.16 72.51 53.73
C ASN J 463 31.09 72.13 52.59
N MET J 464 32.18 71.44 52.91
CA MET J 464 33.20 71.12 51.91
C MET J 464 32.62 70.21 50.84
N LEU J 465 31.84 69.19 51.24
CA LEU J 465 31.10 68.41 50.27
C LEU J 465 30.08 69.30 49.56
N SER J 466 29.39 70.15 50.31
CA SER J 466 28.40 71.02 49.70
C SER J 466 29.05 72.01 48.75
N SER J 467 30.19 72.59 49.16
CA SER J 467 30.92 73.48 48.28
C SER J 467 31.43 72.75 47.05
N LEU J 468 31.96 71.54 47.25
CA LEU J 468 32.39 70.74 46.10
C LEU J 468 31.22 70.42 45.19
N LEU J 469 30.08 70.05 45.79
CA LEU J 469 28.90 69.82 44.98
C LEU J 469 28.36 71.11 44.37
N ALA J 470 28.54 72.23 45.06
CA ALA J 470 28.16 73.52 44.49
C ALA J 470 29.01 73.90 43.29
N GLY J 471 30.15 73.22 43.08
CA GLY J 471 31.01 73.53 41.97
C GLY J 471 31.97 74.67 42.20
N LYS J 472 31.94 75.29 43.39
CA LYS J 472 32.86 76.39 43.69
C LYS J 472 34.32 75.94 43.69
N VAL J 473 34.62 74.77 44.26
CA VAL J 473 35.98 74.29 44.39
C VAL J 473 36.05 72.83 43.95
N GLN J 474 37.23 72.44 43.53
CA GLN J 474 37.57 71.04 43.33
C GLN J 474 38.19 70.47 44.60
N PRO J 475 38.22 69.15 44.75
CA PRO J 475 38.93 68.58 45.91
C PRO J 475 40.40 68.94 45.93
N SER J 476 40.98 69.27 44.78
CA SER J 476 42.38 69.69 44.71
C SER J 476 42.59 71.12 45.18
N ASP J 477 41.51 71.88 45.39
CA ASP J 477 41.65 73.26 45.84
C ASP J 477 42.22 73.31 47.25
N GLN J 478 42.79 74.47 47.59
CA GLN J 478 43.33 74.68 48.92
C GLN J 478 42.21 74.71 49.95
N VAL J 479 42.54 74.37 51.19
CA VAL J 479 41.53 74.30 52.23
C VAL J 479 41.16 75.70 52.72
N GLY J 480 42.01 76.69 52.47
CA GLY J 480 41.75 78.03 52.97
C GLY J 480 40.56 78.71 52.32
N LYS J 481 40.16 78.25 51.14
CA LYS J 481 39.04 78.85 50.42
C LYS J 481 37.71 78.17 50.71
N VAL J 482 37.69 77.17 51.58
CA VAL J 482 36.45 76.46 51.93
C VAL J 482 36.18 76.63 53.42
N ILE J 483 36.60 77.77 53.97
CA ILE J 483 36.53 77.98 55.41
C ILE J 483 35.10 77.90 55.92
N TYR J 484 34.96 77.36 57.13
CA TYR J 484 33.71 77.38 57.89
C TYR J 484 33.98 78.05 59.23
N LYS J 485 33.94 79.37 59.26
CA LYS J 485 34.19 80.08 60.50
C LYS J 485 32.90 80.60 61.14
N GLN J 486 31.74 80.22 60.61
CA GLN J 486 30.45 80.61 61.15
C GLN J 486 30.03 79.66 62.26
N PHE J 487 31.00 79.00 62.88
CA PHE J 487 30.76 78.03 63.92
C PHE J 487 30.26 78.72 65.19
N LYS J 488 30.06 77.90 66.22
CA LYS J 488 29.90 78.41 67.57
C LYS J 488 31.20 78.22 68.34
N GLN J 489 31.69 79.30 68.92
CA GLN J 489 32.98 79.28 69.60
C GLN J 489 32.74 79.41 71.09
N ILE J 490 33.50 78.63 71.86
CA ILE J 490 33.32 78.54 73.31
C ILE J 490 34.70 78.64 73.95
N ARG J 491 34.70 78.78 75.29
CA ARG J 491 35.92 78.87 76.07
C ARG J 491 35.94 77.74 77.09
N LEU J 492 37.13 77.18 77.33
CA LEU J 492 37.26 75.99 78.17
C LEU J 492 36.75 76.21 79.59
N THR J 493 36.70 77.46 80.06
CA THR J 493 36.23 77.70 81.42
C THR J 493 34.75 77.41 81.58
N ASP J 494 34.03 77.21 80.48
CA ASP J 494 32.58 77.06 80.53
C ASP J 494 32.20 75.64 80.92
N THR J 495 31.08 75.50 81.61
CA THR J 495 30.66 74.22 82.15
C THR J 495 30.26 73.27 81.04
N LEU J 496 30.20 71.98 81.39
CA LEU J 496 29.82 70.97 80.40
C LEU J 496 28.40 71.19 79.90
N GLY J 497 27.49 71.64 80.77
CA GLY J 497 26.14 71.90 80.33
C GLY J 497 26.08 72.94 79.22
N ARG J 498 26.78 74.06 79.41
CA ARG J 498 26.85 75.06 78.36
C ARG J 498 27.61 74.54 77.15
N LEU J 499 28.71 73.82 77.39
CA LEU J 499 29.40 73.14 76.30
C LEU J 499 28.44 72.23 75.54
N SER J 500 27.74 71.37 76.27
CA SER J 500 26.76 70.48 75.65
C SER J 500 25.63 71.27 75.00
N HIS J 501 25.17 72.33 75.67
CA HIS J 501 24.12 73.15 75.10
C HIS J 501 24.53 73.73 73.76
N ILE J 502 25.75 74.27 73.69
CA ILE J 502 26.17 75.00 72.51
C ILE J 502 26.51 74.06 71.35
N LEU J 503 26.90 72.81 71.62
CA LEU J 503 27.27 71.93 70.51
C LEU J 503 26.04 71.24 69.93
N GLU J 504 24.90 71.35 70.61
CA GLU J 504 23.72 70.58 70.22
C GLU J 504 23.30 70.89 68.79
N MET J 505 23.16 72.17 68.47
CA MET J 505 22.64 72.58 67.17
C MET J 505 23.68 72.56 66.07
N ASP J 506 24.79 71.87 66.25
CA ASP J 506 25.77 71.70 65.18
C ASP J 506 26.49 70.38 65.39
N HIS J 507 27.60 70.22 64.68
CA HIS J 507 28.38 69.00 64.77
C HIS J 507 29.73 69.22 65.44
N PHE J 508 30.07 70.47 65.77
CA PHE J 508 31.34 70.77 66.40
C PHE J 508 31.31 72.18 66.96
N ALA J 509 32.24 72.47 67.85
CA ALA J 509 32.35 73.77 68.48
C ALA J 509 33.82 74.10 68.73
N LEU J 510 34.12 75.38 68.85
CA LEU J 510 35.50 75.82 69.01
C LEU J 510 35.78 76.23 70.45
N VAL J 511 36.93 75.77 70.95
CA VAL J 511 37.45 76.20 72.24
C VAL J 511 38.83 76.83 72.00
N VAL J 512 39.10 77.94 72.67
CA VAL J 512 40.25 78.78 72.35
C VAL J 512 41.14 78.93 73.57
N HIS J 513 42.41 79.25 73.31
CA HIS J 513 43.46 79.28 74.32
C HIS J 513 43.92 80.72 74.53
N GLU J 514 43.98 81.14 75.80
CA GLU J 514 44.24 82.53 76.14
C GLU J 514 45.23 82.68 77.29
N GLN J 515 46.39 82.00 77.22
CA GLN J 515 47.35 82.05 78.32
C GLN J 515 47.74 83.48 78.64
N ILE J 516 48.14 83.71 79.88
CA ILE J 516 48.16 85.05 80.46
C ILE J 516 49.57 85.48 80.88
N GLN J 517 50.58 85.02 80.14
CA GLN J 517 51.96 85.42 80.38
C GLN J 517 52.45 86.20 79.16
N TYR J 518 53.43 87.07 79.36
CA TYR J 518 53.91 87.95 78.30
C TYR J 518 55.45 87.98 78.32
N HIS J 519 56.00 88.79 77.42
CA HIS J 519 57.43 88.82 77.17
C HIS J 519 57.91 90.27 77.09
N SER J 520 59.16 90.43 76.62
CA SER J 520 59.85 91.72 76.66
C SER J 520 59.32 92.73 75.64
N THR J 521 58.21 92.44 74.97
CA THR J 521 57.67 93.40 74.00
C THR J 521 57.22 94.70 74.65
N GLY J 522 57.03 94.71 75.96
CA GLY J 522 56.67 95.92 76.67
C GLY J 522 55.20 96.25 76.72
N LYS J 523 54.33 95.39 76.19
CA LYS J 523 52.90 95.61 76.23
C LYS J 523 52.16 94.28 76.25
N SER J 524 51.17 94.18 77.14
CA SER J 524 50.31 93.00 77.17
C SER J 524 49.35 93.01 75.99
N SER J 525 49.02 91.83 75.51
CA SER J 525 48.14 91.68 74.36
C SER J 525 47.51 90.29 74.42
N GLN J 526 46.90 89.87 73.31
CA GLN J 526 46.32 88.54 73.20
C GLN J 526 46.68 87.91 71.87
N ARG J 527 47.26 86.71 71.94
CA ARG J 527 47.47 85.86 70.77
C ARG J 527 46.70 84.57 71.02
N GLN J 528 45.41 84.60 70.70
CA GLN J 528 44.51 83.50 71.01
C GLN J 528 44.78 82.29 70.13
N MET J 529 45.25 81.21 70.73
CA MET J 529 45.43 79.97 70.01
C MET J 529 44.20 79.08 70.19
N VAL J 530 44.06 78.11 69.29
CA VAL J 530 42.96 77.15 69.40
C VAL J 530 43.26 76.18 70.53
N PHE J 531 42.31 76.05 71.46
CA PHE J 531 42.47 75.03 72.48
C PHE J 531 42.22 73.64 71.91
N GLY J 532 41.32 73.53 70.94
CA GLY J 532 41.10 72.26 70.29
C GLY J 532 39.78 72.24 69.56
N VAL J 533 39.34 71.03 69.22
CA VAL J 533 38.12 70.80 68.43
C VAL J 533 37.35 69.68 69.12
N VAL J 534 36.31 70.05 69.84
CA VAL J 534 35.51 69.11 70.60
C VAL J 534 34.30 68.69 69.77
N THR J 535 33.86 67.45 69.96
CA THR J 535 32.62 66.97 69.38
C THR J 535 31.73 66.45 70.50
N ALA J 536 30.47 66.19 70.15
CA ALA J 536 29.58 65.52 71.09
C ALA J 536 30.16 64.17 71.49
N ILE J 537 30.88 63.52 70.58
CA ILE J 537 31.51 62.25 70.90
C ILE J 537 32.51 62.44 72.03
N ASP J 538 33.28 63.52 72.00
CA ASP J 538 34.14 63.85 73.12
C ASP J 538 33.32 63.90 74.41
N LEU J 539 32.24 64.69 74.38
CA LEU J 539 31.33 64.72 75.52
C LEU J 539 30.78 63.34 75.82
N LEU J 540 30.34 62.63 74.79
CA LEU J 540 29.83 61.29 74.98
C LEU J 540 30.91 60.38 75.57
N ASN J 541 32.12 60.47 75.05
CA ASN J 541 33.24 59.77 75.67
C ASN J 541 33.52 60.33 77.06
N PHE J 542 33.46 61.65 77.19
CA PHE J 542 33.75 62.27 78.49
C PHE J 542 32.70 61.90 79.52
N VAL J 543 31.42 61.95 79.15
CA VAL J 543 30.38 61.61 80.10
C VAL J 543 30.42 60.12 80.41
N ALA J 544 30.77 59.29 79.43
CA ALA J 544 30.91 57.86 79.69
C ALA J 544 32.03 57.59 80.67
N ALA J 545 33.15 58.31 80.53
CA ALA J 545 34.27 58.12 81.44
C ALA J 545 33.96 58.64 82.83
N GLN J 546 33.36 59.82 82.93
CA GLN J 546 33.14 60.44 84.24
C GLN J 546 32.11 59.68 85.05
N GLU J 547 31.18 58.98 84.40
CA GLU J 547 30.26 58.13 85.15
C GLU J 547 31.00 57.03 85.89
N ARG J 548 32.14 56.58 85.35
CA ARG J 548 33.00 55.64 86.04
C ARG J 548 33.79 56.29 87.18
N ASP J 549 34.21 57.54 86.98
CA ASP J 549 34.99 58.24 88.00
C ASP J 549 34.15 58.57 89.22
N GLN J 550 32.97 59.16 89.02
CA GLN J 550 32.13 59.55 90.14
C GLN J 550 31.55 58.35 90.88
N LYS J 551 31.46 57.20 90.21
CA LYS J 551 30.90 56.00 90.83
C LYS J 551 31.69 54.76 90.42
#